data_8UZE
#
_entry.id   8UZE
#
_cell.length_a   80.142
_cell.length_b   118.211
_cell.length_c   107.860
_cell.angle_alpha   90.00
_cell.angle_beta   96.14
_cell.angle_gamma   90.00
#
_symmetry.space_group_name_H-M   'P 1 21 1'
#
loop_
_entity.id
_entity.type
_entity.pdbx_description
1 polymer 'Angiotensin-converting enzyme 2'
2 polymer 'Receptor binding domain'
3 branched beta-D-mannopyranose-(1-4)-2-acetamido-2-deoxy-beta-D-glucopyranose-(1-4)-2-acetamido-2-deoxy-beta-D-glucopyranose
4 branched 2-acetamido-2-deoxy-beta-D-glucopyranose-(1-4)-2-acetamido-2-deoxy-beta-D-glucopyranose
5 non-polymer 'ZINC ION'
6 non-polymer 'CHLORIDE ION'
7 non-polymer 1,2-ETHANEDIOL
8 non-polymer 2-acetamido-2-deoxy-beta-D-glucopyranose
9 non-polymer 'SODIUM ION'
10 water water
#
loop_
_entity_poly.entity_id
_entity_poly.type
_entity_poly.pdbx_seq_one_letter_code
_entity_poly.pdbx_strand_id
1 'polypeptide(L)'
;SLTEENAKTFLNNFNQEAEDLSYQSSLASWNYNTNITEENVQNMNNAGDKWSAFLKEQSKTAQSFSLQEIQTPIIKRQLQ
ALQQNGSSVLSEDKSKRLNTILNTMSTIYSTGKVCNPDNPQECLLLEPGLNEIMANSLDYNERLWAWESWRSEVGKQLRP
LYEEYVVLKNEMARANHYEDYGDYWRGDYEVNGVDGYDYSRGQLIEDVEHTFEEIKPLYEHLHAYVRAKLMNAYPSYISP
IGCLPAHLLGDMWGRFWTNLYSLTVPFGQKPNIDVTDAMVDQAWDAQRIFKEAEKFFVSVGLPHMTQGFWANSMLTEPAD
GRKVVCHPTAWDLGHGDFRIKMCTKVTMDDFLTAHHEMGHIQYDMAYAAQPFLLRNGANEGFHEAVGEIMSLSAATPKHL
KSIGLLSPDFQEDNETEINFLLKQALTIVGTLPFTYMLEKWRWMVFKGEIPKDQWMKKWWEMKREIVGVVEPVPHDETYC
DPASLFHVSNDYSFIRYYTRTLYQFQFQEALCQAAKHEGPLHKCDISNSTEAGQKLFNMLRLGKSEPWTLALENVVGAKN
MNVRPLLNYFEPLFTWLKDQNKNSFVGWSTDWSPYAD
;
A,B
2 'polypeptide(L)'
;RVVPSGDVVRFPNITNLCPFGEVFNATKFPSVYAWERKKISNCVADYSVLYNSTFFSTFKCYGVSATKLNDLCFSNVYAD
SFVVKGDDVRQIAPGQTGVIADYNYKLPDDFMGCVLAWNTRNIDATSTGNYNYKYRLFRKSNLKPFERDISTEIYQAGST
PCNGVEGFNCYFPLKSYGFHPTNGVGYQPYRVVVLSFELLNAPATVCGPKLSTDLIK
;
E,F
#
loop_
_chem_comp.id
_chem_comp.type
_chem_comp.name
_chem_comp.formula
BMA D-saccharide, beta linking beta-D-mannopyranose 'C6 H12 O6'
CL non-polymer 'CHLORIDE ION' 'Cl -1'
EDO non-polymer 1,2-ETHANEDIOL 'C2 H6 O2'
NA non-polymer 'SODIUM ION' 'Na 1'
NAG D-saccharide, beta linking 2-acetamido-2-deoxy-beta-D-glucopyranose 'C8 H15 N O6'
ZN non-polymer 'ZINC ION' 'Zn 2'
#
# COMPACT_ATOMS: atom_id res chain seq x y z
N THR A 3 -0.45 20.60 -46.57
CA THR A 3 -1.21 21.73 -46.05
C THR A 3 -1.06 21.84 -44.52
N GLU A 4 0.05 21.33 -43.99
CA GLU A 4 0.27 21.40 -42.55
C GLU A 4 0.87 22.74 -42.14
N GLU A 5 1.87 23.22 -42.88
CA GLU A 5 2.44 24.53 -42.59
C GLU A 5 1.46 25.65 -42.94
N ASN A 6 0.61 25.43 -43.94
CA ASN A 6 -0.46 26.37 -44.23
C ASN A 6 -1.47 26.44 -43.09
N ALA A 7 -1.53 25.41 -42.25
CA ALA A 7 -2.42 25.39 -41.09
C ALA A 7 -1.77 25.98 -39.84
N LYS A 8 -0.45 25.84 -39.69
CA LYS A 8 0.23 26.40 -38.54
C LYS A 8 0.15 27.92 -38.55
N THR A 9 0.41 28.53 -39.70
CA THR A 9 0.27 29.99 -39.81
C THR A 9 -1.17 30.44 -39.62
N PHE A 10 -2.13 29.61 -40.05
CA PHE A 10 -3.53 29.93 -39.82
C PHE A 10 -3.87 29.91 -38.33
N LEU A 11 -3.37 28.91 -37.60
CA LEU A 11 -3.64 28.84 -36.18
C LEU A 11 -2.96 29.96 -35.42
N ASN A 12 -1.87 30.51 -35.95
CA ASN A 12 -1.21 31.62 -35.26
C ASN A 12 -1.91 32.95 -35.51
N ASN A 13 -2.51 33.14 -36.69
CA ASN A 13 -3.35 34.30 -36.90
C ASN A 13 -4.59 34.27 -36.00
N PHE A 14 -4.99 33.09 -35.54
CA PHE A 14 -6.13 32.97 -34.64
C PHE A 14 -5.72 33.26 -33.20
N ASN A 15 -4.64 32.63 -32.73
CA ASN A 15 -4.25 32.77 -31.34
C ASN A 15 -3.95 34.21 -30.96
N GLN A 16 -3.34 34.97 -31.88
CA GLN A 16 -2.99 36.35 -31.61
C GLN A 16 -4.13 37.32 -31.94
N GLU A 17 -5.24 36.83 -32.48
CA GLU A 17 -6.42 37.65 -32.68
C GLU A 17 -7.58 37.27 -31.78
N ALA A 18 -7.69 35.99 -31.42
CA ALA A 18 -8.76 35.56 -30.52
C ALA A 18 -8.48 35.96 -29.08
N GLU A 19 -7.21 35.96 -28.69
CA GLU A 19 -6.86 36.30 -27.31
C GLU A 19 -7.28 37.71 -26.95
N ASP A 20 -7.31 38.61 -27.93
CA ASP A 20 -7.73 39.98 -27.67
C ASP A 20 -9.25 40.10 -27.65
N LEU A 21 -9.95 39.39 -28.54
CA LEU A 21 -11.40 39.48 -28.58
C LEU A 21 -12.04 38.75 -27.40
N SER A 22 -11.44 37.63 -26.96
CA SER A 22 -11.95 36.94 -25.80
C SER A 22 -11.72 37.76 -24.53
N TYR A 23 -10.60 38.48 -24.46
CA TYR A 23 -10.32 39.29 -23.28
C TYR A 23 -11.31 40.45 -23.17
N GLN A 24 -11.65 41.08 -24.30
CA GLN A 24 -12.63 42.15 -24.28
C GLN A 24 -14.02 41.64 -23.91
N SER A 25 -14.36 40.43 -24.34
CA SER A 25 -15.65 39.85 -23.99
C SER A 25 -15.69 39.39 -22.54
N SER A 26 -14.56 38.84 -22.05
CA SER A 26 -14.51 38.40 -20.66
C SER A 26 -14.51 39.59 -19.70
N LEU A 27 -13.74 40.63 -20.02
CA LEU A 27 -13.73 41.82 -19.19
C LEU A 27 -15.08 42.53 -19.24
N ALA A 28 -15.80 42.42 -20.36
CA ALA A 28 -17.14 43.00 -20.46
C ALA A 28 -18.13 42.24 -19.60
N SER A 29 -18.04 40.90 -19.60
CA SER A 29 -18.92 40.09 -18.76
C SER A 29 -18.56 40.20 -17.29
N TRP A 30 -17.31 40.55 -16.98
CA TRP A 30 -16.94 40.80 -15.59
C TRP A 30 -17.63 42.05 -15.07
N ASN A 31 -17.70 43.10 -15.89
CA ASN A 31 -18.36 44.32 -15.47
C ASN A 31 -19.86 44.13 -15.26
N TYR A 32 -20.44 43.06 -15.80
CA TYR A 32 -21.85 42.78 -15.54
C TYR A 32 -22.04 42.00 -14.25
N ASN A 33 -21.32 40.91 -14.08
CA ASN A 33 -21.42 40.17 -12.83
C ASN A 33 -20.84 40.95 -11.66
N THR A 34 -20.09 42.03 -11.92
CA THR A 34 -19.62 42.91 -10.87
C THR A 34 -20.42 44.20 -10.78
N ASN A 35 -21.01 44.67 -11.87
CA ASN A 35 -22.02 45.70 -11.75
C ASN A 35 -23.23 44.81 -11.92
N ILE A 36 -24.28 45.27 -12.58
CA ILE A 36 -25.54 44.59 -12.93
C ILE A 36 -26.42 45.76 -13.31
N THR A 37 -26.01 46.43 -14.38
CA THR A 37 -26.75 47.55 -14.91
C THR A 37 -27.25 47.16 -16.29
N GLU A 38 -28.07 48.03 -16.85
CA GLU A 38 -28.48 47.83 -18.23
C GLU A 38 -27.38 48.24 -19.20
N GLU A 39 -26.59 49.25 -18.85
CA GLU A 39 -25.47 49.64 -19.71
C GLU A 39 -24.38 48.58 -19.73
N ASN A 40 -24.16 47.89 -18.62
CA ASN A 40 -23.14 46.84 -18.57
C ASN A 40 -23.64 45.50 -19.10
N VAL A 41 -24.96 45.27 -19.07
CA VAL A 41 -25.49 44.04 -19.65
C VAL A 41 -25.44 44.09 -21.17
N GLN A 42 -25.44 45.31 -21.75
CA GLN A 42 -25.32 45.42 -23.20
C GLN A 42 -23.87 45.27 -23.64
N ASN A 43 -22.92 45.80 -22.86
CA ASN A 43 -21.51 45.61 -23.18
C ASN A 43 -21.13 44.13 -23.15
N MET A 44 -21.79 43.35 -22.29
CA MET A 44 -21.55 41.90 -22.30
C MET A 44 -22.10 41.27 -23.57
N ASN A 45 -23.27 41.73 -24.04
CA ASN A 45 -23.85 41.16 -25.24
C ASN A 45 -23.19 41.69 -26.50
N ASN A 46 -22.79 42.97 -26.49
CA ASN A 46 -22.08 43.53 -27.65
C ASN A 46 -20.75 42.83 -27.85
N ALA A 47 -19.95 42.73 -26.79
CA ALA A 47 -18.68 42.03 -26.87
C ALA A 47 -18.85 40.53 -27.05
N GLY A 48 -20.01 39.98 -26.70
CA GLY A 48 -20.26 38.56 -26.87
C GLY A 48 -20.51 38.15 -28.30
N ASP A 49 -21.30 38.94 -29.03
CA ASP A 49 -21.57 38.63 -30.43
C ASP A 49 -20.31 38.80 -31.29
N LYS A 50 -19.49 39.79 -30.96
CA LYS A 50 -18.25 39.99 -31.73
C LYS A 50 -17.32 38.79 -31.57
N TRP A 51 -17.23 38.24 -30.35
CA TRP A 51 -16.42 37.04 -30.14
C TRP A 51 -17.06 35.83 -30.82
N SER A 52 -18.39 35.76 -30.84
CA SER A 52 -19.07 34.67 -31.53
C SER A 52 -18.91 34.80 -33.04
N ALA A 53 -19.05 36.01 -33.57
CA ALA A 53 -18.91 36.21 -35.01
C ALA A 53 -17.48 35.94 -35.48
N PHE A 54 -16.49 36.29 -34.66
CA PHE A 54 -15.11 35.96 -35.00
C PHE A 54 -14.89 34.46 -34.97
N LEU A 55 -15.49 33.77 -33.99
CA LEU A 55 -15.36 32.32 -33.93
C LEU A 55 -16.04 31.65 -35.11
N LYS A 56 -17.11 32.25 -35.62
CA LYS A 56 -17.80 31.65 -36.77
C LYS A 56 -16.97 31.77 -38.05
N GLU A 57 -16.30 32.90 -38.25
CA GLU A 57 -15.44 33.04 -39.43
C GLU A 57 -14.30 32.04 -39.37
N GLN A 58 -13.66 31.92 -38.19
CA GLN A 58 -12.58 30.96 -38.04
C GLN A 58 -13.09 29.52 -37.98
N SER A 59 -14.38 29.32 -37.71
CA SER A 59 -14.94 27.98 -37.73
C SER A 59 -14.97 27.41 -39.14
N LYS A 60 -15.66 28.10 -40.05
CA LYS A 60 -15.80 27.61 -41.42
C LYS A 60 -14.47 27.66 -42.15
N THR A 61 -13.68 28.72 -41.95
CA THR A 61 -12.38 28.81 -42.63
C THR A 61 -11.38 27.79 -42.12
N ALA A 62 -11.59 27.22 -40.94
CA ALA A 62 -10.79 26.10 -40.48
C ALA A 62 -11.31 24.76 -40.99
N GLN A 63 -12.60 24.68 -41.34
CA GLN A 63 -13.15 23.45 -41.90
C GLN A 63 -12.62 23.17 -43.29
N SER A 64 -12.09 24.19 -43.99
CA SER A 64 -11.44 23.97 -45.28
C SER A 64 -10.13 23.20 -45.14
N PHE A 65 -9.59 23.09 -43.92
CA PHE A 65 -8.38 22.32 -43.66
C PHE A 65 -8.80 20.90 -43.31
N SER A 66 -8.49 19.95 -44.20
CA SER A 66 -8.84 18.55 -43.96
C SER A 66 -8.06 18.03 -42.76
N LEU A 67 -8.79 17.52 -41.76
CA LEU A 67 -8.16 17.05 -40.53
C LEU A 67 -7.25 15.86 -40.79
N GLN A 68 -7.53 15.07 -41.83
CA GLN A 68 -6.70 13.93 -42.18
C GLN A 68 -5.35 14.34 -42.76
N GLU A 69 -5.23 15.57 -43.26
CA GLU A 69 -4.00 16.06 -43.87
C GLU A 69 -2.98 16.54 -42.85
N ILE A 70 -3.28 16.52 -41.56
CA ILE A 70 -2.39 17.01 -40.52
C ILE A 70 -1.62 15.82 -39.94
N GLN A 71 -0.30 15.99 -39.80
CA GLN A 71 0.57 14.96 -39.25
C GLN A 71 0.95 15.22 -37.80
N THR A 72 1.48 16.39 -37.50
CA THR A 72 1.81 16.74 -36.11
C THR A 72 0.52 16.83 -35.29
N PRO A 73 0.33 15.97 -34.29
CA PRO A 73 -0.99 15.87 -33.65
C PRO A 73 -1.34 17.04 -32.74
N ILE A 74 -0.36 17.77 -32.20
CA ILE A 74 -0.67 18.95 -31.40
C ILE A 74 -1.41 19.98 -32.23
N ILE A 75 -1.01 20.13 -33.50
CA ILE A 75 -1.72 21.00 -34.42
C ILE A 75 -3.08 20.41 -34.80
N LYS A 76 -3.25 19.10 -34.66
CA LYS A 76 -4.47 18.45 -35.12
C LYS A 76 -5.66 18.81 -34.23
N ARG A 77 -5.50 18.67 -32.91
CA ARG A 77 -6.60 18.93 -31.99
C ARG A 77 -7.06 20.39 -32.02
N GLN A 78 -6.19 21.30 -32.46
CA GLN A 78 -6.57 22.71 -32.50
C GLN A 78 -7.56 22.99 -33.64
N LEU A 79 -7.36 22.32 -34.78
CA LEU A 79 -8.28 22.52 -35.90
C LEU A 79 -9.67 21.99 -35.59
N GLN A 80 -9.75 20.82 -34.96
CA GLN A 80 -11.06 20.25 -34.64
C GLN A 80 -11.83 21.13 -33.64
N ALA A 81 -11.10 21.85 -32.79
CA ALA A 81 -11.77 22.76 -31.86
C ALA A 81 -12.43 23.92 -32.58
N LEU A 82 -11.77 24.45 -33.61
CA LEU A 82 -12.37 25.54 -34.38
C LEU A 82 -13.46 25.05 -35.32
N GLN A 83 -13.29 23.85 -35.88
CA GLN A 83 -14.24 23.29 -36.84
C GLN A 83 -15.51 22.89 -36.12
N GLN A 84 -16.36 23.89 -35.83
CA GLN A 84 -17.64 23.67 -35.18
C GLN A 84 -18.65 24.64 -35.78
N ASN A 85 -19.68 24.10 -36.45
CA ASN A 85 -20.74 24.96 -36.95
C ASN A 85 -21.53 25.60 -35.81
N GLY A 86 -21.67 24.89 -34.68
CA GLY A 86 -22.36 25.45 -33.54
C GLY A 86 -23.85 25.59 -33.77
N SER A 87 -24.41 26.67 -33.23
CA SER A 87 -25.84 26.95 -33.37
C SER A 87 -26.21 27.53 -34.73
N SER A 88 -25.23 27.88 -35.55
CA SER A 88 -25.46 28.49 -36.86
C SER A 88 -25.94 27.53 -37.92
N VAL A 89 -25.89 26.21 -37.68
CA VAL A 89 -26.39 25.27 -38.67
C VAL A 89 -27.90 25.40 -38.84
N LEU A 90 -28.58 25.98 -37.86
CA LEU A 90 -30.00 26.28 -37.96
C LEU A 90 -30.20 27.52 -38.83
N SER A 91 -31.45 27.78 -39.18
CA SER A 91 -31.76 28.98 -39.94
C SER A 91 -31.72 30.19 -39.02
N GLU A 92 -31.85 31.38 -39.61
CA GLU A 92 -31.79 32.59 -38.81
C GLU A 92 -32.99 32.70 -37.87
N ASP A 93 -34.12 32.11 -38.25
CA ASP A 93 -35.29 32.07 -37.38
C ASP A 93 -35.18 30.98 -36.33
N LYS A 94 -34.58 29.83 -36.69
CA LYS A 94 -34.42 28.76 -35.71
C LYS A 94 -33.41 29.16 -34.64
N SER A 95 -32.33 29.85 -35.03
CA SER A 95 -31.31 30.24 -34.05
C SER A 95 -31.83 31.33 -33.12
N LYS A 96 -32.67 32.23 -33.63
CA LYS A 96 -33.26 33.25 -32.77
C LYS A 96 -34.28 32.64 -31.81
N ARG A 97 -35.08 31.69 -32.30
CA ARG A 97 -36.05 31.02 -31.43
C ARG A 97 -35.35 30.12 -30.42
N LEU A 98 -34.26 29.48 -30.82
CA LEU A 98 -33.49 28.66 -29.88
C LEU A 98 -32.88 29.53 -28.80
N ASN A 99 -32.28 30.67 -29.19
CA ASN A 99 -31.74 31.59 -28.21
C ASN A 99 -32.85 32.30 -27.43
N THR A 100 -34.05 32.37 -27.98
CA THR A 100 -35.17 32.99 -27.25
C THR A 100 -35.65 32.09 -26.12
N ILE A 101 -35.81 30.79 -26.39
CA ILE A 101 -36.27 29.89 -25.34
C ILE A 101 -35.18 29.65 -24.31
N LEU A 102 -33.92 29.58 -24.74
CA LEU A 102 -32.82 29.41 -23.80
C LEU A 102 -32.73 30.58 -22.84
N ASN A 103 -33.00 31.79 -23.32
CA ASN A 103 -33.01 32.96 -22.44
C ASN A 103 -34.31 33.03 -21.63
N THR A 104 -35.43 32.60 -22.22
CA THR A 104 -36.70 32.62 -21.49
C THR A 104 -36.70 31.60 -20.36
N MET A 105 -36.10 30.43 -20.60
CA MET A 105 -36.03 29.41 -19.55
C MET A 105 -35.16 29.88 -18.39
N SER A 106 -34.00 30.46 -18.69
CA SER A 106 -33.15 31.00 -17.63
C SER A 106 -33.84 32.10 -16.85
N THR A 107 -34.73 32.85 -17.50
CA THR A 107 -35.42 33.94 -16.84
C THR A 107 -36.45 33.42 -15.84
N ILE A 108 -37.37 32.57 -16.30
CA ILE A 108 -38.44 32.08 -15.41
C ILE A 108 -37.86 31.30 -14.24
N TYR A 109 -36.69 30.70 -14.41
CA TYR A 109 -36.04 30.02 -13.30
C TYR A 109 -35.56 31.01 -12.25
N SER A 110 -34.97 32.13 -12.68
CA SER A 110 -34.45 33.14 -11.78
C SER A 110 -35.51 34.15 -11.34
N THR A 111 -36.57 34.34 -12.12
CA THR A 111 -37.62 35.28 -11.78
C THR A 111 -38.89 34.63 -11.27
N GLY A 112 -38.99 33.30 -11.34
CA GLY A 112 -40.19 32.62 -10.87
C GLY A 112 -40.30 32.71 -9.37
N LYS A 113 -41.48 33.10 -8.88
CA LYS A 113 -41.75 33.20 -7.46
C LYS A 113 -43.12 32.61 -7.16
N VAL A 114 -43.21 31.88 -6.05
CA VAL A 114 -44.46 31.29 -5.60
C VAL A 114 -44.93 32.03 -4.35
N CYS A 115 -46.25 32.09 -4.19
CA CYS A 115 -46.86 32.77 -3.05
C CYS A 115 -47.59 31.78 -2.18
N ASN A 116 -47.65 32.07 -0.89
CA ASN A 116 -48.30 31.18 0.06
C ASN A 116 -49.81 31.35 -0.01
N PRO A 117 -50.57 30.27 -0.23
CA PRO A 117 -52.04 30.39 -0.16
C PRO A 117 -52.55 30.80 1.20
N ASP A 118 -51.85 30.39 2.28
CA ASP A 118 -52.26 30.80 3.62
C ASP A 118 -51.98 32.27 3.87
N ASN A 119 -50.92 32.80 3.26
CA ASN A 119 -50.57 34.22 3.40
C ASN A 119 -50.16 34.73 2.03
N PRO A 120 -51.10 35.28 1.27
CA PRO A 120 -50.78 35.69 -0.11
C PRO A 120 -49.79 36.84 -0.21
N GLN A 121 -49.56 37.58 0.88
CA GLN A 121 -48.55 38.62 0.88
C GLN A 121 -47.14 38.05 0.99
N GLU A 122 -47.01 36.77 1.34
CA GLU A 122 -45.73 36.10 1.46
C GLU A 122 -45.46 35.37 0.16
N CYS A 123 -44.57 35.94 -0.67
CA CYS A 123 -44.16 35.33 -1.93
C CYS A 123 -42.65 35.18 -1.91
N LEU A 124 -42.16 33.99 -2.26
CA LEU A 124 -40.74 33.67 -2.22
C LEU A 124 -40.32 33.08 -3.54
N LEU A 125 -39.15 33.49 -4.03
CA LEU A 125 -38.54 32.88 -5.19
C LEU A 125 -37.68 31.70 -4.75
N LEU A 126 -36.94 31.09 -5.67
CA LEU A 126 -36.14 29.92 -5.32
C LEU A 126 -35.04 30.28 -4.33
N GLU A 127 -34.24 31.29 -4.66
CA GLU A 127 -33.17 31.74 -3.80
C GLU A 127 -33.44 33.16 -3.32
N PRO A 128 -33.43 33.41 -2.01
CA PRO A 128 -33.19 32.46 -0.92
C PRO A 128 -34.49 31.96 -0.31
N GLY A 129 -35.63 32.24 -0.93
CA GLY A 129 -36.92 31.92 -0.35
C GLY A 129 -37.19 30.44 -0.21
N LEU A 130 -37.38 29.74 -1.33
CA LEU A 130 -37.73 28.32 -1.27
C LEU A 130 -36.56 27.45 -0.83
N ASN A 131 -35.34 27.86 -1.17
CA ASN A 131 -34.17 27.06 -0.78
C ASN A 131 -33.98 27.04 0.72
N GLU A 132 -34.31 28.13 1.42
CA GLU A 132 -34.20 28.13 2.87
C GLU A 132 -35.23 27.22 3.52
N ILE A 133 -36.40 27.07 2.89
CA ILE A 133 -37.43 26.19 3.44
C ILE A 133 -37.01 24.73 3.27
N MET A 134 -36.60 24.35 2.07
CA MET A 134 -36.24 22.96 1.81
C MET A 134 -35.00 22.53 2.60
N ALA A 135 -34.22 23.48 3.11
CA ALA A 135 -32.99 23.15 3.82
C ALA A 135 -33.13 23.16 5.33
N ASN A 136 -34.15 23.81 5.87
CA ASN A 136 -34.23 23.97 7.32
C ASN A 136 -35.57 23.53 7.89
N SER A 137 -36.65 23.70 7.12
CA SER A 137 -37.99 23.43 7.63
C SER A 137 -38.17 21.94 7.89
N LEU A 138 -38.93 21.63 8.95
CA LEU A 138 -39.28 20.27 9.31
C LEU A 138 -40.76 19.97 9.17
N ASP A 139 -41.53 20.89 8.60
CA ASP A 139 -42.96 20.68 8.39
C ASP A 139 -43.17 19.98 7.05
N TYR A 140 -43.86 18.84 7.10
CA TYR A 140 -44.11 18.07 5.88
C TYR A 140 -44.87 18.88 4.85
N ASN A 141 -45.95 19.56 5.28
CA ASN A 141 -46.77 20.30 4.34
C ASN A 141 -46.06 21.56 3.83
N GLU A 142 -45.30 22.23 4.70
CA GLU A 142 -44.55 23.40 4.25
C GLU A 142 -43.50 23.04 3.22
N ARG A 143 -42.79 21.92 3.44
CA ARG A 143 -41.82 21.46 2.45
C ARG A 143 -42.53 20.92 1.21
N LEU A 144 -43.65 20.20 1.40
CA LEU A 144 -44.43 19.73 0.27
C LEU A 144 -44.94 20.91 -0.56
N TRP A 145 -45.32 21.99 0.12
CA TRP A 145 -45.77 23.19 -0.59
C TRP A 145 -44.64 23.77 -1.44
N ALA A 146 -43.47 23.97 -0.85
CA ALA A 146 -42.35 24.54 -1.60
C ALA A 146 -41.92 23.61 -2.73
N TRP A 147 -41.96 22.30 -2.49
CA TRP A 147 -41.57 21.35 -3.53
C TRP A 147 -42.57 21.33 -4.67
N GLU A 148 -43.87 21.31 -4.36
CA GLU A 148 -44.89 21.23 -5.39
C GLU A 148 -45.12 22.58 -6.06
N SER A 149 -45.11 23.67 -5.29
CA SER A 149 -45.34 24.98 -5.89
C SER A 149 -44.24 25.34 -6.87
N TRP A 150 -43.01 24.92 -6.59
CA TRP A 150 -41.91 25.19 -7.52
C TRP A 150 -42.06 24.38 -8.80
N ARG A 151 -42.64 23.19 -8.71
CA ARG A 151 -42.81 22.34 -9.89
C ARG A 151 -44.15 22.50 -10.58
N SER A 152 -45.13 23.12 -9.91
CA SER A 152 -46.43 23.38 -10.52
C SER A 152 -46.56 24.77 -11.11
N GLU A 153 -45.78 25.74 -10.63
CA GLU A 153 -45.84 27.09 -11.16
C GLU A 153 -44.77 27.33 -12.22
N VAL A 154 -43.49 27.34 -11.82
CA VAL A 154 -42.41 27.58 -12.77
C VAL A 154 -42.06 26.34 -13.58
N GLY A 155 -42.51 25.17 -13.16
CA GLY A 155 -42.25 23.96 -13.92
C GLY A 155 -43.16 23.85 -15.13
N LYS A 156 -44.45 24.18 -14.95
CA LYS A 156 -45.40 24.10 -16.06
C LYS A 156 -45.13 25.16 -17.12
N GLN A 157 -44.60 26.32 -16.72
CA GLN A 157 -44.28 27.34 -17.71
C GLN A 157 -43.10 26.91 -18.59
N LEU A 158 -42.16 26.16 -18.02
CA LEU A 158 -41.01 25.65 -18.76
C LEU A 158 -41.36 24.44 -19.62
N ARG A 159 -42.52 23.83 -19.40
CA ARG A 159 -42.87 22.63 -20.17
C ARG A 159 -43.00 22.88 -21.66
N PRO A 160 -43.76 23.87 -22.14
CA PRO A 160 -43.79 24.10 -23.59
C PRO A 160 -42.47 24.57 -24.16
N LEU A 161 -41.69 25.34 -23.39
CA LEU A 161 -40.40 25.82 -23.86
C LEU A 161 -39.38 24.68 -23.93
N TYR A 162 -39.45 23.74 -22.99
CA TYR A 162 -38.49 22.64 -22.99
C TYR A 162 -38.78 21.64 -24.11
N GLU A 163 -40.04 21.53 -24.54
CA GLU A 163 -40.38 20.65 -25.65
C GLU A 163 -39.68 21.11 -26.93
N GLU A 164 -39.81 22.39 -27.25
CA GLU A 164 -39.09 22.93 -28.40
C GLU A 164 -37.59 22.95 -28.17
N TYR A 165 -37.14 22.98 -26.92
CA TYR A 165 -35.71 22.96 -26.63
C TYR A 165 -35.08 21.63 -27.05
N VAL A 166 -35.81 20.53 -26.88
CA VAL A 166 -35.25 19.23 -27.22
C VAL A 166 -35.13 19.05 -28.72
N VAL A 167 -36.19 19.42 -29.46
CA VAL A 167 -36.18 19.22 -30.91
C VAL A 167 -35.19 20.15 -31.59
N LEU A 168 -35.06 21.39 -31.09
CA LEU A 168 -34.13 22.33 -31.71
C LEU A 168 -32.68 21.97 -31.43
N LYS A 169 -32.39 21.53 -30.21
CA LYS A 169 -31.02 21.14 -29.87
C LYS A 169 -30.59 19.87 -30.61
N ASN A 170 -31.53 18.96 -30.85
CA ASN A 170 -31.21 17.77 -31.63
C ASN A 170 -30.94 18.12 -33.09
N GLU A 171 -31.66 19.11 -33.63
CA GLU A 171 -31.41 19.53 -35.00
C GLU A 171 -30.02 20.11 -35.18
N MET A 172 -29.39 20.59 -34.11
CA MET A 172 -28.02 21.08 -34.21
C MET A 172 -27.02 19.94 -34.21
N ALA A 173 -27.18 18.99 -33.27
CA ALA A 173 -26.22 17.90 -33.14
C ALA A 173 -26.28 16.95 -34.32
N ARG A 174 -27.50 16.63 -34.80
CA ARG A 174 -27.63 15.69 -35.91
C ARG A 174 -27.02 16.25 -37.19
N ALA A 175 -26.98 17.57 -37.33
CA ALA A 175 -26.35 18.19 -38.49
C ALA A 175 -24.83 18.19 -38.39
N ASN A 176 -24.27 18.05 -37.19
CA ASN A 176 -22.83 17.98 -36.97
C ASN A 176 -22.34 16.56 -36.76
N HIS A 177 -23.04 15.58 -37.35
CA HIS A 177 -22.65 14.16 -37.30
C HIS A 177 -22.69 13.61 -35.87
N TYR A 178 -23.79 13.92 -35.16
CA TYR A 178 -24.04 13.37 -33.84
C TYR A 178 -25.42 12.75 -33.80
N GLU A 179 -25.61 11.79 -32.90
CA GLU A 179 -26.91 11.14 -32.77
C GLU A 179 -27.96 12.12 -32.24
N ASP A 180 -27.64 12.82 -31.17
CA ASP A 180 -28.56 13.77 -30.56
C ASP A 180 -27.75 14.76 -29.73
N TYR A 181 -28.45 15.68 -29.07
CA TYR A 181 -27.77 16.67 -28.24
C TYR A 181 -27.07 15.99 -27.06
N GLY A 182 -27.63 14.89 -26.56
CA GLY A 182 -26.96 14.16 -25.51
C GLY A 182 -25.64 13.57 -25.97
N ASP A 183 -25.59 13.09 -27.22
CA ASP A 183 -24.33 12.63 -27.79
C ASP A 183 -23.35 13.78 -27.98
N TYR A 184 -23.86 14.99 -28.20
CA TYR A 184 -22.99 16.16 -28.30
C TYR A 184 -22.32 16.44 -26.97
N TRP A 185 -23.06 16.35 -25.87
CA TRP A 185 -22.47 16.57 -24.56
C TRP A 185 -21.46 15.48 -24.21
N ARG A 186 -21.76 14.23 -24.57
CA ARG A 186 -20.84 13.12 -24.31
C ARG A 186 -19.57 13.22 -25.15
N GLY A 187 -19.54 14.07 -26.17
CA GLY A 187 -18.36 14.24 -26.99
C GLY A 187 -17.20 14.91 -26.29
N ASP A 188 -17.42 15.48 -25.10
CA ASP A 188 -16.34 16.12 -24.38
C ASP A 188 -15.28 15.11 -23.93
N TYR A 189 -15.69 13.88 -23.66
CA TYR A 189 -14.77 12.83 -23.22
C TYR A 189 -14.19 12.03 -24.38
N GLU A 190 -14.51 12.38 -25.63
CA GLU A 190 -14.06 11.60 -26.77
C GLU A 190 -12.60 11.87 -27.09
N VAL A 191 -11.81 10.81 -27.17
CA VAL A 191 -10.43 10.87 -27.62
C VAL A 191 -10.29 9.86 -28.76
N ASN A 192 -9.84 10.33 -29.92
CA ASN A 192 -9.74 9.48 -31.11
C ASN A 192 -8.51 9.88 -31.90
N GLY A 193 -7.48 9.02 -31.88
CA GLY A 193 -6.28 9.28 -32.64
C GLY A 193 -5.01 8.71 -32.03
N VAL A 194 -4.93 8.71 -30.70
CA VAL A 194 -3.75 8.25 -29.99
C VAL A 194 -3.96 6.81 -29.58
N ASP A 195 -3.08 5.92 -30.03
CA ASP A 195 -3.20 4.51 -29.70
C ASP A 195 -2.89 4.26 -28.24
N GLY A 196 -3.76 3.51 -27.57
CA GLY A 196 -3.63 3.24 -26.15
C GLY A 196 -4.23 4.29 -25.25
N TYR A 197 -4.76 5.38 -25.82
CA TYR A 197 -5.37 6.44 -25.02
C TYR A 197 -6.69 6.92 -25.61
N ASP A 198 -7.27 6.21 -26.58
CA ASP A 198 -8.51 6.62 -27.21
C ASP A 198 -9.69 6.44 -26.26
N TYR A 199 -10.81 7.06 -26.62
CA TYR A 199 -12.04 6.96 -25.84
C TYR A 199 -13.19 7.38 -26.74
N SER A 200 -14.17 6.51 -26.92
CA SER A 200 -15.31 6.80 -27.77
C SER A 200 -16.44 7.43 -26.98
N ARG A 201 -17.36 8.08 -27.70
CA ARG A 201 -18.50 8.71 -27.03
C ARG A 201 -19.44 7.68 -26.42
N GLY A 202 -19.60 6.51 -27.05
CA GLY A 202 -20.39 5.45 -26.47
C GLY A 202 -19.73 4.77 -25.30
N GLN A 203 -18.40 4.85 -25.19
CA GLN A 203 -17.70 4.27 -24.06
C GLN A 203 -18.06 4.95 -22.75
N LEU A 204 -18.46 6.22 -22.82
CA LEU A 204 -18.86 6.95 -21.62
C LEU A 204 -20.07 6.29 -20.95
N ILE A 205 -21.06 5.90 -21.74
CA ILE A 205 -22.25 5.26 -21.18
C ILE A 205 -21.88 3.94 -20.50
N GLU A 206 -20.96 3.18 -21.10
CA GLU A 206 -20.57 1.91 -20.51
C GLU A 206 -19.77 2.11 -19.22
N ASP A 207 -18.90 3.11 -19.19
CA ASP A 207 -18.05 3.33 -18.02
C ASP A 207 -18.83 3.97 -16.86
N VAL A 208 -19.72 4.91 -17.16
CA VAL A 208 -20.49 5.55 -16.10
C VAL A 208 -21.41 4.54 -15.42
N GLU A 209 -22.01 3.64 -16.21
CA GLU A 209 -22.89 2.62 -15.64
C GLU A 209 -22.11 1.53 -14.91
N HIS A 210 -20.93 1.18 -15.42
CA HIS A 210 -20.13 0.15 -14.75
C HIS A 210 -19.65 0.61 -13.39
N THR A 211 -19.23 1.88 -13.28
CA THR A 211 -18.79 2.40 -11.99
C THR A 211 -19.96 2.65 -11.07
N PHE A 212 -21.15 2.92 -11.61
CA PHE A 212 -22.32 3.18 -10.78
C PHE A 212 -22.80 1.94 -10.06
N GLU A 213 -22.56 0.75 -10.63
CA GLU A 213 -22.98 -0.48 -9.97
C GLU A 213 -22.23 -0.70 -8.66
N GLU A 214 -20.98 -0.26 -8.59
CA GLU A 214 -20.21 -0.36 -7.35
C GLU A 214 -20.61 0.71 -6.34
N ILE A 215 -21.31 1.75 -6.77
CA ILE A 215 -21.80 2.77 -5.85
C ILE A 215 -23.12 2.35 -5.20
N LYS A 216 -23.87 1.45 -5.83
CA LYS A 216 -25.13 0.98 -5.28
C LYS A 216 -25.03 0.49 -3.83
N PRO A 217 -24.08 -0.38 -3.46
CA PRO A 217 -24.05 -0.85 -2.06
C PRO A 217 -23.87 0.27 -1.05
N LEU A 218 -22.98 1.23 -1.32
CA LEU A 218 -22.78 2.32 -0.39
C LEU A 218 -23.99 3.23 -0.31
N TYR A 219 -24.65 3.49 -1.45
CA TYR A 219 -25.81 4.36 -1.45
C TYR A 219 -27.02 3.68 -0.82
N GLU A 220 -27.20 2.37 -1.06
CA GLU A 220 -28.33 1.66 -0.50
C GLU A 220 -28.27 1.67 1.03
N HIS A 221 -27.09 1.52 1.59
CA HIS A 221 -26.96 1.57 3.05
C HIS A 221 -27.12 2.99 3.57
N LEU A 222 -26.64 3.99 2.83
CA LEU A 222 -26.90 5.37 3.20
C LEU A 222 -28.38 5.70 3.09
N HIS A 223 -29.05 5.18 2.05
CA HIS A 223 -30.48 5.41 1.89
C HIS A 223 -31.27 4.78 3.04
N ALA A 224 -30.88 3.57 3.45
CA ALA A 224 -31.56 2.91 4.55
C ALA A 224 -31.31 3.61 5.88
N TYR A 225 -30.09 4.13 6.09
CA TYR A 225 -29.78 4.83 7.33
C TYR A 225 -30.51 6.17 7.39
N VAL A 226 -30.49 6.93 6.30
CA VAL A 226 -31.17 8.22 6.27
C VAL A 226 -32.67 8.02 6.44
N ARG A 227 -33.23 6.99 5.80
CA ARG A 227 -34.65 6.72 5.91
C ARG A 227 -35.07 6.44 7.35
N ALA A 228 -34.26 5.65 8.07
CA ALA A 228 -34.58 5.38 9.46
C ALA A 228 -34.56 6.65 10.30
N LYS A 229 -33.58 7.52 10.06
CA LYS A 229 -33.53 8.79 10.78
C LYS A 229 -34.65 9.73 10.34
N LEU A 230 -35.04 9.68 9.07
CA LEU A 230 -36.09 10.56 8.58
C LEU A 230 -37.47 10.17 9.12
N MET A 231 -37.67 8.88 9.43
CA MET A 231 -38.93 8.47 10.04
C MET A 231 -39.12 9.09 11.42
N ASN A 232 -38.02 9.26 12.17
CA ASN A 232 -38.11 9.93 13.46
C ASN A 232 -38.42 11.42 13.30
N ALA A 233 -38.00 12.02 12.19
CA ALA A 233 -38.26 13.43 11.96
C ALA A 233 -39.66 13.67 11.39
N TYR A 234 -40.13 12.76 10.54
CA TYR A 234 -41.47 12.85 9.95
C TYR A 234 -42.22 11.56 10.20
N PRO A 235 -42.69 11.35 11.43
CA PRO A 235 -43.44 10.12 11.72
C PRO A 235 -44.76 10.08 10.99
N SER A 236 -45.20 8.86 10.68
CA SER A 236 -46.45 8.61 9.96
C SER A 236 -46.45 9.25 8.57
N TYR A 237 -45.26 9.40 7.97
CA TYR A 237 -45.13 9.93 6.62
C TYR A 237 -44.23 9.11 5.72
N ILE A 238 -43.32 8.31 6.27
CA ILE A 238 -42.36 7.55 5.49
C ILE A 238 -42.51 6.07 5.81
N SER A 239 -42.48 5.24 4.78
CA SER A 239 -42.53 3.80 5.01
C SER A 239 -41.11 3.28 5.23
N PRO A 240 -40.94 2.35 6.19
CA PRO A 240 -39.60 1.77 6.42
C PRO A 240 -39.11 0.91 5.27
N ILE A 241 -39.95 0.62 4.27
CA ILE A 241 -39.53 -0.14 3.09
C ILE A 241 -39.67 0.65 1.81
N GLY A 242 -40.31 1.82 1.83
CA GLY A 242 -40.53 2.59 0.62
C GLY A 242 -39.45 3.62 0.38
N CYS A 243 -39.61 4.33 -0.73
CA CYS A 243 -38.65 5.36 -1.13
C CYS A 243 -38.85 6.62 -0.29
N LEU A 244 -37.84 7.49 -0.31
CA LEU A 244 -37.89 8.73 0.44
C LEU A 244 -38.69 9.77 -0.34
N PRO A 245 -39.62 10.48 0.32
CA PRO A 245 -40.30 11.59 -0.36
C PRO A 245 -39.30 12.64 -0.81
N ALA A 246 -39.55 13.20 -1.99
CA ALA A 246 -38.58 14.09 -2.62
C ALA A 246 -38.40 15.39 -1.82
N HIS A 247 -39.44 15.86 -1.15
CA HIS A 247 -39.38 17.13 -0.44
C HIS A 247 -38.74 17.03 0.94
N LEU A 248 -38.18 15.87 1.30
CA LEU A 248 -37.57 15.68 2.61
C LEU A 248 -36.08 15.37 2.50
N LEU A 249 -35.45 15.72 1.37
CA LEU A 249 -34.08 15.31 1.10
C LEU A 249 -33.04 16.36 1.44
N GLY A 250 -33.43 17.59 1.72
CA GLY A 250 -32.53 18.65 2.13
C GLY A 250 -32.50 19.86 1.24
N ASP A 251 -32.87 19.73 -0.03
CA ASP A 251 -32.94 20.86 -0.94
C ASP A 251 -34.15 20.70 -1.84
N MET A 252 -34.25 21.55 -2.86
CA MET A 252 -35.42 21.58 -3.71
C MET A 252 -35.54 20.30 -4.55
N TRP A 253 -34.41 19.70 -4.92
CA TRP A 253 -34.42 18.57 -5.83
C TRP A 253 -33.84 17.28 -5.23
N GLY A 254 -33.31 17.33 -4.02
CA GLY A 254 -32.62 16.18 -3.48
C GLY A 254 -31.24 15.96 -4.03
N ARG A 255 -30.64 16.98 -4.65
CA ARG A 255 -29.32 16.83 -5.23
C ARG A 255 -28.27 16.58 -4.17
N PHE A 256 -28.36 17.27 -3.04
CA PHE A 256 -27.42 17.09 -1.93
C PHE A 256 -28.21 16.87 -0.64
N TRP A 257 -27.80 15.87 0.13
CA TRP A 257 -28.41 15.58 1.42
C TRP A 257 -27.66 16.23 2.57
N THR A 258 -26.93 17.32 2.31
CA THR A 258 -26.10 17.93 3.36
C THR A 258 -26.95 18.47 4.50
N ASN A 259 -28.08 19.09 4.17
CA ASN A 259 -28.95 19.69 5.18
C ASN A 259 -29.62 18.65 6.08
N LEU A 260 -29.53 17.37 5.74
CA LEU A 260 -30.08 16.31 6.57
C LEU A 260 -29.11 15.89 7.68
N TYR A 261 -27.97 16.57 7.80
CA TYR A 261 -26.99 16.18 8.81
C TYR A 261 -27.55 16.35 10.22
N SER A 262 -28.31 17.43 10.45
CA SER A 262 -28.92 17.64 11.76
C SER A 262 -29.91 16.54 12.10
N LEU A 263 -30.51 15.91 11.09
CA LEU A 263 -31.45 14.82 11.30
C LEU A 263 -30.82 13.44 11.22
N THR A 264 -29.63 13.33 10.62
CA THR A 264 -28.98 12.04 10.39
C THR A 264 -27.60 11.97 11.04
N VAL A 265 -27.29 12.86 11.98
CA VAL A 265 -25.96 12.86 12.58
C VAL A 265 -25.76 11.55 13.35
N PRO A 266 -24.65 10.82 13.13
CA PRO A 266 -24.48 9.55 13.83
C PRO A 266 -24.35 9.70 15.34
N PHE A 267 -23.50 10.62 15.80
CA PHE A 267 -23.26 10.85 17.22
C PHE A 267 -23.39 12.36 17.44
N GLY A 268 -24.62 12.80 17.70
CA GLY A 268 -24.88 14.23 17.87
C GLY A 268 -24.29 14.82 19.13
N GLN A 269 -23.91 13.99 20.09
CA GLN A 269 -23.35 14.51 21.34
C GLN A 269 -21.93 15.03 21.15
N LYS A 270 -21.21 14.54 20.15
CA LYS A 270 -19.84 14.98 19.94
C LYS A 270 -19.83 16.39 19.35
N PRO A 271 -18.83 17.19 19.69
CA PRO A 271 -18.77 18.56 19.16
C PRO A 271 -18.61 18.59 17.65
N ASN A 272 -19.42 19.44 17.01
CA ASN A 272 -19.37 19.56 15.55
C ASN A 272 -18.18 20.42 15.17
N ILE A 273 -17.54 20.07 14.05
CA ILE A 273 -16.37 20.82 13.57
C ILE A 273 -16.91 21.91 12.64
N ASP A 274 -17.45 22.96 13.24
CA ASP A 274 -17.88 24.16 12.53
C ASP A 274 -17.06 25.33 13.08
N VAL A 275 -16.06 25.78 12.32
CA VAL A 275 -15.15 26.82 12.79
C VAL A 275 -15.69 28.20 12.43
N THR A 276 -16.98 28.26 12.05
CA THR A 276 -17.59 29.54 11.67
C THR A 276 -17.47 30.57 12.79
N ASP A 277 -17.90 30.20 14.00
CA ASP A 277 -17.78 31.12 15.14
C ASP A 277 -16.33 31.36 15.55
N ALA A 278 -15.41 30.46 15.19
CA ALA A 278 -14.03 30.62 15.62
C ALA A 278 -13.35 31.74 14.85
N MET A 279 -13.51 31.77 13.52
CA MET A 279 -12.92 32.82 12.71
C MET A 279 -13.58 34.18 12.94
N VAL A 280 -14.89 34.19 13.24
CA VAL A 280 -15.56 35.43 13.61
C VAL A 280 -14.94 36.01 14.88
N ASP A 281 -14.58 35.15 15.84
CA ASP A 281 -13.96 35.60 17.08
C ASP A 281 -12.48 35.91 16.89
N GLN A 282 -11.82 35.31 15.90
CA GLN A 282 -10.43 35.60 15.59
C GLN A 282 -10.25 36.78 14.65
N ALA A 283 -11.32 37.51 14.34
CA ALA A 283 -11.27 38.68 13.45
C ALA A 283 -10.70 38.32 12.08
N TRP A 284 -11.49 37.54 11.34
CA TRP A 284 -11.13 37.12 10.00
C TRP A 284 -12.02 37.81 8.99
N ASP A 285 -11.42 38.34 7.93
CA ASP A 285 -12.13 38.88 6.78
C ASP A 285 -11.86 37.99 5.56
N ALA A 286 -12.46 38.36 4.43
CA ALA A 286 -12.26 37.59 3.22
C ALA A 286 -10.81 37.60 2.77
N GLN A 287 -10.09 38.70 3.00
CA GLN A 287 -8.68 38.76 2.62
C GLN A 287 -7.85 37.78 3.45
N ARG A 288 -8.21 37.59 4.72
CA ARG A 288 -7.52 36.61 5.55
C ARG A 288 -7.78 35.20 5.05
N ILE A 289 -9.00 34.93 4.59
CA ILE A 289 -9.34 33.60 4.07
C ILE A 289 -8.50 33.26 2.85
N PHE A 290 -8.39 34.22 1.92
CA PHE A 290 -7.64 33.99 0.69
C PHE A 290 -6.13 34.04 0.92
N LYS A 291 -5.68 34.82 1.91
CA LYS A 291 -4.25 34.81 2.24
C LYS A 291 -3.82 33.44 2.73
N GLU A 292 -4.64 32.81 3.57
CA GLU A 292 -4.33 31.46 4.04
C GLU A 292 -4.46 30.43 2.93
N ALA A 293 -5.45 30.61 2.04
CA ALA A 293 -5.57 29.72 0.90
C ALA A 293 -4.39 29.85 -0.04
N GLU A 294 -3.88 31.08 -0.21
CA GLU A 294 -2.67 31.28 -1.01
C GLU A 294 -1.48 30.56 -0.38
N LYS A 295 -1.37 30.61 0.95
CA LYS A 295 -0.28 29.93 1.64
C LYS A 295 -0.35 28.42 1.43
N PHE A 296 -1.55 27.87 1.24
CA PHE A 296 -1.68 26.43 1.03
C PHE A 296 -1.04 26.00 -0.27
N PHE A 297 -1.32 26.72 -1.36
CA PHE A 297 -0.76 26.36 -2.66
C PHE A 297 0.74 26.60 -2.73
N VAL A 298 1.25 27.59 -1.99
CA VAL A 298 2.68 27.85 -2.00
C VAL A 298 3.46 26.73 -1.31
N SER A 299 2.85 26.09 -0.30
CA SER A 299 3.54 25.03 0.43
C SER A 299 3.83 23.80 -0.43
N VAL A 300 3.09 23.62 -1.53
CA VAL A 300 3.28 22.45 -2.39
C VAL A 300 4.14 22.75 -3.61
N GLY A 301 4.55 24.00 -3.81
CA GLY A 301 5.41 24.38 -4.91
C GLY A 301 4.75 25.23 -5.97
N LEU A 302 3.43 25.36 -5.95
CA LEU A 302 2.74 26.18 -6.94
C LEU A 302 2.98 27.66 -6.68
N PRO A 303 2.88 28.50 -7.71
CA PRO A 303 3.16 29.94 -7.52
C PRO A 303 2.05 30.63 -6.74
N HIS A 304 2.31 31.90 -6.43
CA HIS A 304 1.38 32.72 -5.66
C HIS A 304 0.30 33.28 -6.58
N MET A 305 -0.50 34.20 -6.05
CA MET A 305 -1.51 34.88 -6.84
C MET A 305 -0.94 36.20 -7.35
N THR A 306 -1.34 36.57 -8.57
CA THR A 306 -0.87 37.81 -9.16
C THR A 306 -1.36 39.01 -8.36
N GLN A 307 -0.65 40.13 -8.51
CA GLN A 307 -1.07 41.36 -7.85
C GLN A 307 -2.41 41.83 -8.39
N GLY A 308 -2.65 41.65 -9.70
CA GLY A 308 -3.94 41.99 -10.27
C GLY A 308 -5.08 41.18 -9.68
N PHE A 309 -4.79 39.98 -9.19
CA PHE A 309 -5.81 39.20 -8.48
C PHE A 309 -6.20 39.87 -7.18
N TRP A 310 -5.21 40.32 -6.40
CA TRP A 310 -5.50 40.98 -5.13
C TRP A 310 -6.03 42.39 -5.30
N ALA A 311 -6.28 42.85 -6.53
CA ALA A 311 -6.70 44.22 -6.75
C ALA A 311 -7.93 44.32 -7.64
N ASN A 312 -8.06 43.41 -8.61
CA ASN A 312 -9.19 43.45 -9.53
C ASN A 312 -10.27 42.43 -9.21
N SER A 313 -9.99 41.43 -8.38
CA SER A 313 -10.99 40.43 -8.04
C SER A 313 -12.01 41.02 -7.06
N MET A 314 -13.19 40.40 -7.04
CA MET A 314 -14.26 40.79 -6.14
C MET A 314 -14.35 39.67 -5.10
N LEU A 315 -13.55 39.81 -4.04
CA LEU A 315 -13.44 38.81 -3.00
C LEU A 315 -14.43 39.01 -1.86
N THR A 316 -15.21 40.09 -1.87
CA THR A 316 -16.17 40.38 -0.82
C THR A 316 -17.50 40.77 -1.43
N GLU A 317 -18.47 41.05 -0.54
CA GLU A 317 -19.76 41.57 -0.95
C GLU A 317 -19.57 42.92 -1.64
N PRO A 318 -20.42 43.27 -2.60
CA PRO A 318 -20.41 44.64 -3.13
C PRO A 318 -20.67 45.66 -2.03
N ALA A 319 -19.59 46.12 -1.38
CA ALA A 319 -19.71 46.97 -0.20
C ALA A 319 -20.00 48.42 -0.56
N ASP A 320 -20.69 48.65 -1.68
CA ASP A 320 -21.11 50.00 -2.05
C ASP A 320 -22.36 49.94 -2.93
N GLY A 321 -22.49 50.89 -3.86
CA GLY A 321 -23.67 50.95 -4.70
C GLY A 321 -23.53 50.23 -6.01
N ARG A 322 -23.89 48.95 -6.03
CA ARG A 322 -23.83 48.14 -7.25
C ARG A 322 -24.54 46.82 -6.98
N LYS A 323 -25.25 46.32 -7.99
CA LYS A 323 -25.93 45.03 -7.90
C LYS A 323 -24.98 43.95 -8.39
N VAL A 324 -24.98 42.81 -7.72
CA VAL A 324 -23.98 41.77 -7.96
C VAL A 324 -24.60 40.40 -7.76
N VAL A 325 -24.32 39.48 -8.69
CA VAL A 325 -24.60 38.07 -8.50
C VAL A 325 -23.52 37.49 -7.59
N CYS A 326 -23.94 36.87 -6.49
CA CYS A 326 -23.02 36.37 -5.48
C CYS A 326 -22.66 34.90 -5.65
N HIS A 327 -22.91 34.32 -6.82
CA HIS A 327 -22.53 32.93 -7.05
C HIS A 327 -21.02 32.82 -7.19
N PRO A 328 -20.35 32.02 -6.36
CA PRO A 328 -18.88 31.95 -6.40
C PRO A 328 -18.38 31.36 -7.71
N THR A 329 -17.66 32.19 -8.48
CA THR A 329 -17.11 31.80 -9.76
C THR A 329 -15.64 32.19 -9.83
N ALA A 330 -14.86 31.40 -10.55
CA ALA A 330 -13.43 31.65 -10.76
C ALA A 330 -13.22 32.07 -12.20
N TRP A 331 -12.74 33.29 -12.41
CA TRP A 331 -12.66 33.89 -13.73
C TRP A 331 -11.22 33.78 -14.26
N ASP A 332 -11.10 33.32 -15.50
CA ASP A 332 -9.83 33.29 -16.24
C ASP A 332 -10.01 34.14 -17.49
N LEU A 333 -9.84 35.45 -17.34
CA LEU A 333 -10.05 36.38 -18.44
C LEU A 333 -8.98 36.29 -19.53
N GLY A 334 -7.87 35.59 -19.27
CA GLY A 334 -6.77 35.58 -20.20
C GLY A 334 -5.83 36.76 -19.97
N HIS A 335 -4.81 36.83 -20.82
CA HIS A 335 -3.79 37.87 -20.73
C HIS A 335 -3.12 37.91 -19.35
N GLY A 336 -3.08 36.77 -18.67
CA GLY A 336 -2.55 36.72 -17.32
C GLY A 336 -3.42 37.33 -16.26
N ASP A 337 -4.69 37.62 -16.58
CA ASP A 337 -5.63 38.24 -15.65
C ASP A 337 -6.51 37.13 -15.07
N PHE A 338 -6.28 36.83 -13.78
CA PHE A 338 -7.04 35.81 -13.08
C PHE A 338 -7.76 36.45 -11.91
N ARG A 339 -9.07 36.22 -11.82
CA ARG A 339 -9.90 36.83 -10.79
C ARG A 339 -10.84 35.80 -10.20
N ILE A 340 -11.44 36.16 -9.07
CA ILE A 340 -12.44 35.35 -8.39
C ILE A 340 -13.58 36.27 -7.95
N LYS A 341 -14.81 35.93 -8.34
CA LYS A 341 -15.99 36.66 -7.92
C LYS A 341 -16.72 35.85 -6.86
N MET A 342 -16.80 36.42 -5.65
CA MET A 342 -17.40 35.70 -4.53
C MET A 342 -17.73 36.69 -3.42
N CYS A 343 -18.99 36.68 -2.98
CA CYS A 343 -19.41 37.51 -1.85
C CYS A 343 -19.10 36.74 -0.57
N THR A 344 -17.81 36.74 -0.21
CA THR A 344 -17.34 35.92 0.90
C THR A 344 -17.86 36.44 2.23
N LYS A 345 -18.32 35.52 3.07
CA LYS A 345 -18.73 35.82 4.43
C LYS A 345 -17.84 35.06 5.40
N VAL A 346 -17.75 35.58 6.62
CA VAL A 346 -16.89 34.98 7.64
C VAL A 346 -17.53 33.69 8.14
N THR A 347 -17.48 32.64 7.32
CA THR A 347 -18.03 31.34 7.65
C THR A 347 -17.03 30.27 7.25
N MET A 348 -17.28 29.05 7.73
CA MET A 348 -16.43 27.92 7.36
C MET A 348 -16.68 27.46 5.93
N ASP A 349 -17.94 27.54 5.47
CA ASP A 349 -18.25 27.11 4.11
C ASP A 349 -17.59 28.00 3.07
N ASP A 350 -17.42 29.29 3.37
CA ASP A 350 -16.69 30.17 2.46
C ASP A 350 -15.18 29.96 2.55
N PHE A 351 -14.67 29.50 3.70
CA PHE A 351 -13.26 29.22 3.80
C PHE A 351 -12.85 28.05 2.91
N LEU A 352 -13.67 26.99 2.87
CA LEU A 352 -13.37 25.85 2.02
C LEU A 352 -13.61 26.19 0.56
N THR A 353 -14.62 27.01 0.27
CA THR A 353 -14.89 27.39 -1.11
C THR A 353 -13.77 28.25 -1.68
N ALA A 354 -13.12 29.05 -0.83
CA ALA A 354 -11.99 29.85 -1.31
C ALA A 354 -10.86 28.98 -1.83
N HIS A 355 -10.64 27.82 -1.20
CA HIS A 355 -9.65 26.88 -1.71
C HIS A 355 -10.11 26.24 -3.02
N HIS A 356 -11.41 26.01 -3.17
CA HIS A 356 -11.92 25.44 -4.42
C HIS A 356 -11.74 26.40 -5.58
N GLU A 357 -12.18 27.65 -5.41
CA GLU A 357 -12.10 28.63 -6.50
C GLU A 357 -10.66 28.99 -6.83
N MET A 358 -9.81 29.10 -5.81
CA MET A 358 -8.38 29.34 -6.07
C MET A 358 -7.73 28.13 -6.72
N GLY A 359 -8.28 26.93 -6.50
CA GLY A 359 -7.79 25.76 -7.21
C GLY A 359 -8.02 25.87 -8.70
N HIS A 360 -9.16 26.46 -9.10
CA HIS A 360 -9.40 26.71 -10.52
C HIS A 360 -8.36 27.66 -11.09
N ILE A 361 -7.95 28.67 -10.31
CA ILE A 361 -6.98 29.64 -10.79
C ILE A 361 -5.62 29.00 -10.97
N GLN A 362 -5.22 28.15 -10.02
CA GLN A 362 -3.95 27.43 -10.16
C GLN A 362 -3.93 26.55 -11.39
N TYR A 363 -5.08 25.97 -11.75
CA TYR A 363 -5.18 25.24 -13.00
C TYR A 363 -5.00 26.18 -14.19
N ASP A 364 -5.62 27.35 -14.14
CA ASP A 364 -5.53 28.30 -15.24
C ASP A 364 -4.12 28.85 -15.39
N MET A 365 -3.44 29.10 -14.27
CA MET A 365 -2.08 29.62 -14.34
C MET A 365 -1.11 28.60 -14.91
N ALA A 366 -1.39 27.30 -14.72
CA ALA A 366 -0.45 26.27 -15.13
C ALA A 366 -0.39 26.14 -16.65
N TYR A 367 -1.55 26.02 -17.30
CA TYR A 367 -1.60 25.84 -18.75
C TYR A 367 -1.60 27.16 -19.51
N ALA A 368 -1.12 28.25 -18.91
CA ALA A 368 -1.09 29.53 -19.60
C ALA A 368 -0.10 29.54 -20.76
N ALA A 369 0.93 28.69 -20.71
CA ALA A 369 1.91 28.64 -21.79
C ALA A 369 1.39 27.89 -23.02
N GLN A 370 0.33 27.10 -22.87
CA GLN A 370 -0.24 26.39 -24.00
C GLN A 370 -0.92 27.37 -24.95
N PRO A 371 -1.11 26.98 -26.21
CA PRO A 371 -1.85 27.84 -27.15
C PRO A 371 -3.27 28.07 -26.69
N PHE A 372 -3.93 29.05 -27.33
CA PHE A 372 -5.21 29.54 -26.86
C PHE A 372 -6.27 28.44 -26.82
N LEU A 373 -6.41 27.68 -27.90
CA LEU A 373 -7.43 26.64 -27.96
C LEU A 373 -7.16 25.48 -27.02
N LEU A 374 -5.98 25.44 -26.39
CA LEU A 374 -5.62 24.36 -25.49
C LEU A 374 -5.61 24.78 -24.03
N ARG A 375 -5.97 26.03 -23.73
CA ARG A 375 -6.00 26.52 -22.35
C ARG A 375 -7.37 26.21 -21.75
N ASN A 376 -7.50 24.98 -21.26
CA ASN A 376 -8.73 24.49 -20.64
C ASN A 376 -8.39 23.18 -19.95
N GLY A 377 -9.30 22.74 -19.09
CA GLY A 377 -9.12 21.46 -18.41
C GLY A 377 -9.09 20.30 -19.39
N ALA A 378 -8.62 19.16 -18.89
CA ALA A 378 -8.54 17.95 -19.72
C ALA A 378 -9.91 17.57 -20.26
N ASN A 379 -10.91 17.48 -19.38
CA ASN A 379 -12.30 17.33 -19.80
C ASN A 379 -13.15 18.26 -18.94
N GLU A 380 -14.48 18.15 -19.08
CA GLU A 380 -15.38 19.01 -18.34
C GLU A 380 -15.34 18.74 -16.84
N GLY A 381 -14.87 17.56 -16.43
CA GLY A 381 -14.85 17.20 -15.03
C GLY A 381 -13.52 17.45 -14.35
N PHE A 382 -12.47 17.70 -15.14
CA PHE A 382 -11.15 17.91 -14.56
C PHE A 382 -11.08 19.22 -13.77
N HIS A 383 -11.73 20.28 -14.27
CA HIS A 383 -11.63 21.57 -13.60
C HIS A 383 -12.27 21.52 -12.20
N GLU A 384 -13.50 21.03 -12.12
CA GLU A 384 -14.17 20.94 -10.82
C GLU A 384 -13.46 19.98 -9.89
N ALA A 385 -12.81 18.95 -10.44
CA ALA A 385 -12.10 17.99 -9.59
C ALA A 385 -10.87 18.62 -8.95
N VAL A 386 -10.19 19.52 -9.67
CA VAL A 386 -9.02 20.18 -9.12
C VAL A 386 -9.39 21.06 -7.93
N GLY A 387 -10.50 21.79 -8.04
CA GLY A 387 -10.94 22.61 -6.94
C GLY A 387 -11.42 21.81 -5.75
N GLU A 388 -11.94 20.61 -5.98
CA GLU A 388 -12.49 19.81 -4.89
C GLU A 388 -11.41 19.15 -4.05
N ILE A 389 -10.32 18.71 -4.68
CA ILE A 389 -9.23 18.11 -3.92
C ILE A 389 -8.58 19.10 -2.98
N MET A 390 -8.69 20.40 -3.27
CA MET A 390 -8.17 21.40 -2.35
C MET A 390 -9.07 21.52 -1.12
N SER A 391 -10.38 21.55 -1.33
CA SER A 391 -11.30 21.59 -0.19
C SER A 391 -11.27 20.30 0.61
N LEU A 392 -10.91 19.18 -0.02
CA LEU A 392 -10.76 17.93 0.71
C LEU A 392 -9.60 18.02 1.71
N SER A 393 -8.46 18.54 1.25
CA SER A 393 -7.32 18.69 2.15
C SER A 393 -7.55 19.81 3.16
N ALA A 394 -8.26 20.87 2.76
CA ALA A 394 -8.47 22.01 3.64
C ALA A 394 -9.53 21.75 4.70
N ALA A 395 -10.34 20.70 4.55
CA ALA A 395 -11.38 20.37 5.52
C ALA A 395 -10.94 19.36 6.57
N THR A 396 -9.75 18.79 6.43
CA THR A 396 -9.28 17.81 7.41
C THR A 396 -9.00 18.50 8.74
N PRO A 397 -9.27 17.84 9.87
CA PRO A 397 -8.96 18.45 11.16
C PRO A 397 -7.49 18.74 11.36
N LYS A 398 -6.60 17.96 10.72
CA LYS A 398 -5.18 18.24 10.83
C LYS A 398 -4.83 19.59 10.21
N HIS A 399 -5.50 19.95 9.12
CA HIS A 399 -5.24 21.24 8.48
C HIS A 399 -5.90 22.38 9.24
N LEU A 400 -7.12 22.17 9.75
CA LEU A 400 -7.81 23.23 10.48
C LEU A 400 -7.09 23.56 11.79
N LYS A 401 -6.54 22.54 12.46
CA LYS A 401 -5.78 22.80 13.68
C LYS A 401 -4.47 23.53 13.37
N SER A 402 -3.84 23.19 12.25
CA SER A 402 -2.58 23.84 11.88
C SER A 402 -2.81 25.29 11.47
N ILE A 403 -3.98 25.60 10.91
CA ILE A 403 -4.27 26.97 10.51
C ILE A 403 -4.63 27.82 11.73
N GLY A 404 -5.27 27.23 12.74
CA GLY A 404 -5.72 27.96 13.90
C GLY A 404 -7.21 28.05 14.07
N LEU A 405 -7.99 27.34 13.26
CA LEU A 405 -9.44 27.39 13.35
C LEU A 405 -10.01 26.40 14.37
N LEU A 406 -9.32 25.30 14.61
CA LEU A 406 -9.69 24.35 15.65
C LEU A 406 -8.75 24.46 16.83
N SER A 407 -9.27 24.15 18.02
CA SER A 407 -8.46 24.20 19.22
C SER A 407 -7.38 23.12 19.14
N PRO A 408 -6.17 23.41 19.62
CA PRO A 408 -5.09 22.41 19.56
C PRO A 408 -5.36 21.15 20.39
N ASP A 409 -6.24 21.23 21.39
CA ASP A 409 -6.59 20.07 22.21
C ASP A 409 -7.89 19.40 21.77
N PHE A 410 -8.21 19.47 20.48
CA PHE A 410 -9.39 18.81 19.95
C PHE A 410 -9.06 17.35 19.72
N GLN A 411 -9.72 16.47 20.46
CA GLN A 411 -9.49 15.03 20.32
C GLN A 411 -10.28 14.49 19.13
N GLU A 412 -9.59 13.78 18.24
CA GLU A 412 -10.19 13.20 17.04
C GLU A 412 -10.52 11.75 17.34
N ASP A 413 -11.72 11.52 17.87
CA ASP A 413 -12.17 10.18 18.21
C ASP A 413 -12.61 9.43 16.95
N ASN A 414 -12.87 8.13 17.12
CA ASN A 414 -13.39 7.33 16.03
C ASN A 414 -14.83 7.69 15.70
N GLU A 415 -15.54 8.35 16.62
CA GLU A 415 -16.89 8.81 16.36
C GLU A 415 -16.94 10.17 15.68
N THR A 416 -15.95 11.04 15.96
CA THR A 416 -15.87 12.31 15.23
C THR A 416 -15.54 12.08 13.76
N GLU A 417 -14.80 11.02 13.45
CA GLU A 417 -14.48 10.72 12.05
C GLU A 417 -15.67 10.12 11.31
N ILE A 418 -16.49 9.32 12.00
CA ILE A 418 -17.72 8.82 11.37
C ILE A 418 -18.73 9.95 11.17
N ASN A 419 -18.79 10.89 12.12
CA ASN A 419 -19.61 12.08 11.93
C ASN A 419 -19.15 12.86 10.71
N PHE A 420 -17.83 13.01 10.53
CA PHE A 420 -17.31 13.76 9.40
C PHE A 420 -17.56 13.04 8.09
N LEU A 421 -17.30 11.73 8.05
CA LEU A 421 -17.53 10.96 6.83
C LEU A 421 -19.01 10.93 6.47
N LEU A 422 -19.89 10.87 7.48
CA LEU A 422 -21.32 10.88 7.20
C LEU A 422 -21.75 12.21 6.58
N LYS A 423 -21.19 13.32 7.07
CA LYS A 423 -21.50 14.61 6.46
C LYS A 423 -20.95 14.68 5.05
N GLN A 424 -19.77 14.11 4.82
CA GLN A 424 -19.22 14.07 3.47
C GLN A 424 -20.06 13.18 2.56
N ALA A 425 -20.54 12.04 3.08
CA ALA A 425 -21.31 11.13 2.26
C ALA A 425 -22.66 11.71 1.87
N LEU A 426 -23.28 12.49 2.77
CA LEU A 426 -24.55 13.13 2.43
C LEU A 426 -24.39 14.09 1.25
N THR A 427 -23.22 14.65 1.07
CA THR A 427 -22.93 15.57 -0.04
C THR A 427 -22.28 14.88 -1.23
N ILE A 428 -21.31 14.01 -0.98
CA ILE A 428 -20.54 13.41 -2.07
C ILE A 428 -21.28 12.22 -2.66
N VAL A 429 -21.48 11.17 -1.85
CA VAL A 429 -22.12 9.96 -2.37
C VAL A 429 -23.63 10.13 -2.53
N GLY A 430 -24.23 11.12 -1.87
CA GLY A 430 -25.66 11.32 -1.98
C GLY A 430 -26.08 11.87 -3.32
N THR A 431 -25.19 12.58 -4.01
CA THR A 431 -25.51 13.20 -5.29
C THR A 431 -25.23 12.30 -6.48
N LEU A 432 -24.57 11.15 -6.27
CA LEU A 432 -24.22 10.30 -7.40
C LEU A 432 -25.43 9.67 -8.09
N PRO A 433 -26.37 9.02 -7.39
CA PRO A 433 -27.56 8.52 -8.08
C PRO A 433 -28.42 9.62 -8.67
N PHE A 434 -28.49 10.78 -8.02
CA PHE A 434 -29.24 11.90 -8.59
C PHE A 434 -28.62 12.39 -9.88
N THR A 435 -27.30 12.51 -9.91
CA THR A 435 -26.62 13.01 -11.11
C THR A 435 -26.75 12.02 -12.26
N TYR A 436 -26.51 10.73 -11.99
CA TYR A 436 -26.60 9.73 -13.05
C TYR A 436 -28.02 9.62 -13.60
N MET A 437 -29.02 9.54 -12.70
CA MET A 437 -30.39 9.39 -13.15
C MET A 437 -30.86 10.59 -13.96
N LEU A 438 -30.44 11.80 -13.56
CA LEU A 438 -30.82 12.99 -14.29
C LEU A 438 -30.26 12.98 -15.71
N GLU A 439 -28.95 12.75 -15.83
CA GLU A 439 -28.33 12.74 -17.16
C GLU A 439 -28.79 11.54 -17.98
N LYS A 440 -29.11 10.42 -17.31
CA LYS A 440 -29.65 9.27 -18.03
C LYS A 440 -31.02 9.58 -18.63
N TRP A 441 -31.84 10.34 -17.90
CA TRP A 441 -33.16 10.69 -18.40
C TRP A 441 -33.06 11.62 -19.62
N ARG A 442 -32.18 12.61 -19.56
CA ARG A 442 -32.00 13.50 -20.71
C ARG A 442 -31.34 12.79 -21.88
N TRP A 443 -30.44 11.84 -21.61
CA TRP A 443 -29.86 11.05 -22.68
C TRP A 443 -30.93 10.26 -23.43
N MET A 444 -31.85 9.65 -22.69
CA MET A 444 -32.91 8.88 -23.33
C MET A 444 -33.89 9.79 -24.08
N VAL A 445 -34.19 10.97 -23.53
CA VAL A 445 -35.09 11.89 -24.19
C VAL A 445 -34.48 12.38 -25.50
N PHE A 446 -33.20 12.76 -25.47
CA PHE A 446 -32.52 13.18 -26.68
C PHE A 446 -32.38 12.04 -27.67
N LYS A 447 -32.03 10.84 -27.18
CA LYS A 447 -31.89 9.68 -28.05
C LYS A 447 -33.22 9.25 -28.65
N GLY A 448 -34.34 9.68 -28.07
CA GLY A 448 -35.64 9.31 -28.58
C GLY A 448 -36.24 8.05 -27.97
N GLU A 449 -35.81 7.67 -26.77
CA GLU A 449 -36.35 6.48 -26.11
C GLU A 449 -37.49 6.79 -25.16
N ILE A 450 -37.73 8.06 -24.84
CA ILE A 450 -38.83 8.46 -23.97
C ILE A 450 -39.76 9.38 -24.74
N PRO A 451 -40.95 8.91 -25.14
CA PRO A 451 -41.88 9.78 -25.87
C PRO A 451 -42.39 10.91 -25.00
N LYS A 452 -42.94 11.92 -25.67
CA LYS A 452 -43.43 13.11 -24.95
C LYS A 452 -44.58 12.79 -24.02
N ASP A 453 -45.42 11.82 -24.38
CA ASP A 453 -46.59 11.49 -23.57
C ASP A 453 -46.24 10.73 -22.30
N GLN A 454 -44.96 10.47 -22.04
CA GLN A 454 -44.55 9.79 -20.81
C GLN A 454 -43.19 10.31 -20.35
N TRP A 455 -42.96 11.61 -20.49
CA TRP A 455 -41.73 12.22 -19.99
C TRP A 455 -41.67 12.16 -18.47
N MET A 456 -42.70 12.69 -17.80
CA MET A 456 -42.71 12.69 -16.34
C MET A 456 -43.01 11.32 -15.77
N LYS A 457 -43.75 10.49 -16.51
CA LYS A 457 -44.01 9.13 -16.06
C LYS A 457 -42.73 8.32 -15.99
N LYS A 458 -41.90 8.41 -17.03
CA LYS A 458 -40.61 7.73 -17.01
C LYS A 458 -39.60 8.43 -16.11
N TRP A 459 -39.78 9.74 -15.87
CA TRP A 459 -38.88 10.47 -14.99
C TRP A 459 -38.95 9.94 -13.56
N TRP A 460 -40.16 9.72 -13.06
CA TRP A 460 -40.32 9.24 -11.70
C TRP A 460 -40.17 7.72 -11.58
N GLU A 461 -40.36 6.98 -12.67
CA GLU A 461 -40.02 5.56 -12.65
C GLU A 461 -38.53 5.35 -12.43
N MET A 462 -37.70 6.26 -12.97
CA MET A 462 -36.26 6.18 -12.75
C MET A 462 -35.88 6.74 -11.39
N LYS A 463 -36.58 7.78 -10.92
CA LYS A 463 -36.36 8.30 -9.57
C LYS A 463 -36.59 7.21 -8.52
N ARG A 464 -37.65 6.42 -8.70
CA ARG A 464 -37.93 5.36 -7.74
C ARG A 464 -36.90 4.24 -7.82
N GLU A 465 -36.50 3.85 -9.03
CA GLU A 465 -35.64 2.69 -9.20
C GLU A 465 -34.18 3.04 -8.96
N ILE A 466 -33.70 4.15 -9.52
CA ILE A 466 -32.29 4.51 -9.44
C ILE A 466 -32.00 5.26 -8.16
N VAL A 467 -32.67 6.40 -7.97
CA VAL A 467 -32.38 7.25 -6.82
C VAL A 467 -33.06 6.72 -5.56
N GLY A 468 -34.16 5.99 -5.70
CA GLY A 468 -34.90 5.56 -4.53
C GLY A 468 -35.69 6.69 -3.89
N VAL A 469 -36.26 7.57 -4.72
CA VAL A 469 -36.99 8.74 -4.24
C VAL A 469 -38.35 8.75 -4.92
N VAL A 470 -39.40 8.91 -4.11
CA VAL A 470 -40.78 8.92 -4.59
C VAL A 470 -41.33 10.33 -4.47
N GLU A 471 -42.20 10.69 -5.42
CA GLU A 471 -42.79 12.03 -5.38
C GLU A 471 -43.89 12.08 -4.33
N PRO A 472 -44.03 13.21 -3.62
CA PRO A 472 -45.08 13.30 -2.59
C PRO A 472 -46.48 13.46 -3.17
N VAL A 473 -46.62 14.14 -4.30
CA VAL A 473 -47.92 14.32 -4.95
C VAL A 473 -47.80 13.94 -6.42
N PRO A 474 -48.85 13.38 -7.03
CA PRO A 474 -48.72 12.88 -8.41
C PRO A 474 -48.59 14.01 -9.41
N HIS A 475 -47.74 13.78 -10.42
CA HIS A 475 -47.49 14.74 -11.49
C HIS A 475 -47.79 14.07 -12.82
N ASP A 476 -48.60 14.74 -13.65
CA ASP A 476 -48.88 14.26 -15.00
C ASP A 476 -47.79 14.76 -15.94
N GLU A 477 -48.03 14.70 -17.25
CA GLU A 477 -47.07 15.23 -18.20
C GLU A 477 -47.15 16.76 -18.34
N THR A 478 -48.08 17.39 -17.62
CA THR A 478 -48.15 18.86 -17.64
C THR A 478 -47.02 19.47 -16.83
N TYR A 479 -46.59 18.81 -15.77
CA TYR A 479 -45.47 19.30 -14.98
C TYR A 479 -44.16 19.06 -15.74
N CYS A 480 -43.09 19.67 -15.22
CA CYS A 480 -41.75 19.48 -15.81
C CYS A 480 -40.73 19.63 -14.69
N ASP A 481 -40.72 18.65 -13.79
CA ASP A 481 -39.84 18.69 -12.64
C ASP A 481 -38.36 18.71 -12.99
N PRO A 482 -37.86 17.94 -13.97
CA PRO A 482 -36.42 18.06 -14.31
C PRO A 482 -36.00 19.47 -14.71
N ALA A 483 -36.86 20.20 -15.43
CA ALA A 483 -36.51 21.56 -15.82
C ALA A 483 -36.47 22.51 -14.64
N SER A 484 -37.06 22.13 -13.50
CA SER A 484 -37.02 22.97 -12.31
C SER A 484 -35.64 23.04 -11.67
N LEU A 485 -34.66 22.30 -12.21
CA LEU A 485 -33.28 22.40 -11.78
C LEU A 485 -32.52 23.35 -12.70
N PHE A 486 -31.52 24.03 -12.12
CA PHE A 486 -30.79 25.05 -12.87
C PHE A 486 -30.11 24.47 -14.10
N HIS A 487 -29.37 23.38 -13.93
CA HIS A 487 -28.55 22.86 -15.03
C HIS A 487 -29.40 22.37 -16.20
N VAL A 488 -30.64 21.96 -15.93
CA VAL A 488 -31.49 21.45 -17.01
C VAL A 488 -32.10 22.58 -17.81
N SER A 489 -32.62 23.60 -17.13
CA SER A 489 -33.26 24.72 -17.81
C SER A 489 -32.28 25.77 -18.32
N ASN A 490 -30.99 25.66 -17.96
CA ASN A 490 -29.98 26.61 -18.41
C ASN A 490 -29.00 26.00 -19.41
N ASP A 491 -29.31 24.83 -19.96
CA ASP A 491 -28.52 24.20 -21.03
C ASP A 491 -27.09 23.93 -20.58
N TYR A 492 -26.96 23.08 -19.57
CA TYR A 492 -25.67 22.64 -19.07
C TYR A 492 -25.67 21.12 -18.96
N SER A 493 -24.59 20.50 -19.42
CA SER A 493 -24.42 19.06 -19.20
C SER A 493 -24.30 18.79 -17.70
N PHE A 494 -24.75 17.61 -17.29
CA PHE A 494 -24.75 17.26 -15.87
C PHE A 494 -23.86 16.08 -15.54
N ILE A 495 -23.44 15.28 -16.52
CA ILE A 495 -22.56 14.15 -16.26
C ILE A 495 -21.18 14.57 -15.77
N ARG A 496 -20.85 15.86 -15.89
CA ARG A 496 -19.55 16.34 -15.42
C ARG A 496 -19.41 16.18 -13.91
N TYR A 497 -20.52 16.26 -13.17
CA TYR A 497 -20.47 16.12 -11.73
C TYR A 497 -20.27 14.67 -11.29
N TYR A 498 -20.61 13.71 -12.15
CA TYR A 498 -20.33 12.31 -11.83
C TYR A 498 -18.87 11.99 -12.08
N THR A 499 -18.33 12.42 -13.22
CA THR A 499 -16.93 12.13 -13.53
C THR A 499 -15.99 12.89 -12.60
N ARG A 500 -16.33 14.14 -12.27
CA ARG A 500 -15.48 14.91 -11.38
C ARG A 500 -15.42 14.30 -9.98
N THR A 501 -16.51 13.66 -9.56
CA THR A 501 -16.53 13.03 -8.24
C THR A 501 -15.54 11.86 -8.18
N LEU A 502 -15.51 11.03 -9.22
CA LEU A 502 -14.54 9.94 -9.24
C LEU A 502 -13.13 10.46 -9.49
N TYR A 503 -12.99 11.56 -10.23
CA TYR A 503 -11.67 12.11 -10.49
C TYR A 503 -11.03 12.66 -9.22
N GLN A 504 -11.81 13.37 -8.39
CA GLN A 504 -11.23 14.05 -7.23
C GLN A 504 -10.67 13.06 -6.22
N PHE A 505 -11.23 11.86 -6.13
CA PHE A 505 -10.72 10.85 -5.22
C PHE A 505 -9.57 10.03 -5.82
N GLN A 506 -9.55 9.86 -7.14
CA GLN A 506 -8.36 9.33 -7.78
C GLN A 506 -7.20 10.29 -7.64
N PHE A 507 -7.46 11.60 -7.75
CA PHE A 507 -6.42 12.59 -7.54
C PHE A 507 -5.96 12.59 -6.09
N GLN A 508 -6.91 12.57 -5.14
CA GLN A 508 -6.55 12.61 -3.72
C GLN A 508 -5.70 11.40 -3.35
N GLU A 509 -6.15 10.20 -3.72
CA GLU A 509 -5.37 9.00 -3.43
C GLU A 509 -3.99 9.05 -4.07
N ALA A 510 -3.91 9.57 -5.31
CA ALA A 510 -2.62 9.66 -5.98
C ALA A 510 -1.71 10.69 -5.33
N LEU A 511 -2.27 11.81 -4.88
CA LEU A 511 -1.46 12.85 -4.26
C LEU A 511 -1.05 12.44 -2.83
N CYS A 512 -1.95 11.80 -2.09
CA CYS A 512 -1.62 11.38 -0.74
C CYS A 512 -0.55 10.28 -0.73
N GLN A 513 -0.48 9.49 -1.80
CA GLN A 513 0.65 8.57 -1.96
C GLN A 513 1.94 9.34 -2.23
N ALA A 514 1.88 10.34 -3.10
CA ALA A 514 3.04 11.21 -3.31
C ALA A 514 3.32 12.06 -2.08
N ALA A 515 2.29 12.41 -1.31
CA ALA A 515 2.47 13.10 -0.04
C ALA A 515 2.87 12.14 1.07
N LYS A 516 3.03 10.85 0.77
CA LYS A 516 3.50 9.86 1.74
C LYS A 516 2.57 9.73 2.94
N HIS A 517 1.28 9.95 2.72
CA HIS A 517 0.30 9.81 3.79
C HIS A 517 0.15 8.34 4.18
N GLU A 518 -0.11 8.12 5.47
CA GLU A 518 -0.17 6.77 6.02
C GLU A 518 -1.48 6.43 6.71
N GLY A 519 -2.24 7.42 7.17
CA GLY A 519 -3.49 7.17 7.85
C GLY A 519 -4.64 6.97 6.87
N PRO A 520 -5.86 7.14 7.36
CA PRO A 520 -7.03 7.05 6.46
C PRO A 520 -6.98 8.13 5.39
N LEU A 521 -7.64 7.86 4.27
CA LEU A 521 -7.60 8.79 3.14
C LEU A 521 -8.26 10.11 3.46
N HIS A 522 -9.30 10.10 4.31
CA HIS A 522 -10.02 11.33 4.63
C HIS A 522 -9.26 12.24 5.59
N LYS A 523 -8.21 11.74 6.24
CA LYS A 523 -7.38 12.54 7.13
C LYS A 523 -6.13 13.07 6.44
N CYS A 524 -6.07 12.99 5.10
CA CYS A 524 -4.88 13.36 4.36
C CYS A 524 -4.87 14.84 4.01
N ASP A 525 -3.70 15.46 4.18
CA ASP A 525 -3.46 16.84 3.78
C ASP A 525 -2.20 16.85 2.94
N ILE A 526 -2.32 17.29 1.69
CA ILE A 526 -1.21 17.24 0.75
C ILE A 526 -0.32 18.47 0.93
N SER A 527 -0.46 19.15 2.06
CA SER A 527 0.38 20.30 2.34
C SER A 527 1.83 19.87 2.53
N ASN A 528 2.74 20.77 2.15
CA ASN A 528 4.20 20.63 2.20
C ASN A 528 4.76 19.68 1.16
N SER A 529 3.90 18.99 0.40
CA SER A 529 4.35 17.91 -0.47
C SER A 529 4.71 18.49 -1.84
N THR A 530 5.98 18.86 -1.99
CA THR A 530 6.47 19.31 -3.29
C THR A 530 6.39 18.20 -4.33
N GLU A 531 6.51 16.93 -3.91
CA GLU A 531 6.35 15.82 -4.84
C GLU A 531 4.92 15.74 -5.37
N ALA A 532 3.94 15.84 -4.48
CA ALA A 532 2.55 15.83 -4.93
C ALA A 532 2.23 17.07 -5.75
N GLY A 533 2.80 18.22 -5.39
CA GLY A 533 2.58 19.41 -6.16
C GLY A 533 3.21 19.32 -7.55
N GLN A 534 4.42 18.77 -7.63
CA GLN A 534 5.04 18.55 -8.93
C GLN A 534 4.30 17.48 -9.72
N LYS A 535 3.79 16.45 -9.03
CA LYS A 535 3.03 15.40 -9.70
C LYS A 535 1.71 15.93 -10.24
N LEU A 536 1.08 16.85 -9.50
CA LEU A 536 -0.17 17.45 -9.96
C LEU A 536 0.09 18.50 -11.03
N PHE A 537 1.15 19.31 -10.88
CA PHE A 537 1.46 20.33 -11.87
C PHE A 537 1.79 19.71 -13.22
N ASN A 538 2.34 18.49 -13.23
CA ASN A 538 2.65 17.84 -14.49
C ASN A 538 1.41 17.56 -15.33
N MET A 539 0.22 17.53 -14.70
CA MET A 539 -1.02 17.39 -15.43
C MET A 539 -1.76 18.70 -15.64
N LEU A 540 -1.61 19.65 -14.70
CA LEU A 540 -2.26 20.94 -14.87
C LEU A 540 -1.66 21.72 -16.04
N ARG A 541 -0.34 21.59 -16.24
CA ARG A 541 0.31 22.27 -17.35
C ARG A 541 -0.12 21.73 -18.70
N LEU A 542 -0.61 20.48 -18.75
CA LEU A 542 -1.00 19.89 -20.02
C LEU A 542 -2.18 20.62 -20.64
N GLY A 543 -3.09 21.12 -19.82
CA GLY A 543 -4.28 21.76 -20.35
C GLY A 543 -5.12 20.75 -21.10
N LYS A 544 -5.50 21.09 -22.33
CA LYS A 544 -6.23 20.19 -23.20
C LYS A 544 -5.37 19.66 -24.34
N SER A 545 -4.05 19.84 -24.25
CA SER A 545 -3.16 19.34 -25.29
C SER A 545 -3.11 17.82 -25.29
N GLU A 546 -2.80 17.23 -24.17
CA GLU A 546 -2.81 15.78 -24.12
C GLU A 546 -4.23 15.29 -23.80
N PRO A 547 -4.58 14.08 -24.28
CA PRO A 547 -5.90 13.54 -23.96
C PRO A 547 -6.09 13.39 -22.47
N TRP A 548 -7.37 13.47 -22.05
CA TRP A 548 -7.67 13.37 -20.62
C TRP A 548 -7.26 12.01 -20.05
N THR A 549 -7.29 10.97 -20.88
CA THR A 549 -6.83 9.66 -20.43
C THR A 549 -5.34 9.69 -20.12
N LEU A 550 -4.57 10.44 -20.91
CA LEU A 550 -3.14 10.57 -20.64
C LEU A 550 -2.89 11.50 -19.45
N ALA A 551 -3.63 12.60 -19.38
CA ALA A 551 -3.46 13.52 -18.25
C ALA A 551 -3.84 12.85 -16.93
N LEU A 552 -4.90 12.04 -16.95
CA LEU A 552 -5.26 11.29 -15.74
C LEU A 552 -4.18 10.27 -15.38
N GLU A 553 -3.55 9.67 -16.39
CA GLU A 553 -2.52 8.67 -16.13
C GLU A 553 -1.26 9.31 -15.56
N ASN A 554 -1.01 10.59 -15.86
CA ASN A 554 0.20 11.25 -15.38
C ASN A 554 0.19 11.46 -13.87
N VAL A 555 -0.98 11.34 -13.23
CA VAL A 555 -1.11 11.57 -11.80
C VAL A 555 -1.57 10.31 -11.06
N VAL A 556 -2.61 9.64 -11.57
CA VAL A 556 -3.13 8.46 -10.91
C VAL A 556 -2.56 7.16 -11.48
N GLY A 557 -1.98 7.18 -12.68
CA GLY A 557 -1.45 5.98 -13.26
C GLY A 557 -2.47 5.09 -13.94
N ALA A 558 -3.64 5.62 -14.28
CA ALA A 558 -4.69 4.86 -14.93
C ALA A 558 -5.22 5.65 -16.12
N LYS A 559 -5.62 4.92 -17.16
CA LYS A 559 -6.12 5.52 -18.39
C LYS A 559 -7.62 5.78 -18.37
N ASN A 560 -8.31 5.45 -17.28
CA ASN A 560 -9.74 5.62 -17.20
C ASN A 560 -10.16 5.91 -15.77
N MET A 561 -11.38 6.39 -15.60
CA MET A 561 -11.89 6.67 -14.27
C MET A 561 -12.07 5.37 -13.49
N ASN A 562 -11.83 5.44 -12.19
CA ASN A 562 -11.89 4.27 -11.32
C ASN A 562 -12.69 4.61 -10.08
N VAL A 563 -13.51 3.66 -9.62
CA VAL A 563 -14.35 3.90 -8.46
C VAL A 563 -13.70 3.46 -7.14
N ARG A 564 -12.67 2.63 -7.20
CA ARG A 564 -11.99 2.17 -5.97
C ARG A 564 -11.52 3.30 -5.07
N PRO A 565 -10.88 4.37 -5.57
CA PRO A 565 -10.52 5.47 -4.66
C PRO A 565 -11.70 6.11 -3.97
N LEU A 566 -12.87 6.13 -4.62
CA LEU A 566 -14.07 6.68 -3.99
C LEU A 566 -14.55 5.79 -2.85
N LEU A 567 -14.49 4.47 -3.04
CA LEU A 567 -14.92 3.55 -2.00
C LEU A 567 -13.94 3.51 -0.84
N ASN A 568 -12.65 3.71 -1.11
CA ASN A 568 -11.65 3.70 -0.05
C ASN A 568 -11.80 4.92 0.86
N TYR A 569 -12.25 6.05 0.31
CA TYR A 569 -12.44 7.25 1.12
C TYR A 569 -13.55 7.03 2.15
N PHE A 570 -14.65 6.42 1.74
CA PHE A 570 -15.79 6.17 2.61
C PHE A 570 -15.84 4.74 3.14
N GLU A 571 -14.71 4.03 3.11
CA GLU A 571 -14.71 2.64 3.59
C GLU A 571 -14.98 2.54 5.08
N PRO A 572 -14.38 3.34 5.97
CA PRO A 572 -14.76 3.26 7.39
C PRO A 572 -16.23 3.57 7.65
N LEU A 573 -16.83 4.42 6.83
CA LEU A 573 -18.25 4.72 6.99
C LEU A 573 -19.14 3.64 6.41
N PHE A 574 -18.70 2.98 5.33
CA PHE A 574 -19.52 1.94 4.71
C PHE A 574 -19.71 0.76 5.65
N THR A 575 -18.66 0.37 6.37
CA THR A 575 -18.80 -0.72 7.34
C THR A 575 -19.63 -0.30 8.55
N TRP A 576 -19.65 0.99 8.88
CA TRP A 576 -20.46 1.45 10.00
C TRP A 576 -21.93 1.46 9.64
N LEU A 577 -22.26 1.80 8.38
CA LEU A 577 -23.66 1.79 7.96
C LEU A 577 -24.22 0.38 7.93
N LYS A 578 -23.40 -0.61 7.54
CA LYS A 578 -23.87 -1.98 7.53
C LYS A 578 -24.19 -2.48 8.93
N ASP A 579 -23.42 -2.03 9.93
CA ASP A 579 -23.71 -2.42 11.31
C ASP A 579 -24.97 -1.73 11.81
N GLN A 580 -25.17 -0.47 11.41
CA GLN A 580 -26.36 0.25 11.83
C GLN A 580 -27.62 -0.31 11.19
N ASN A 581 -27.51 -0.82 9.96
CA ASN A 581 -28.65 -1.35 9.21
C ASN A 581 -28.85 -2.85 9.40
N LYS A 582 -28.25 -3.44 10.44
CA LYS A 582 -28.43 -4.87 10.67
C LYS A 582 -29.88 -5.22 11.01
N ASN A 583 -30.59 -4.32 11.67
CA ASN A 583 -32.00 -4.49 11.98
C ASN A 583 -32.89 -3.59 11.12
N SER A 584 -32.35 -3.03 10.05
CA SER A 584 -33.09 -2.18 9.13
C SER A 584 -33.21 -2.87 7.78
N PHE A 585 -33.99 -2.27 6.90
CA PHE A 585 -34.18 -2.77 5.55
C PHE A 585 -33.31 -1.97 4.60
N VAL A 586 -32.35 -2.64 3.97
CA VAL A 586 -31.47 -2.01 2.99
C VAL A 586 -32.08 -2.21 1.61
N GLY A 587 -32.38 -1.11 0.94
CA GLY A 587 -33.12 -1.13 -0.30
C GLY A 587 -34.46 -0.42 -0.17
N TRP A 588 -35.18 -0.39 -1.29
CA TRP A 588 -36.45 0.32 -1.33
C TRP A 588 -37.36 -0.33 -2.37
N SER A 589 -38.66 -0.24 -2.12
CA SER A 589 -39.65 -0.73 -3.06
C SER A 589 -40.08 0.41 -3.97
N THR A 590 -40.11 0.14 -5.27
CA THR A 590 -40.46 1.15 -6.27
C THR A 590 -41.97 1.32 -6.43
N ASP A 591 -42.77 0.80 -5.51
CA ASP A 591 -44.22 0.85 -5.63
C ASP A 591 -44.89 1.73 -4.59
N TRP A 592 -44.27 1.92 -3.43
CA TRP A 592 -44.89 2.72 -2.37
C TRP A 592 -44.86 4.20 -2.72
N SER A 593 -45.93 4.90 -2.37
CA SER A 593 -46.05 6.34 -2.60
C SER A 593 -46.85 6.94 -1.46
N PRO A 594 -46.58 8.20 -1.09
CA PRO A 594 -47.33 8.82 0.01
C PRO A 594 -48.74 9.25 -0.38
N TYR A 595 -49.30 8.67 -1.43
CA TYR A 595 -50.63 9.07 -1.86
C TYR A 595 -51.44 7.92 -2.49
N ALA A 596 -51.01 6.68 -2.36
CA ALA A 596 -51.70 5.56 -3.00
C ALA A 596 -53.11 5.38 -2.46
N THR B 3 -5.07 -56.54 11.12
CA THR B 3 -3.81 -56.14 10.52
C THR B 3 -3.55 -54.67 10.75
N GLU B 4 -4.45 -53.82 10.22
CA GLU B 4 -4.39 -52.40 10.53
C GLU B 4 -4.58 -52.16 12.03
N GLU B 5 -5.51 -52.89 12.64
CA GLU B 5 -5.68 -52.83 14.08
C GLU B 5 -4.50 -53.43 14.84
N ASN B 6 -3.75 -54.33 14.20
CA ASN B 6 -2.49 -54.79 14.77
C ASN B 6 -1.40 -53.74 14.59
N ALA B 7 -1.40 -53.05 13.44
CA ALA B 7 -0.48 -51.95 13.24
C ALA B 7 -0.81 -50.78 14.16
N LYS B 8 -2.09 -50.58 14.47
CA LYS B 8 -2.48 -49.52 15.39
C LYS B 8 -1.90 -49.74 16.77
N THR B 9 -1.99 -50.97 17.29
CA THR B 9 -1.39 -51.27 18.59
C THR B 9 0.12 -51.14 18.55
N PHE B 10 0.75 -51.46 17.41
CA PHE B 10 2.19 -51.25 17.28
C PHE B 10 2.53 -49.77 17.30
N LEU B 11 1.74 -48.95 16.60
CA LEU B 11 1.99 -47.51 16.60
C LEU B 11 1.70 -46.90 17.96
N ASN B 12 0.54 -47.24 18.55
CA ASN B 12 0.16 -46.64 19.82
C ASN B 12 1.08 -47.05 20.96
N ASN B 13 1.52 -48.31 20.97
CA ASN B 13 2.48 -48.73 21.98
C ASN B 13 3.81 -48.00 21.82
N PHE B 14 4.17 -47.68 20.57
CA PHE B 14 5.37 -46.88 20.34
C PHE B 14 5.17 -45.44 20.81
N ASN B 15 4.04 -44.84 20.42
CA ASN B 15 3.81 -43.42 20.72
C ASN B 15 3.82 -43.16 22.23
N GLN B 16 3.25 -44.08 23.01
CA GLN B 16 3.22 -43.89 24.45
C GLN B 16 4.61 -44.03 25.05
N GLU B 17 5.39 -45.00 24.56
CA GLU B 17 6.71 -45.24 25.13
C GLU B 17 7.78 -44.31 24.56
N ALA B 18 7.60 -43.85 23.32
CA ALA B 18 8.60 -42.97 22.71
C ALA B 18 8.55 -41.56 23.28
N GLU B 19 7.36 -41.06 23.62
CA GLU B 19 7.25 -39.71 24.13
C GLU B 19 7.99 -39.52 25.44
N ASP B 20 8.10 -40.59 26.24
CA ASP B 20 8.83 -40.49 27.51
C ASP B 20 10.33 -40.61 27.31
N LEU B 21 10.77 -41.51 26.45
CA LEU B 21 12.21 -41.68 26.23
C LEU B 21 12.79 -40.53 25.41
N SER B 22 12.02 -40.00 24.45
CA SER B 22 12.49 -38.87 23.67
C SER B 22 12.55 -37.60 24.53
N TYR B 23 11.65 -37.48 25.50
CA TYR B 23 11.67 -36.31 26.38
C TYR B 23 12.87 -36.34 27.32
N GLN B 24 13.21 -37.53 27.83
CA GLN B 24 14.39 -37.65 28.69
C GLN B 24 15.67 -37.37 27.92
N SER B 25 15.72 -37.76 26.65
CA SER B 25 16.91 -37.48 25.84
C SER B 25 16.98 -36.02 25.45
N SER B 26 15.83 -35.39 25.19
CA SER B 26 15.81 -33.98 24.84
C SER B 26 16.19 -33.11 26.03
N LEU B 27 15.63 -33.41 27.20
CA LEU B 27 15.99 -32.68 28.41
C LEU B 27 17.43 -32.92 28.82
N ALA B 28 17.97 -34.10 28.52
CA ALA B 28 19.36 -34.39 28.84
C ALA B 28 20.31 -33.55 27.98
N SER B 29 20.01 -33.44 26.69
CA SER B 29 20.83 -32.61 25.80
C SER B 29 20.61 -31.13 26.04
N TRP B 30 19.44 -30.74 26.58
CA TRP B 30 19.23 -29.34 26.94
C TRP B 30 20.11 -28.94 28.11
N ASN B 31 20.18 -29.79 29.15
CA ASN B 31 21.03 -29.51 30.30
C ASN B 31 22.50 -29.49 29.94
N TYR B 32 22.87 -30.04 28.79
CA TYR B 32 24.25 -29.96 28.32
C TYR B 32 24.50 -28.70 27.52
N ASN B 33 23.63 -28.40 26.55
CA ASN B 33 23.82 -27.21 25.73
C ASN B 33 23.65 -25.91 26.52
N THR B 34 23.00 -25.97 27.68
CA THR B 34 22.83 -24.81 28.55
C THR B 34 23.74 -24.84 29.77
N ASN B 35 24.44 -25.95 30.00
CA ASN B 35 25.32 -26.12 31.14
C ASN B 35 26.35 -27.21 30.83
N ILE B 36 27.41 -26.85 30.12
CA ILE B 36 28.41 -27.81 29.67
C ILE B 36 29.27 -28.28 30.85
N THR B 37 28.86 -29.37 31.48
CA THR B 37 29.62 -30.03 32.53
C THR B 37 29.84 -31.50 32.16
N GLU B 38 30.70 -32.16 32.92
CA GLU B 38 30.94 -33.58 32.68
C GLU B 38 29.75 -34.44 33.08
N GLU B 39 29.03 -34.02 34.12
CA GLU B 39 27.86 -34.77 34.55
C GLU B 39 26.73 -34.69 33.51
N ASN B 40 26.64 -33.56 32.79
CA ASN B 40 25.62 -33.39 31.77
C ASN B 40 26.01 -33.95 30.41
N VAL B 41 27.31 -34.08 30.11
CA VAL B 41 27.70 -34.64 28.84
C VAL B 41 27.53 -36.16 28.82
N GLN B 42 27.61 -36.82 29.97
CA GLN B 42 27.40 -38.27 30.02
C GLN B 42 25.92 -38.62 30.07
N ASN B 43 25.12 -37.82 30.79
CA ASN B 43 23.68 -38.06 30.82
C ASN B 43 23.04 -37.87 29.44
N MET B 44 23.62 -37.00 28.60
CA MET B 44 23.09 -36.84 27.25
C MET B 44 23.34 -38.09 26.41
N ASN B 45 24.50 -38.72 26.58
CA ASN B 45 24.81 -39.92 25.81
C ASN B 45 24.07 -41.15 26.37
N ASN B 46 23.92 -41.23 27.68
CA ASN B 46 23.19 -42.35 28.28
C ASN B 46 21.71 -42.30 27.87
N ALA B 47 21.07 -41.15 28.06
CA ALA B 47 19.68 -41.00 27.62
C ALA B 47 19.57 -41.02 26.10
N GLY B 48 20.64 -40.68 25.39
CA GLY B 48 20.63 -40.73 23.94
C GLY B 48 20.72 -42.15 23.42
N ASP B 49 21.61 -42.96 24.02
CA ASP B 49 21.72 -44.36 23.63
C ASP B 49 20.47 -45.13 24.01
N LYS B 50 19.87 -44.78 25.15
CA LYS B 50 18.62 -45.44 25.56
C LYS B 50 17.50 -45.13 24.57
N TRP B 51 17.42 -43.88 24.12
CA TRP B 51 16.44 -43.55 23.08
C TRP B 51 16.84 -44.15 21.74
N SER B 52 18.15 -44.20 21.46
CA SER B 52 18.61 -44.81 20.21
C SER B 52 18.34 -46.31 20.19
N ALA B 53 18.63 -46.99 21.30
CA ALA B 53 18.38 -48.43 21.37
C ALA B 53 16.89 -48.72 21.31
N PHE B 54 16.07 -47.87 21.91
CA PHE B 54 14.61 -48.01 21.78
C PHE B 54 14.17 -47.80 20.34
N LEU B 55 14.79 -46.82 19.65
CA LEU B 55 14.46 -46.59 18.25
C LEU B 55 14.92 -47.76 17.39
N LYS B 56 16.04 -48.38 17.73
CA LYS B 56 16.46 -49.60 17.04
C LYS B 56 15.54 -50.76 17.40
N GLU B 57 15.06 -50.79 18.64
CA GLU B 57 14.16 -51.86 19.08
C GLU B 57 12.89 -51.89 18.24
N GLN B 58 12.26 -50.73 18.07
CA GLN B 58 11.04 -50.68 17.27
C GLN B 58 11.31 -50.78 15.77
N SER B 59 12.55 -50.56 15.35
CA SER B 59 12.90 -50.76 13.94
C SER B 59 12.86 -52.23 13.56
N LYS B 60 13.03 -53.14 14.53
CA LYS B 60 13.05 -54.55 14.21
C LYS B 60 11.65 -55.05 13.84
N THR B 61 10.62 -54.56 14.54
CA THR B 61 9.26 -55.01 14.28
C THR B 61 8.56 -54.21 13.20
N ALA B 62 9.09 -53.04 12.84
CA ALA B 62 8.59 -52.35 11.65
C ALA B 62 8.87 -53.14 10.39
N GLN B 63 9.89 -54.00 10.41
CA GLN B 63 10.18 -54.85 9.25
C GLN B 63 9.12 -55.95 9.10
N SER B 64 8.73 -56.58 10.21
CA SER B 64 7.78 -57.69 10.16
C SER B 64 6.43 -57.27 9.61
N PHE B 65 6.10 -55.99 9.68
CA PHE B 65 4.87 -55.46 9.09
C PHE B 65 5.18 -55.04 7.66
N SER B 66 4.59 -55.76 6.70
CA SER B 66 4.79 -55.43 5.29
C SER B 66 3.98 -54.20 4.91
N LEU B 67 3.03 -54.36 3.99
CA LEU B 67 2.23 -53.22 3.53
C LEU B 67 0.99 -53.75 2.83
N GLN B 68 0.41 -52.95 1.94
CA GLN B 68 -0.75 -53.27 1.12
C GLN B 68 -2.02 -53.59 1.91
N GLU B 69 -1.88 -54.12 3.13
CA GLU B 69 -3.06 -54.42 3.93
C GLU B 69 -3.59 -53.21 4.67
N ILE B 70 -2.88 -52.08 4.60
CA ILE B 70 -3.27 -50.85 5.27
C ILE B 70 -3.92 -49.92 4.25
N GLN B 71 -5.09 -49.38 4.60
CA GLN B 71 -5.79 -48.43 3.74
C GLN B 71 -5.72 -46.99 4.23
N THR B 72 -5.62 -46.78 5.54
CA THR B 72 -5.56 -45.43 6.06
C THR B 72 -4.20 -44.81 5.76
N PRO B 73 -4.16 -43.56 5.29
CA PRO B 73 -2.86 -42.99 4.89
C PRO B 73 -1.91 -42.73 6.04
N ILE B 74 -2.42 -42.30 7.20
CA ILE B 74 -1.53 -41.97 8.32
C ILE B 74 -0.77 -43.20 8.81
N ILE B 75 -1.39 -44.38 8.72
CA ILE B 75 -0.71 -45.60 9.16
C ILE B 75 0.48 -45.91 8.27
N LYS B 76 0.41 -45.54 6.99
CA LYS B 76 1.49 -45.85 6.07
C LYS B 76 2.73 -45.00 6.34
N ARG B 77 2.53 -43.70 6.60
CA ARG B 77 3.66 -42.80 6.80
C ARG B 77 4.43 -43.13 8.07
N GLN B 78 3.71 -43.51 9.13
CA GLN B 78 4.36 -43.77 10.41
C GLN B 78 5.27 -44.99 10.35
N LEU B 79 4.88 -46.01 9.57
CA LEU B 79 5.69 -47.21 9.48
C LEU B 79 7.04 -46.93 8.83
N GLN B 80 7.06 -46.13 7.76
CA GLN B 80 8.32 -45.86 7.07
C GLN B 80 9.31 -45.13 7.98
N ALA B 81 8.82 -44.33 8.92
CA ALA B 81 9.71 -43.67 9.86
C ALA B 81 10.36 -44.66 10.81
N LEU B 82 9.61 -45.68 11.23
CA LEU B 82 10.16 -46.72 12.10
C LEU B 82 11.00 -47.72 11.33
N GLN B 83 10.67 -47.96 10.06
CA GLN B 83 11.42 -48.90 9.22
C GLN B 83 12.81 -48.40 8.86
N GLN B 84 13.18 -47.18 9.28
CA GLN B 84 14.52 -46.68 9.02
C GLN B 84 15.55 -47.57 9.69
N ASN B 85 16.38 -48.23 8.90
CA ASN B 85 17.50 -48.96 9.48
C ASN B 85 18.49 -48.01 10.14
N GLY B 86 18.63 -46.79 9.62
CA GLY B 86 19.56 -45.86 10.22
C GLY B 86 20.98 -46.35 10.03
N SER B 87 21.78 -46.24 11.08
CA SER B 87 23.15 -46.74 11.04
C SER B 87 23.18 -48.26 11.22
N SER B 88 22.44 -48.96 10.36
CA SER B 88 22.37 -50.41 10.47
C SER B 88 23.70 -51.08 10.18
N VAL B 89 24.68 -50.33 9.68
CA VAL B 89 26.03 -50.87 9.50
C VAL B 89 26.69 -51.15 10.84
N LEU B 90 26.17 -50.55 11.92
CA LEU B 90 26.56 -50.75 13.33
C LEU B 90 27.68 -51.75 13.61
N SER B 91 28.76 -51.69 12.84
CA SER B 91 29.93 -52.54 13.08
C SER B 91 30.72 -51.91 14.22
N GLU B 92 30.52 -52.45 15.44
CA GLU B 92 31.06 -51.93 16.70
C GLU B 92 32.40 -51.19 16.61
N ASP B 93 33.26 -51.59 15.68
CA ASP B 93 34.50 -50.84 15.48
C ASP B 93 34.24 -49.58 14.67
N LYS B 94 33.39 -49.68 13.65
CA LYS B 94 33.05 -48.51 12.84
C LYS B 94 32.13 -47.55 13.59
N SER B 95 31.20 -48.09 14.39
CA SER B 95 30.25 -47.24 15.12
C SER B 95 30.95 -46.45 16.21
N LYS B 96 31.93 -47.06 16.90
CA LYS B 96 32.69 -46.29 17.87
C LYS B 96 33.58 -45.27 17.19
N ARG B 97 34.15 -45.63 16.03
CA ARG B 97 34.97 -44.70 15.27
C ARG B 97 34.14 -43.58 14.66
N LEU B 98 32.90 -43.87 14.27
CA LEU B 98 32.03 -42.83 13.71
C LEU B 98 31.69 -41.78 14.76
N ASN B 99 31.30 -42.22 15.97
CA ASN B 99 30.98 -41.27 17.03
C ASN B 99 32.20 -40.54 17.58
N THR B 100 33.41 -41.10 17.42
CA THR B 100 34.59 -40.38 17.88
C THR B 100 34.89 -39.19 16.98
N ILE B 101 34.83 -39.38 15.66
CA ILE B 101 35.11 -38.28 14.74
C ILE B 101 33.97 -37.27 14.74
N LEU B 102 32.73 -37.75 14.85
CA LEU B 102 31.59 -36.84 14.92
C LEU B 102 31.69 -35.95 16.15
N ASN B 103 32.16 -36.49 17.27
CA ASN B 103 32.36 -35.69 18.47
C ASN B 103 33.64 -34.88 18.42
N THR B 104 34.71 -35.43 17.84
CA THR B 104 35.98 -34.70 17.79
C THR B 104 35.88 -33.48 16.90
N MET B 105 35.17 -33.59 15.77
CA MET B 105 34.97 -32.45 14.90
C MET B 105 34.13 -31.38 15.61
N SER B 106 33.03 -31.80 16.25
CA SER B 106 32.21 -30.85 17.00
C SER B 106 32.96 -30.26 18.17
N THR B 107 33.90 -31.01 18.76
CA THR B 107 34.63 -30.51 19.92
C THR B 107 35.61 -29.42 19.52
N ILE B 108 36.51 -29.72 18.58
CA ILE B 108 37.54 -28.76 18.17
C ILE B 108 36.94 -27.53 17.50
N TYR B 109 35.74 -27.65 16.93
CA TYR B 109 35.09 -26.48 16.36
C TYR B 109 34.66 -25.50 17.45
N SER B 110 34.10 -26.01 18.55
CA SER B 110 33.64 -25.15 19.63
C SER B 110 34.74 -24.76 20.60
N THR B 111 35.81 -25.54 20.69
CA THR B 111 36.92 -25.25 21.60
C THR B 111 38.15 -24.70 20.90
N GLY B 112 38.18 -24.69 19.57
CA GLY B 112 39.35 -24.20 18.86
C GLY B 112 39.51 -22.71 19.03
N LYS B 113 40.72 -22.27 19.37
CA LYS B 113 41.05 -20.87 19.53
C LYS B 113 42.38 -20.61 18.83
N VAL B 114 42.49 -19.46 18.19
CA VAL B 114 43.71 -19.06 17.51
C VAL B 114 44.42 -18.01 18.35
N CYS B 115 45.75 -18.05 18.32
CA CYS B 115 46.56 -17.15 19.12
C CYS B 115 47.38 -16.24 18.21
N ASN B 116 47.68 -15.05 18.69
CA ASN B 116 48.44 -14.08 17.91
C ASN B 116 49.91 -14.46 17.93
N PRO B 117 50.56 -14.59 16.77
CA PRO B 117 52.01 -14.83 16.78
C PRO B 117 52.81 -13.72 17.43
N ASP B 118 52.32 -12.47 17.37
CA ASP B 118 53.01 -11.38 18.03
C ASP B 118 52.88 -11.44 19.54
N ASN B 119 51.76 -11.97 20.03
CA ASN B 119 51.51 -12.11 21.47
C ASN B 119 50.90 -13.48 21.72
N PRO B 120 51.72 -14.48 22.08
CA PRO B 120 51.20 -15.84 22.23
C PRO B 120 50.20 -16.00 23.37
N GLN B 121 50.16 -15.09 24.34
CA GLN B 121 49.17 -15.15 25.40
C GLN B 121 47.80 -14.66 24.98
N GLU B 122 47.69 -13.99 23.83
CA GLU B 122 46.42 -13.48 23.34
C GLU B 122 45.83 -14.52 22.39
N CYS B 123 44.84 -15.25 22.86
CA CYS B 123 44.18 -16.28 22.07
C CYS B 123 42.67 -16.01 22.08
N LEU B 124 42.05 -16.08 20.90
CA LEU B 124 40.63 -15.82 20.75
C LEU B 124 39.97 -16.99 20.03
N LEU B 125 38.80 -17.38 20.51
CA LEU B 125 38.01 -18.42 19.86
C LEU B 125 37.08 -17.79 18.81
N LEU B 126 36.23 -18.60 18.21
CA LEU B 126 35.35 -18.10 17.15
C LEU B 126 34.32 -17.11 17.69
N GLU B 127 33.60 -17.50 18.74
CA GLU B 127 32.58 -16.66 19.34
C GLU B 127 32.98 -16.29 20.76
N PRO B 128 32.98 -15.00 21.10
CA PRO B 128 32.67 -13.84 20.26
C PRO B 128 33.94 -13.21 19.69
N GLY B 129 35.07 -13.89 19.83
CA GLY B 129 36.35 -13.33 19.42
C GLY B 129 36.48 -13.10 17.92
N LEU B 130 36.55 -14.20 17.16
CA LEU B 130 36.78 -14.08 15.72
C LEU B 130 35.57 -13.53 14.98
N ASN B 131 34.36 -13.82 15.47
CA ASN B 131 33.16 -13.32 14.79
C ASN B 131 33.06 -11.81 14.87
N GLU B 132 33.53 -11.20 15.97
CA GLU B 132 33.52 -9.75 16.07
C GLU B 132 34.52 -9.13 15.10
N ILE B 133 35.61 -9.83 14.82
CA ILE B 133 36.60 -9.32 13.88
C ILE B 133 36.07 -9.38 12.45
N MET B 134 35.54 -10.54 12.05
CA MET B 134 35.07 -10.72 10.69
C MET B 134 33.86 -9.86 10.35
N ALA B 135 33.13 -9.37 11.35
CA ALA B 135 31.92 -8.61 11.11
C ALA B 135 32.10 -7.10 11.20
N ASN B 136 33.16 -6.63 11.84
CA ASN B 136 33.30 -5.20 12.10
C ASN B 136 34.65 -4.64 11.65
N SER B 137 35.70 -5.43 11.72
CA SER B 137 37.04 -4.93 11.44
C SER B 137 37.18 -4.53 9.98
N LEU B 138 37.94 -3.47 9.74
CA LEU B 138 38.24 -2.99 8.40
C LEU B 138 39.70 -3.11 8.04
N ASP B 139 40.50 -3.76 8.89
CA ASP B 139 41.92 -3.96 8.62
C ASP B 139 42.10 -5.22 7.80
N TYR B 140 42.77 -5.08 6.65
CA TYR B 140 42.99 -6.22 5.77
C TYR B 140 43.81 -7.30 6.47
N ASN B 141 44.89 -6.90 7.15
CA ASN B 141 45.77 -7.88 7.79
C ASN B 141 45.10 -8.52 9.00
N GLU B 142 44.33 -7.73 9.77
CA GLU B 142 43.64 -8.29 10.93
C GLU B 142 42.61 -9.32 10.53
N ARG B 143 41.84 -9.04 9.47
CA ARG B 143 40.86 -10.02 8.99
C ARG B 143 41.55 -11.21 8.34
N LEU B 144 42.63 -10.96 7.60
CA LEU B 144 43.38 -12.06 6.99
C LEU B 144 43.95 -13.01 8.04
N TRP B 145 44.42 -12.45 9.17
CA TRP B 145 44.96 -13.29 10.24
C TRP B 145 43.88 -14.19 10.82
N ALA B 146 42.74 -13.61 11.19
CA ALA B 146 41.66 -14.39 11.79
C ALA B 146 41.11 -15.41 10.80
N TRP B 147 41.06 -15.04 9.51
CA TRP B 147 40.55 -15.97 8.51
C TRP B 147 41.51 -17.13 8.29
N GLU B 148 42.80 -16.86 8.19
CA GLU B 148 43.77 -17.91 7.92
C GLU B 148 44.07 -18.76 9.15
N SER B 149 44.19 -18.11 10.32
CA SER B 149 44.48 -18.87 11.53
C SER B 149 43.37 -19.84 11.87
N TRP B 150 42.12 -19.48 11.60
CA TRP B 150 41.01 -20.39 11.88
C TRP B 150 41.04 -21.60 10.96
N ARG B 151 41.52 -21.44 9.73
CA ARG B 151 41.56 -22.55 8.78
C ARG B 151 42.88 -23.31 8.82
N SER B 152 43.92 -22.74 9.42
CA SER B 152 45.20 -23.41 9.54
C SER B 152 45.37 -24.15 10.86
N GLU B 153 44.63 -23.75 11.89
CA GLU B 153 44.72 -24.42 13.19
C GLU B 153 43.65 -25.51 13.29
N VAL B 154 42.38 -25.10 13.37
CA VAL B 154 41.30 -26.09 13.47
C VAL B 154 40.93 -26.69 12.13
N GLY B 155 41.36 -26.08 11.02
CA GLY B 155 41.07 -26.62 9.70
C GLY B 155 41.94 -27.80 9.32
N LYS B 156 43.24 -27.71 9.63
CA LYS B 156 44.15 -28.79 9.29
C LYS B 156 43.86 -30.04 10.12
N GLN B 157 43.37 -29.87 11.34
CA GLN B 157 43.02 -31.02 12.17
C GLN B 157 41.82 -31.76 11.63
N LEU B 158 40.88 -31.04 11.00
CA LEU B 158 39.69 -31.68 10.44
C LEU B 158 39.98 -32.43 9.15
N ARG B 159 41.12 -32.16 8.51
CA ARG B 159 41.42 -32.83 7.25
C ARG B 159 41.53 -34.34 7.38
N PRO B 160 42.31 -34.91 8.31
CA PRO B 160 42.29 -36.37 8.46
C PRO B 160 40.96 -36.89 8.99
N LEU B 161 40.29 -36.14 9.85
CA LEU B 161 39.02 -36.60 10.41
C LEU B 161 37.91 -36.57 9.37
N TYR B 162 37.92 -35.58 8.48
CA TYR B 162 36.86 -35.48 7.48
C TYR B 162 37.03 -36.53 6.38
N GLU B 163 38.27 -36.97 6.12
CA GLU B 163 38.49 -38.04 5.16
C GLU B 163 37.86 -39.35 5.66
N GLU B 164 38.14 -39.71 6.92
CA GLU B 164 37.50 -40.87 7.51
C GLU B 164 36.00 -40.65 7.69
N TYR B 165 35.58 -39.39 7.87
CA TYR B 165 34.16 -39.10 8.01
C TYR B 165 33.40 -39.41 6.73
N VAL B 166 34.01 -39.15 5.57
CA VAL B 166 33.32 -39.38 4.30
C VAL B 166 33.21 -40.87 4.01
N VAL B 167 34.30 -41.63 4.22
CA VAL B 167 34.28 -43.05 3.89
C VAL B 167 33.37 -43.81 4.84
N LEU B 168 33.32 -43.41 6.12
CA LEU B 168 32.47 -44.10 7.08
C LEU B 168 30.99 -43.77 6.83
N LYS B 169 30.70 -42.50 6.51
CA LYS B 169 29.31 -42.13 6.22
C LYS B 169 28.82 -42.75 4.92
N ASN B 170 29.70 -42.91 3.93
CA ASN B 170 29.29 -43.58 2.70
C ASN B 170 28.99 -45.05 2.93
N GLU B 171 29.78 -45.71 3.79
CA GLU B 171 29.50 -47.10 4.15
C GLU B 171 28.19 -47.24 4.91
N MET B 172 27.71 -46.16 5.53
CA MET B 172 26.42 -46.20 6.20
C MET B 172 25.27 -46.03 5.20
N ALA B 173 25.39 -45.03 4.32
CA ALA B 173 24.31 -44.78 3.35
C ALA B 173 24.24 -45.90 2.33
N ARG B 174 25.39 -46.39 1.86
CA ARG B 174 25.40 -47.46 0.86
C ARG B 174 24.82 -48.75 1.44
N ALA B 175 24.92 -48.95 2.75
CA ALA B 175 24.34 -50.11 3.39
C ALA B 175 22.84 -50.00 3.57
N ASN B 176 22.28 -48.79 3.52
CA ASN B 176 20.84 -48.56 3.62
C ASN B 176 20.20 -48.33 2.27
N HIS B 177 20.76 -48.90 1.20
CA HIS B 177 20.21 -48.79 -0.15
C HIS B 177 20.20 -47.35 -0.65
N TYR B 178 21.33 -46.66 -0.47
CA TYR B 178 21.54 -45.32 -1.01
C TYR B 178 22.84 -45.31 -1.80
N GLU B 179 22.91 -44.37 -2.75
CA GLU B 179 24.11 -44.24 -3.57
C GLU B 179 25.31 -43.80 -2.74
N ASP B 180 25.14 -42.76 -1.94
CA ASP B 180 26.20 -42.23 -1.10
C ASP B 180 25.56 -41.42 0.02
N TYR B 181 26.40 -40.82 0.87
CA TYR B 181 25.87 -40.01 1.96
C TYR B 181 25.14 -38.78 1.44
N GLY B 182 25.58 -38.22 0.32
CA GLY B 182 24.85 -37.11 -0.28
C GLY B 182 23.47 -37.52 -0.76
N ASP B 183 23.35 -38.73 -1.32
CA ASP B 183 22.05 -39.25 -1.70
C ASP B 183 21.19 -39.50 -0.46
N TYR B 184 21.81 -39.82 0.67
CA TYR B 184 21.06 -40.03 1.91
C TYR B 184 20.41 -38.73 2.38
N TRP B 185 21.14 -37.62 2.31
CA TRP B 185 20.57 -36.33 2.72
C TRP B 185 19.45 -35.89 1.79
N ARG B 186 19.62 -36.11 0.48
CA ARG B 186 18.60 -35.71 -0.49
C ARG B 186 17.30 -36.50 -0.35
N GLY B 187 17.30 -37.58 0.42
CA GLY B 187 16.09 -38.36 0.63
C GLY B 187 15.04 -37.68 1.49
N ASP B 188 15.38 -36.57 2.14
CA ASP B 188 14.39 -35.87 2.94
C ASP B 188 13.30 -35.27 2.08
N TYR B 189 13.61 -34.86 0.85
CA TYR B 189 12.64 -34.33 -0.08
C TYR B 189 11.97 -35.43 -0.92
N GLU B 190 12.32 -36.68 -0.68
CA GLU B 190 11.81 -37.78 -1.51
C GLU B 190 10.38 -38.10 -1.12
N VAL B 191 9.49 -38.14 -2.11
CA VAL B 191 8.10 -38.54 -1.94
C VAL B 191 7.84 -39.68 -2.92
N ASN B 192 7.38 -40.80 -2.39
CA ASN B 192 7.15 -42.01 -3.20
C ASN B 192 5.91 -42.71 -2.66
N GLY B 193 4.82 -42.65 -3.41
CA GLY B 193 3.60 -43.31 -2.99
C GLY B 193 2.34 -42.61 -3.48
N VAL B 194 2.40 -41.28 -3.55
CA VAL B 194 1.26 -40.46 -3.94
C VAL B 194 1.36 -40.16 -5.43
N ASP B 195 0.34 -40.53 -6.18
CA ASP B 195 0.33 -40.29 -7.61
C ASP B 195 0.18 -38.81 -7.89
N GLY B 196 1.05 -38.26 -8.75
CA GLY B 196 1.02 -36.86 -9.08
C GLY B 196 1.76 -35.95 -8.12
N TYR B 197 2.36 -36.49 -7.06
CA TYR B 197 3.09 -35.69 -6.08
C TYR B 197 4.44 -36.29 -5.71
N ASP B 198 4.93 -37.24 -6.50
CA ASP B 198 6.20 -37.87 -6.20
C ASP B 198 7.35 -36.90 -6.42
N TYR B 199 8.52 -37.25 -5.88
CA TYR B 199 9.72 -36.42 -6.02
C TYR B 199 10.92 -37.29 -5.72
N SER B 200 11.84 -37.40 -6.67
CA SER B 200 13.01 -38.26 -6.51
C SER B 200 14.17 -37.48 -5.89
N ARG B 201 15.13 -38.23 -5.36
CA ARG B 201 16.29 -37.61 -4.74
C ARG B 201 17.17 -36.90 -5.75
N GLY B 202 17.26 -37.42 -6.98
CA GLY B 202 18.00 -36.75 -8.02
C GLY B 202 17.31 -35.51 -8.56
N GLN B 203 15.99 -35.42 -8.41
CA GLN B 203 15.27 -34.23 -8.86
C GLN B 203 15.68 -32.99 -8.06
N LEU B 204 16.14 -33.19 -6.82
CA LEU B 204 16.58 -32.05 -6.02
C LEU B 204 17.77 -31.35 -6.67
N ILE B 205 18.75 -32.12 -7.14
CA ILE B 205 19.92 -31.54 -7.80
C ILE B 205 19.49 -30.80 -9.07
N GLU B 206 18.54 -31.36 -9.82
CA GLU B 206 18.09 -30.72 -11.04
C GLU B 206 17.34 -29.43 -10.75
N ASP B 207 16.52 -29.42 -9.70
CA ASP B 207 15.72 -28.24 -9.40
C ASP B 207 16.57 -27.14 -8.79
N VAL B 208 17.51 -27.50 -7.90
CA VAL B 208 18.38 -26.50 -7.29
C VAL B 208 19.27 -25.84 -8.33
N GLU B 209 19.78 -26.63 -9.29
CA GLU B 209 20.63 -26.06 -10.33
C GLU B 209 19.82 -25.28 -11.35
N HIS B 210 18.61 -25.74 -11.67
CA HIS B 210 17.78 -25.02 -12.64
C HIS B 210 17.36 -23.66 -12.10
N THR B 211 16.99 -23.59 -10.83
CA THR B 211 16.60 -22.31 -10.24
C THR B 211 17.80 -21.41 -9.96
N PHE B 212 18.98 -22.00 -9.72
CA PHE B 212 20.15 -21.18 -9.45
C PHE B 212 20.62 -20.42 -10.69
N GLU B 213 20.34 -20.94 -11.88
CA GLU B 213 20.72 -20.24 -13.10
C GLU B 213 19.96 -18.92 -13.24
N GLU B 214 18.72 -18.86 -12.75
CA GLU B 214 17.96 -17.62 -12.79
C GLU B 214 18.38 -16.65 -11.72
N ILE B 215 19.10 -17.11 -10.69
CA ILE B 215 19.62 -16.23 -9.65
C ILE B 215 20.95 -15.60 -10.05
N LYS B 216 21.68 -16.23 -10.97
CA LYS B 216 22.96 -15.70 -11.43
C LYS B 216 22.92 -14.24 -11.86
N PRO B 217 21.98 -13.79 -12.71
CA PRO B 217 22.00 -12.37 -13.09
C PRO B 217 21.84 -11.42 -11.92
N LEU B 218 20.94 -11.74 -10.97
CA LEU B 218 20.78 -10.88 -9.81
C LEU B 218 22.01 -10.93 -8.92
N TYR B 219 22.62 -12.10 -8.77
CA TYR B 219 23.80 -12.21 -7.91
C TYR B 219 25.01 -11.53 -8.53
N GLU B 220 25.16 -11.63 -9.86
CA GLU B 220 26.30 -11.00 -10.52
C GLU B 220 26.26 -9.49 -10.36
N HIS B 221 25.07 -8.89 -10.41
CA HIS B 221 24.96 -7.45 -10.23
C HIS B 221 25.19 -7.05 -8.77
N LEU B 222 24.70 -7.87 -7.84
CA LEU B 222 25.02 -7.62 -6.43
C LEU B 222 26.51 -7.79 -6.18
N HIS B 223 27.13 -8.79 -6.81
CA HIS B 223 28.56 -9.00 -6.66
C HIS B 223 29.35 -7.83 -7.20
N ALA B 224 28.94 -7.30 -8.36
CA ALA B 224 29.63 -6.15 -8.94
C ALA B 224 29.44 -4.90 -8.10
N TYR B 225 28.25 -4.74 -7.51
CA TYR B 225 28.01 -3.59 -6.64
C TYR B 225 28.80 -3.70 -5.35
N VAL B 226 28.81 -4.89 -4.73
CA VAL B 226 29.58 -5.08 -3.51
C VAL B 226 31.08 -4.90 -3.77
N ARG B 227 31.56 -5.40 -4.91
CA ARG B 227 32.97 -5.25 -5.23
C ARG B 227 33.36 -3.78 -5.33
N ALA B 228 32.54 -2.97 -6.00
CA ALA B 228 32.85 -1.56 -6.14
C ALA B 228 32.90 -0.84 -4.80
N LYS B 229 31.94 -1.15 -3.91
CA LYS B 229 31.94 -0.52 -2.59
C LYS B 229 33.07 -1.03 -1.71
N LEU B 230 33.44 -2.31 -1.86
CA LEU B 230 34.52 -2.85 -1.05
C LEU B 230 35.89 -2.33 -1.51
N MET B 231 36.02 -1.98 -2.79
CA MET B 231 37.27 -1.39 -3.25
C MET B 231 37.50 -0.02 -2.59
N ASN B 232 36.43 0.73 -2.36
CA ASN B 232 36.57 1.99 -1.64
C ASN B 232 36.88 1.75 -0.16
N ALA B 233 36.45 0.61 0.38
CA ALA B 233 36.73 0.31 1.78
C ALA B 233 38.12 -0.29 1.95
N TYR B 234 38.56 -1.11 1.00
CA TYR B 234 39.89 -1.72 1.01
C TYR B 234 40.60 -1.37 -0.29
N PRO B 235 41.07 -0.14 -0.44
CA PRO B 235 41.75 0.24 -1.68
C PRO B 235 43.08 -0.48 -1.84
N SER B 236 43.45 -0.70 -3.10
CA SER B 236 44.68 -1.41 -3.45
C SER B 236 44.69 -2.85 -2.93
N TYR B 237 43.52 -3.47 -2.82
CA TYR B 237 43.41 -4.85 -2.37
C TYR B 237 42.50 -5.72 -3.22
N ILE B 238 41.56 -5.15 -3.97
CA ILE B 238 40.60 -5.91 -4.77
C ILE B 238 40.73 -5.51 -6.22
N SER B 239 40.72 -6.49 -7.11
CA SER B 239 40.75 -6.20 -8.54
C SER B 239 39.34 -5.93 -9.05
N PRO B 240 39.19 -4.94 -9.94
CA PRO B 240 37.86 -4.66 -10.50
C PRO B 240 37.33 -5.76 -11.40
N ILE B 241 38.16 -6.75 -11.74
CA ILE B 241 37.73 -7.90 -12.52
C ILE B 241 37.87 -9.22 -11.77
N GLY B 242 38.53 -9.24 -10.62
CA GLY B 242 38.77 -10.46 -9.89
C GLY B 242 37.71 -10.74 -8.84
N CYS B 243 37.85 -11.88 -8.20
CA CYS B 243 36.90 -12.31 -7.18
C CYS B 243 37.14 -11.55 -5.87
N LEU B 244 36.15 -11.61 -4.98
CA LEU B 244 36.25 -10.94 -3.70
C LEU B 244 37.06 -11.79 -2.73
N PRO B 245 38.01 -11.21 -2.00
CA PRO B 245 38.72 -11.97 -0.97
C PRO B 245 37.75 -12.51 0.09
N ALA B 246 38.02 -13.72 0.55
CA ALA B 246 37.09 -14.40 1.45
C ALA B 246 37.00 -13.70 2.81
N HIS B 247 38.09 -13.10 3.28
CA HIS B 247 38.12 -12.50 4.60
C HIS B 247 37.51 -11.10 4.65
N LEU B 248 36.91 -10.64 3.55
CA LEU B 248 36.31 -9.32 3.49
C LEU B 248 34.80 -9.38 3.23
N LEU B 249 34.18 -10.53 3.50
CA LEU B 249 32.79 -10.76 3.10
C LEU B 249 31.78 -10.50 4.20
N GLY B 250 32.21 -10.30 5.44
CA GLY B 250 31.30 -9.96 6.53
C GLY B 250 31.29 -10.94 7.68
N ASP B 251 31.63 -12.21 7.44
CA ASP B 251 31.70 -13.20 8.50
C ASP B 251 32.91 -14.09 8.24
N MET B 252 33.02 -15.18 9.01
CA MET B 252 34.20 -16.03 8.94
C MET B 252 34.29 -16.76 7.60
N TRP B 253 33.15 -17.07 6.98
CA TRP B 253 33.14 -17.88 5.77
C TRP B 253 32.56 -17.16 4.56
N GLY B 254 32.05 -15.96 4.71
CA GLY B 254 31.34 -15.32 3.61
C GLY B 254 29.95 -15.87 3.40
N ARG B 255 29.39 -16.58 4.38
CA ARG B 255 28.08 -17.18 4.23
C ARG B 255 27.00 -16.11 4.08
N PHE B 256 27.11 -15.02 4.82
CA PHE B 256 26.15 -13.92 4.75
C PHE B 256 26.90 -12.61 4.57
N TRP B 257 26.42 -11.78 3.65
CA TRP B 257 26.97 -10.45 3.43
C TRP B 257 26.23 -9.38 4.22
N THR B 258 25.57 -9.76 5.32
CA THR B 258 24.77 -8.80 6.08
C THR B 258 25.64 -7.73 6.70
N ASN B 259 26.81 -8.10 7.21
CA ASN B 259 27.70 -7.14 7.86
C ASN B 259 28.31 -6.15 6.88
N LEU B 260 28.17 -6.37 5.58
CA LEU B 260 28.64 -5.42 4.58
C LEU B 260 27.68 -4.28 4.31
N TYR B 261 26.54 -4.25 5.00
CA TYR B 261 25.55 -3.19 4.74
C TYR B 261 26.10 -1.82 5.09
N SER B 262 26.86 -1.72 6.18
CA SER B 262 27.45 -0.45 6.55
C SER B 262 28.45 0.04 5.52
N LEU B 263 29.04 -0.88 4.75
CA LEU B 263 29.99 -0.51 3.71
C LEU B 263 29.34 -0.40 2.33
N THR B 264 28.16 -0.99 2.13
CA THR B 264 27.52 -1.04 0.83
C THR B 264 26.12 -0.41 0.83
N VAL B 265 25.81 0.39 1.85
CA VAL B 265 24.46 0.98 1.92
C VAL B 265 24.28 1.94 0.75
N PRO B 266 23.19 1.83 -0.02
CA PRO B 266 23.03 2.73 -1.18
C PRO B 266 22.90 4.20 -0.82
N PHE B 267 22.05 4.53 0.15
CA PHE B 267 21.82 5.91 0.58
C PHE B 267 21.94 5.97 2.10
N GLY B 268 23.18 6.18 2.57
CA GLY B 268 23.42 6.20 4.00
C GLY B 268 22.89 7.44 4.71
N GLN B 269 22.59 8.50 3.96
CA GLN B 269 22.13 9.73 4.60
C GLN B 269 20.70 9.62 5.08
N LYS B 270 19.90 8.76 4.46
CA LYS B 270 18.52 8.55 4.87
C LYS B 270 18.46 7.73 6.15
N PRO B 271 17.37 7.84 6.91
CA PRO B 271 17.27 7.09 8.17
C PRO B 271 17.47 5.60 7.93
N ASN B 272 18.28 4.98 8.80
CA ASN B 272 18.73 3.63 8.55
C ASN B 272 17.62 2.62 8.79
N ILE B 273 17.56 1.61 7.92
CA ILE B 273 16.62 0.51 8.06
C ILE B 273 17.28 -0.65 8.79
N ASP B 274 18.39 -0.37 9.47
CA ASP B 274 19.08 -1.34 10.31
C ASP B 274 18.90 -0.85 11.74
N VAL B 275 18.02 -1.52 12.49
CA VAL B 275 17.61 -1.03 13.80
C VAL B 275 18.59 -1.46 14.88
N THR B 276 19.76 -1.96 14.48
CA THR B 276 20.77 -2.35 15.47
C THR B 276 21.09 -1.16 16.37
N ASP B 277 21.43 -0.02 15.76
CA ASP B 277 21.61 1.21 16.54
C ASP B 277 20.28 1.74 17.05
N ALA B 278 19.16 1.39 16.39
CA ALA B 278 17.85 1.90 16.81
C ALA B 278 17.34 1.19 18.06
N MET B 279 17.52 -0.14 18.15
CA MET B 279 17.15 -0.84 19.37
C MET B 279 18.02 -0.38 20.53
N VAL B 280 19.32 -0.21 20.27
CA VAL B 280 20.23 0.48 21.18
C VAL B 280 19.76 1.92 21.22
N ASP B 281 20.31 2.73 22.14
CA ASP B 281 19.88 4.10 22.38
C ASP B 281 18.49 4.11 23.02
N GLN B 282 17.67 3.12 22.68
CA GLN B 282 16.41 2.86 23.37
C GLN B 282 16.71 1.82 24.44
N ALA B 283 15.85 0.84 24.63
CA ALA B 283 16.13 -0.19 25.64
C ALA B 283 16.36 -1.54 24.99
N TRP B 284 15.27 -2.23 24.64
CA TRP B 284 15.32 -3.53 23.98
C TRP B 284 16.27 -4.55 24.60
N ASP B 285 15.70 -5.45 25.40
CA ASP B 285 16.40 -6.61 25.94
C ASP B 285 15.87 -7.86 25.25
N ALA B 286 16.42 -9.01 25.65
CA ALA B 286 15.98 -10.27 25.04
C ALA B 286 14.51 -10.52 25.30
N GLN B 287 14.01 -10.12 26.48
CA GLN B 287 12.59 -10.28 26.76
C GLN B 287 11.74 -9.40 25.86
N ARG B 288 12.21 -8.18 25.57
CA ARG B 288 11.45 -7.30 24.67
C ARG B 288 11.44 -7.84 23.25
N ILE B 289 12.58 -8.38 22.78
CA ILE B 289 12.65 -8.91 21.43
C ILE B 289 11.69 -10.08 21.26
N PHE B 290 11.71 -11.01 22.21
CA PHE B 290 10.84 -12.18 22.11
C PHE B 290 9.40 -11.86 22.48
N LYS B 291 9.17 -10.90 23.38
CA LYS B 291 7.79 -10.47 23.64
C LYS B 291 7.21 -9.77 22.42
N GLU B 292 8.02 -8.95 21.75
CA GLU B 292 7.53 -8.26 20.56
C GLU B 292 7.32 -9.24 19.42
N ALA B 293 8.20 -10.23 19.28
CA ALA B 293 7.98 -11.27 18.28
C ALA B 293 6.74 -12.10 18.62
N GLU B 294 6.52 -12.36 19.91
CA GLU B 294 5.31 -13.09 20.32
C GLU B 294 4.06 -12.30 19.97
N LYS B 295 4.09 -10.97 20.14
CA LYS B 295 2.95 -10.15 19.77
C LYS B 295 2.66 -10.25 18.28
N PHE B 296 3.68 -10.49 17.46
CA PHE B 296 3.49 -10.63 16.02
C PHE B 296 2.68 -11.87 15.70
N PHE B 297 3.04 -13.01 16.31
CA PHE B 297 2.33 -14.25 16.04
C PHE B 297 0.91 -14.20 16.58
N VAL B 298 0.69 -13.49 17.69
CA VAL B 298 -0.67 -13.36 18.23
C VAL B 298 -1.54 -12.51 17.31
N SER B 299 -0.94 -11.54 16.62
CA SER B 299 -1.70 -10.67 15.74
C SER B 299 -2.28 -11.40 14.53
N VAL B 300 -1.70 -12.55 14.16
CA VAL B 300 -2.17 -13.31 13.01
C VAL B 300 -3.11 -14.45 13.41
N GLY B 301 -3.33 -14.66 14.70
CA GLY B 301 -4.21 -15.69 15.18
C GLY B 301 -3.52 -16.85 15.87
N LEU B 302 -2.20 -16.94 15.77
CA LEU B 302 -1.47 -18.02 16.42
C LEU B 302 -1.47 -17.79 17.94
N PRO B 303 -1.33 -18.86 18.72
CA PRO B 303 -1.38 -18.70 20.18
C PRO B 303 -0.12 -18.06 20.70
N HIS B 304 -0.17 -17.70 21.99
CA HIS B 304 0.98 -17.12 22.68
C HIS B 304 2.05 -18.19 22.86
N MET B 305 3.03 -17.89 23.70
CA MET B 305 4.06 -18.84 24.08
C MET B 305 3.77 -19.37 25.47
N THR B 306 4.04 -20.65 25.68
CA THR B 306 3.79 -21.27 26.98
C THR B 306 4.63 -20.59 28.06
N GLN B 307 4.17 -20.71 29.31
CA GLN B 307 4.95 -20.17 30.41
C GLN B 307 6.26 -20.92 30.58
N GLY B 308 6.28 -22.23 30.32
CA GLY B 308 7.52 -22.96 30.33
C GLY B 308 8.52 -22.43 29.31
N PHE B 309 8.01 -21.83 28.22
CA PHE B 309 8.91 -21.15 27.29
C PHE B 309 9.51 -19.91 27.93
N TRP B 310 8.69 -19.06 28.54
CA TRP B 310 9.21 -17.86 29.19
C TRP B 310 9.93 -18.16 30.50
N ALA B 311 9.97 -19.43 30.92
CA ALA B 311 10.65 -19.82 32.15
C ALA B 311 11.86 -20.69 31.89
N ASN B 312 11.71 -21.76 31.13
CA ASN B 312 12.79 -22.73 30.92
C ASN B 312 13.69 -22.40 29.73
N SER B 313 13.27 -21.51 28.83
CA SER B 313 14.11 -21.19 27.69
C SER B 313 15.29 -20.33 28.13
N MET B 314 16.35 -20.38 27.32
CA MET B 314 17.57 -19.61 27.54
C MET B 314 17.66 -18.55 26.45
N LEU B 315 17.08 -17.39 26.71
CA LEU B 315 17.04 -16.32 25.72
C LEU B 315 18.25 -15.40 25.78
N THR B 316 19.12 -15.55 26.77
CA THR B 316 20.29 -14.71 26.91
C THR B 316 21.49 -15.58 27.28
N GLU B 317 22.67 -14.98 27.22
CA GLU B 317 23.86 -15.63 27.73
C GLU B 317 23.74 -15.75 29.25
N PRO B 318 23.87 -16.95 29.81
CA PRO B 318 23.63 -17.10 31.27
C PRO B 318 24.56 -16.27 32.13
N ALA B 319 25.86 -16.28 31.85
CA ALA B 319 26.86 -15.52 32.62
C ALA B 319 26.88 -15.90 34.10
N ASP B 320 26.38 -17.09 34.43
CA ASP B 320 26.39 -17.59 35.80
C ASP B 320 27.54 -18.56 36.05
N GLY B 321 28.57 -18.52 35.21
CA GLY B 321 29.68 -19.44 35.31
C GLY B 321 29.56 -20.70 34.48
N ARG B 322 28.47 -20.86 33.74
CA ARG B 322 28.26 -22.04 32.92
C ARG B 322 28.88 -21.85 31.54
N LYS B 323 29.49 -22.91 31.03
CA LYS B 323 29.84 -22.97 29.62
C LYS B 323 28.60 -23.34 28.83
N VAL B 324 28.30 -22.55 27.79
CA VAL B 324 27.04 -22.68 27.08
C VAL B 324 27.30 -22.56 25.58
N VAL B 325 26.58 -23.34 24.79
CA VAL B 325 26.61 -23.19 23.34
C VAL B 325 25.69 -22.03 22.97
N CYS B 326 26.25 -21.04 22.28
CA CYS B 326 25.49 -19.85 21.90
C CYS B 326 24.89 -19.95 20.50
N HIS B 327 24.84 -21.15 19.93
CA HIS B 327 24.22 -21.35 18.63
C HIS B 327 22.70 -21.28 18.78
N PRO B 328 22.02 -20.37 18.07
CA PRO B 328 20.56 -20.23 18.24
C PRO B 328 19.82 -21.47 17.75
N THR B 329 19.15 -22.17 18.67
CA THR B 329 18.39 -23.36 18.36
C THR B 329 17.00 -23.27 18.97
N ALA B 330 16.03 -23.87 18.28
CA ALA B 330 14.64 -23.90 18.73
C ALA B 330 14.29 -25.33 19.12
N TRP B 331 13.97 -25.52 20.40
CA TRP B 331 13.79 -26.85 20.97
C TRP B 331 12.32 -27.21 21.11
N ASP B 332 11.96 -28.40 20.64
CA ASP B 332 10.65 -29.00 20.88
C ASP B 332 10.93 -30.31 21.61
N LEU B 333 11.12 -30.21 22.93
CA LEU B 333 11.46 -31.37 23.73
C LEU B 333 10.30 -32.35 23.86
N GLY B 334 9.09 -31.96 23.47
CA GLY B 334 7.92 -32.78 23.66
C GLY B 334 7.29 -32.58 25.02
N HIS B 335 6.13 -33.21 25.20
CA HIS B 335 5.32 -33.04 26.42
C HIS B 335 4.88 -31.59 26.62
N GLY B 336 4.65 -30.88 25.52
CA GLY B 336 4.28 -29.47 25.63
C GLY B 336 5.41 -28.56 26.04
N ASP B 337 6.65 -29.04 26.03
CA ASP B 337 7.81 -28.25 26.42
C ASP B 337 8.48 -27.72 25.17
N PHE B 338 8.34 -26.42 24.93
CA PHE B 338 8.95 -25.75 23.78
C PHE B 338 9.87 -24.66 24.32
N ARG B 339 11.11 -24.66 23.85
CA ARG B 339 12.13 -23.73 24.37
C ARG B 339 12.92 -23.15 23.21
N ILE B 340 13.67 -22.09 23.52
CA ILE B 340 14.58 -21.45 22.58
C ILE B 340 15.89 -21.18 23.30
N LYS B 341 16.99 -21.72 22.78
CA LYS B 341 18.32 -21.52 23.33
C LYS B 341 19.09 -20.60 22.41
N MET B 342 19.47 -19.43 22.91
CA MET B 342 20.07 -18.40 22.07
C MET B 342 20.69 -17.29 22.92
N CYS B 343 21.97 -16.99 22.69
CA CYS B 343 22.65 -15.89 23.37
C CYS B 343 22.37 -14.61 22.60
N THR B 344 21.17 -14.07 22.81
CA THR B 344 20.70 -12.93 22.04
C THR B 344 21.51 -11.68 22.35
N LYS B 345 21.81 -10.93 21.30
CA LYS B 345 22.46 -9.63 21.42
C LYS B 345 21.52 -8.56 20.89
N VAL B 346 21.67 -7.34 21.39
CA VAL B 346 20.80 -6.24 20.97
C VAL B 346 21.18 -5.78 19.57
N THR B 347 20.81 -6.58 18.56
CA THR B 347 21.06 -6.24 17.17
C THR B 347 19.80 -6.53 16.38
N MET B 348 19.76 -6.03 15.14
CA MET B 348 18.63 -6.35 14.27
C MET B 348 18.71 -7.79 13.76
N ASP B 349 19.92 -8.30 13.56
CA ASP B 349 20.06 -9.68 13.12
C ASP B 349 19.56 -10.66 14.18
N ASP B 350 19.72 -10.33 15.46
CA ASP B 350 19.12 -11.15 16.51
C ASP B 350 17.63 -10.89 16.65
N PHE B 351 17.18 -9.69 16.27
CA PHE B 351 15.74 -9.40 16.27
C PHE B 351 15.02 -10.22 15.23
N LEU B 352 15.60 -10.37 14.04
CA LEU B 352 14.96 -11.17 13.00
C LEU B 352 15.06 -12.66 13.28
N THR B 353 16.20 -13.11 13.83
CA THR B 353 16.34 -14.53 14.16
C THR B 353 15.41 -14.94 15.29
N ALA B 354 15.08 -14.02 16.20
CA ALA B 354 14.12 -14.33 17.24
C ALA B 354 12.77 -14.69 16.64
N HIS B 355 12.39 -14.02 15.54
CA HIS B 355 11.19 -14.42 14.82
C HIS B 355 11.40 -15.76 14.11
N HIS B 356 12.62 -16.03 13.65
CA HIS B 356 12.90 -17.31 13.00
C HIS B 356 12.79 -18.45 14.00
N GLU B 357 13.45 -18.33 15.15
CA GLU B 357 13.44 -19.41 16.13
C GLU B 357 12.05 -19.60 16.72
N MET B 358 11.33 -18.50 16.97
CA MET B 358 9.95 -18.63 17.43
C MET B 358 9.05 -19.17 16.31
N GLY B 359 9.44 -18.95 15.06
CA GLY B 359 8.73 -19.58 13.96
C GLY B 359 8.81 -21.09 13.98
N HIS B 360 9.97 -21.62 14.37
CA HIS B 360 10.09 -23.06 14.55
C HIS B 360 9.15 -23.55 15.65
N ILE B 361 9.02 -22.78 16.72
CA ILE B 361 8.17 -23.20 17.83
C ILE B 361 6.70 -23.17 17.44
N GLN B 362 6.27 -22.13 16.72
CA GLN B 362 4.89 -22.07 16.27
C GLN B 362 4.58 -23.23 15.33
N TYR B 363 5.55 -23.67 14.52
CA TYR B 363 5.37 -24.86 13.72
C TYR B 363 5.25 -26.09 14.60
N ASP B 364 6.08 -26.19 15.64
CA ASP B 364 6.05 -27.36 16.52
C ASP B 364 4.76 -27.41 17.32
N MET B 365 4.27 -26.26 17.79
CA MET B 365 3.04 -26.24 18.56
C MET B 365 1.83 -26.60 17.71
N ALA B 366 1.89 -26.32 16.40
CA ALA B 366 0.73 -26.51 15.55
C ALA B 366 0.44 -27.97 15.28
N TYR B 367 1.46 -28.74 14.89
CA TYR B 367 1.27 -30.15 14.57
C TYR B 367 1.36 -31.05 15.80
N ALA B 368 1.15 -30.51 17.01
CA ALA B 368 1.22 -31.32 18.21
C ALA B 368 0.12 -32.37 18.28
N ALA B 369 -1.00 -32.15 17.58
CA ALA B 369 -2.08 -33.12 17.57
C ALA B 369 -1.77 -34.33 16.69
N GLN B 370 -0.81 -34.22 15.79
CA GLN B 370 -0.42 -35.34 14.94
C GLN B 370 0.26 -36.41 15.78
N PRO B 371 0.26 -37.66 15.30
CA PRO B 371 0.98 -38.72 16.01
C PRO B 371 2.48 -38.42 16.07
N PHE B 372 3.17 -39.18 16.92
CA PHE B 372 4.57 -38.88 17.24
C PHE B 372 5.44 -38.89 16.00
N LEU B 373 5.34 -39.95 15.19
CA LEU B 373 6.17 -40.06 14.00
C LEU B 373 5.83 -39.04 12.93
N LEU B 374 4.73 -38.31 13.08
CA LEU B 374 4.33 -37.29 12.11
C LEU B 374 4.53 -35.87 12.63
N ARG B 375 5.07 -35.72 13.85
CA ARG B 375 5.31 -34.39 14.42
C ARG B 375 6.68 -33.89 14.00
N ASN B 376 6.72 -33.31 12.80
CA ASN B 376 7.92 -32.74 12.21
C ASN B 376 7.48 -31.92 11.00
N GLY B 377 8.38 -31.08 10.51
CA GLY B 377 8.09 -30.32 9.31
C GLY B 377 7.88 -31.22 8.11
N ALA B 378 7.32 -30.62 7.05
CA ALA B 378 7.07 -31.38 5.82
C ALA B 378 8.37 -31.93 5.25
N ASN B 379 9.38 -31.07 5.10
CA ASN B 379 10.74 -31.49 4.79
C ASN B 379 11.69 -30.66 5.65
N GLU B 380 12.99 -30.80 5.42
CA GLU B 380 13.96 -30.06 6.19
C GLU B 380 13.92 -28.56 5.91
N GLY B 381 13.36 -28.15 4.78
CA GLY B 381 13.34 -26.75 4.42
C GLY B 381 12.04 -26.06 4.78
N PHE B 382 10.99 -26.82 5.06
CA PHE B 382 9.72 -26.21 5.43
C PHE B 382 9.82 -25.51 6.77
N HIS B 383 10.52 -26.12 7.73
CA HIS B 383 10.67 -25.51 9.04
C HIS B 383 11.45 -24.21 8.97
N GLU B 384 12.59 -24.25 8.27
CA GLU B 384 13.40 -23.05 8.13
C GLU B 384 12.67 -21.94 7.39
N ALA B 385 11.77 -22.31 6.47
CA ALA B 385 11.03 -21.31 5.71
C ALA B 385 9.98 -20.61 6.57
N VAL B 386 9.37 -21.32 7.51
CA VAL B 386 8.34 -20.72 8.35
C VAL B 386 8.94 -19.61 9.22
N GLY B 387 10.12 -19.85 9.78
CA GLY B 387 10.76 -18.81 10.57
C GLY B 387 11.18 -17.61 9.74
N GLU B 388 11.46 -17.83 8.45
CA GLU B 388 11.95 -16.75 7.60
C GLU B 388 10.83 -15.81 7.15
N ILE B 389 9.63 -16.35 6.89
CA ILE B 389 8.51 -15.51 6.48
C ILE B 389 8.13 -14.53 7.58
N MET B 390 8.43 -14.86 8.83
CA MET B 390 8.19 -13.92 9.93
C MET B 390 9.21 -12.80 9.90
N SER B 391 10.49 -13.13 9.72
CA SER B 391 11.53 -12.12 9.61
C SER B 391 11.37 -11.29 8.34
N LEU B 392 10.75 -11.83 7.30
CA LEU B 392 10.46 -11.04 6.12
C LEU B 392 9.46 -9.93 6.44
N SER B 393 8.39 -10.27 7.15
CA SER B 393 7.40 -9.26 7.51
C SER B 393 7.93 -8.33 8.62
N ALA B 394 8.71 -8.88 9.54
CA ALA B 394 9.18 -8.09 10.68
C ALA B 394 10.31 -7.12 10.33
N ALA B 395 10.95 -7.30 9.18
CA ALA B 395 12.05 -6.42 8.79
C ALA B 395 11.60 -5.25 7.92
N THR B 396 10.35 -5.23 7.48
CA THR B 396 9.87 -4.13 6.66
C THR B 396 9.78 -2.86 7.50
N PRO B 397 10.09 -1.70 6.92
CA PRO B 397 9.95 -0.44 7.68
C PRO B 397 8.55 -0.18 8.18
N LYS B 398 7.53 -0.67 7.46
CA LYS B 398 6.15 -0.49 7.93
C LYS B 398 5.93 -1.21 9.25
N HIS B 399 6.54 -2.39 9.41
CA HIS B 399 6.43 -3.12 10.67
C HIS B 399 7.30 -2.50 11.74
N LEU B 400 8.49 -2.00 11.36
CA LEU B 400 9.39 -1.38 12.32
C LEU B 400 8.80 -0.11 12.91
N LYS B 401 8.02 0.64 12.10
CA LYS B 401 7.37 1.83 12.63
C LYS B 401 6.31 1.48 13.65
N SER B 402 5.56 0.39 13.40
CA SER B 402 4.50 0.00 14.33
C SER B 402 5.06 -0.53 15.64
N ILE B 403 6.26 -1.10 15.61
CA ILE B 403 6.87 -1.63 16.83
C ILE B 403 7.41 -0.50 17.70
N GLY B 404 7.92 0.57 17.10
CA GLY B 404 8.52 1.66 17.83
C GLY B 404 10.00 1.83 17.61
N LEU B 405 10.61 1.07 16.71
CA LEU B 405 12.03 1.20 16.41
C LEU B 405 12.31 2.26 15.36
N LEU B 406 11.36 2.49 14.46
CA LEU B 406 11.43 3.59 13.51
C LEU B 406 10.47 4.68 13.96
N SER B 407 10.80 5.92 13.62
CA SER B 407 9.95 7.04 14.02
C SER B 407 8.58 6.93 13.36
N PRO B 408 7.51 7.32 14.06
CA PRO B 408 6.18 7.25 13.44
C PRO B 408 6.03 8.15 12.23
N ASP B 409 6.87 9.16 12.08
CA ASP B 409 6.87 10.03 10.92
C ASP B 409 7.96 9.66 9.93
N PHE B 410 8.31 8.38 9.83
CA PHE B 410 9.32 7.91 8.90
C PHE B 410 8.73 7.86 7.50
N GLN B 411 9.24 8.70 6.60
CA GLN B 411 8.76 8.72 5.23
C GLN B 411 9.43 7.60 4.44
N GLU B 412 8.62 6.78 3.78
CA GLU B 412 9.12 5.63 3.02
C GLU B 412 9.29 6.06 1.56
N ASP B 413 10.44 6.63 1.26
CA ASP B 413 10.77 7.05 -0.09
C ASP B 413 11.19 5.84 -0.94
N ASN B 414 11.36 6.07 -2.24
CA ASN B 414 11.85 5.02 -3.11
C ASN B 414 13.32 4.71 -2.86
N GLU B 415 14.05 5.59 -2.17
CA GLU B 415 15.43 5.30 -1.82
C GLU B 415 15.56 4.47 -0.55
N THR B 416 14.63 4.65 0.39
CA THR B 416 14.59 3.76 1.55
C THR B 416 14.21 2.34 1.15
N GLU B 417 13.42 2.20 0.08
CA GLU B 417 13.10 0.87 -0.43
C GLU B 417 14.34 0.18 -0.97
N ILE B 418 15.18 0.93 -1.70
CA ILE B 418 16.42 0.35 -2.22
C ILE B 418 17.39 0.03 -1.09
N ASN B 419 17.43 0.88 -0.06
CA ASN B 419 18.20 0.56 1.14
C ASN B 419 17.71 -0.72 1.78
N PHE B 420 16.39 -0.88 1.89
CA PHE B 420 15.83 -2.09 2.50
C PHE B 420 16.10 -3.32 1.63
N LEU B 421 15.89 -3.21 0.33
CA LEU B 421 16.11 -4.35 -0.56
C LEU B 421 17.58 -4.74 -0.61
N LEU B 422 18.49 -3.75 -0.54
CA LEU B 422 19.91 -4.07 -0.54
C LEU B 422 20.30 -4.84 0.72
N LYS B 423 19.75 -4.46 1.87
CA LYS B 423 20.04 -5.20 3.10
C LYS B 423 19.48 -6.62 3.04
N GLN B 424 18.28 -6.79 2.46
CA GLN B 424 17.72 -8.12 2.33
C GLN B 424 18.53 -8.98 1.37
N ALA B 425 19.02 -8.39 0.28
CA ALA B 425 19.77 -9.17 -0.70
C ALA B 425 21.12 -9.62 -0.15
N LEU B 426 21.76 -8.78 0.67
CA LEU B 426 23.04 -9.18 1.27
C LEU B 426 22.89 -10.42 2.14
N THR B 427 21.71 -10.63 2.72
CA THR B 427 21.43 -11.79 3.56
C THR B 427 20.75 -12.90 2.79
N ILE B 428 19.77 -12.57 1.94
CA ILE B 428 18.98 -13.59 1.26
C ILE B 428 19.70 -14.09 0.01
N VAL B 429 19.89 -13.21 -0.97
CA VAL B 429 20.51 -13.64 -2.23
C VAL B 429 22.02 -13.80 -2.10
N GLY B 430 22.64 -13.23 -1.07
CA GLY B 430 24.07 -13.37 -0.91
C GLY B 430 24.49 -14.76 -0.47
N THR B 431 23.61 -15.47 0.23
CA THR B 431 23.93 -16.80 0.73
C THR B 431 23.57 -17.91 -0.24
N LEU B 432 22.86 -17.60 -1.34
CA LEU B 432 22.45 -18.66 -2.26
C LEU B 432 23.63 -19.28 -3.00
N PRO B 433 24.53 -18.53 -3.63
CA PRO B 433 25.70 -19.18 -4.24
C PRO B 433 26.61 -19.84 -3.22
N PHE B 434 26.71 -19.29 -2.01
CA PHE B 434 27.51 -19.93 -0.97
C PHE B 434 26.90 -21.26 -0.56
N THR B 435 25.57 -21.29 -0.37
CA THR B 435 24.91 -22.53 0.06
C THR B 435 24.99 -23.59 -1.03
N TYR B 436 24.71 -23.22 -2.27
CA TYR B 436 24.72 -24.19 -3.36
C TYR B 436 26.12 -24.75 -3.59
N MET B 437 27.12 -23.86 -3.64
CA MET B 437 28.50 -24.30 -3.89
C MET B 437 29.01 -25.21 -2.77
N LEU B 438 28.66 -24.88 -1.52
CA LEU B 438 29.11 -25.70 -0.40
C LEU B 438 28.52 -27.10 -0.48
N GLU B 439 27.20 -27.20 -0.63
CA GLU B 439 26.56 -28.51 -0.69
C GLU B 439 26.92 -29.27 -1.96
N LYS B 440 27.19 -28.55 -3.05
CA LYS B 440 27.65 -29.22 -4.27
C LYS B 440 29.01 -29.85 -4.07
N TRP B 441 29.89 -29.19 -3.31
CA TRP B 441 31.20 -29.76 -3.04
C TRP B 441 31.09 -31.01 -2.19
N ARG B 442 30.24 -30.98 -1.15
CA ARG B 442 30.07 -32.17 -0.32
C ARG B 442 29.35 -33.27 -1.09
N TRP B 443 28.40 -32.90 -1.97
CA TRP B 443 27.74 -33.91 -2.80
C TRP B 443 28.73 -34.63 -3.68
N MET B 444 29.66 -33.89 -4.29
CA MET B 444 30.66 -34.50 -5.16
C MET B 444 31.64 -35.34 -4.35
N VAL B 445 32.02 -34.88 -3.16
CA VAL B 445 32.93 -35.65 -2.31
C VAL B 445 32.29 -36.96 -1.89
N PHE B 446 31.03 -36.90 -1.47
CA PHE B 446 30.32 -38.14 -1.10
C PHE B 446 30.12 -39.05 -2.31
N LYS B 447 29.76 -38.46 -3.46
CA LYS B 447 29.57 -39.26 -4.67
C LYS B 447 30.86 -39.86 -5.17
N GLY B 448 32.02 -39.35 -4.74
CA GLY B 448 33.29 -39.83 -5.22
C GLY B 448 33.81 -39.11 -6.44
N GLU B 449 33.37 -37.87 -6.67
CA GLU B 449 33.82 -37.10 -7.83
C GLU B 449 35.03 -36.23 -7.54
N ILE B 450 35.38 -36.04 -6.26
CA ILE B 450 36.54 -35.23 -5.89
C ILE B 450 37.55 -36.12 -5.16
N PRO B 451 38.66 -36.47 -5.78
CA PRO B 451 39.66 -37.30 -5.10
C PRO B 451 40.29 -36.56 -3.93
N LYS B 452 40.93 -37.33 -3.05
CA LYS B 452 41.53 -36.76 -1.85
C LYS B 452 42.66 -35.80 -2.17
N ASP B 453 43.40 -36.06 -3.25
CA ASP B 453 44.55 -35.23 -3.60
C ASP B 453 44.17 -33.89 -4.22
N GLN B 454 42.88 -33.60 -4.37
CA GLN B 454 42.45 -32.31 -4.91
C GLN B 454 41.14 -31.87 -4.26
N TRP B 455 41.01 -32.09 -2.95
CA TRP B 455 39.85 -31.59 -2.22
C TRP B 455 39.82 -30.07 -2.21
N MET B 456 40.91 -29.46 -1.74
CA MET B 456 40.98 -28.00 -1.68
C MET B 456 41.19 -27.38 -3.06
N LYS B 457 41.77 -28.12 -4.00
CA LYS B 457 41.92 -27.61 -5.36
C LYS B 457 40.57 -27.37 -6.01
N LYS B 458 39.67 -28.35 -5.91
CA LYS B 458 38.32 -28.20 -6.45
C LYS B 458 37.45 -27.30 -5.59
N TRP B 459 37.75 -27.18 -4.30
CA TRP B 459 36.94 -26.34 -3.42
C TRP B 459 37.03 -24.87 -3.82
N TRP B 460 38.25 -24.38 -4.07
CA TRP B 460 38.41 -22.98 -4.44
C TRP B 460 38.13 -22.71 -5.90
N GLU B 461 38.23 -23.74 -6.76
CA GLU B 461 37.77 -23.58 -8.13
C GLU B 461 36.27 -23.33 -8.18
N MET B 462 35.52 -23.94 -7.26
CA MET B 462 34.09 -23.69 -7.20
C MET B 462 33.78 -22.37 -6.50
N LYS B 463 34.57 -22.00 -5.50
CA LYS B 463 34.42 -20.69 -4.87
C LYS B 463 34.59 -19.57 -5.88
N ARG B 464 35.61 -19.69 -6.74
CA ARG B 464 35.85 -18.66 -7.75
C ARG B 464 34.78 -18.65 -8.82
N GLU B 465 34.36 -19.83 -9.30
CA GLU B 465 33.46 -19.90 -10.44
C GLU B 465 32.01 -19.65 -10.02
N ILE B 466 31.57 -20.28 -8.94
CA ILE B 466 30.17 -20.21 -8.53
C ILE B 466 29.94 -18.99 -7.66
N VAL B 467 30.65 -18.90 -6.54
CA VAL B 467 30.42 -17.82 -5.59
C VAL B 467 31.12 -16.53 -6.03
N GLY B 468 32.19 -16.64 -6.81
CA GLY B 468 32.96 -15.46 -7.15
C GLY B 468 33.80 -14.96 -6.00
N VAL B 469 34.39 -15.86 -5.23
CA VAL B 469 35.19 -15.51 -4.06
C VAL B 469 36.54 -16.22 -4.18
N VAL B 470 37.62 -15.47 -3.99
CA VAL B 470 38.97 -15.99 -4.11
C VAL B 470 39.61 -16.02 -2.72
N GLU B 471 40.45 -17.04 -2.49
CA GLU B 471 41.14 -17.15 -1.21
C GLU B 471 42.29 -16.15 -1.16
N PRO B 472 42.56 -15.56 0.02
CA PRO B 472 43.66 -14.59 0.11
C PRO B 472 45.04 -15.24 0.06
N VAL B 473 45.19 -16.45 0.59
CA VAL B 473 46.47 -17.15 0.57
C VAL B 473 46.23 -18.57 0.04
N PRO B 474 47.18 -19.15 -0.70
CA PRO B 474 46.94 -20.47 -1.29
C PRO B 474 46.90 -21.55 -0.22
N HIS B 475 46.00 -22.52 -0.42
CA HIS B 475 45.83 -23.64 0.49
C HIS B 475 46.02 -24.93 -0.30
N ASP B 476 46.88 -25.81 0.21
CA ASP B 476 47.10 -27.13 -0.38
C ASP B 476 46.10 -28.12 0.22
N GLU B 477 46.36 -29.41 0.07
CA GLU B 477 45.48 -30.44 0.61
C GLU B 477 45.61 -30.62 2.12
N THR B 478 46.50 -29.88 2.77
CA THR B 478 46.60 -29.97 4.22
C THR B 478 45.42 -29.29 4.91
N TYR B 479 44.89 -28.24 4.29
CA TYR B 479 43.74 -27.52 4.84
C TYR B 479 42.43 -28.27 4.55
N CYS B 480 41.37 -27.81 5.20
CA CYS B 480 40.01 -28.32 5.01
C CYS B 480 39.05 -27.16 5.33
N ASP B 481 39.07 -26.15 4.45
CA ASP B 481 38.26 -24.96 4.68
C ASP B 481 36.76 -25.21 4.76
N PRO B 482 36.14 -26.06 3.92
CA PRO B 482 34.71 -26.32 4.10
C PRO B 482 34.34 -26.84 5.48
N ALA B 483 35.21 -27.66 6.09
CA ALA B 483 34.94 -28.18 7.42
C ALA B 483 35.01 -27.09 8.50
N SER B 484 35.61 -25.94 8.20
CA SER B 484 35.68 -24.86 9.16
C SER B 484 34.33 -24.20 9.44
N LEU B 485 33.28 -24.62 8.75
CA LEU B 485 31.92 -24.17 9.02
C LEU B 485 31.22 -25.16 9.94
N PHE B 486 30.29 -24.65 10.76
CA PHE B 486 29.62 -25.47 11.75
C PHE B 486 28.88 -26.63 11.10
N HIS B 487 28.08 -26.35 10.07
CA HIS B 487 27.21 -27.36 9.51
C HIS B 487 27.98 -28.50 8.84
N VAL B 488 29.20 -28.22 8.37
CA VAL B 488 29.98 -29.25 7.68
C VAL B 488 30.65 -30.17 8.69
N SER B 489 31.26 -29.61 9.73
CA SER B 489 31.96 -30.41 10.72
C SER B 489 31.04 -31.00 11.78
N ASN B 490 29.76 -30.60 11.83
CA ASN B 490 28.82 -31.12 12.80
C ASN B 490 27.77 -32.03 12.17
N ASP B 491 27.99 -32.47 10.93
CA ASP B 491 27.13 -33.45 10.27
C ASP B 491 25.69 -32.94 10.13
N TYR B 492 25.55 -31.83 9.41
CA TYR B 492 24.25 -31.25 9.13
C TYR B 492 24.17 -30.95 7.63
N SER B 493 23.04 -31.31 7.02
CA SER B 493 22.81 -30.94 5.64
C SER B 493 22.70 -29.42 5.52
N PHE B 494 23.11 -28.91 4.36
CA PHE B 494 23.13 -27.48 4.12
C PHE B 494 22.21 -27.02 3.02
N ILE B 495 21.72 -27.92 2.16
CA ILE B 495 20.82 -27.54 1.09
C ILE B 495 19.47 -27.05 1.59
N ARG B 496 19.18 -27.26 2.88
CA ARG B 496 17.92 -26.80 3.44
C ARG B 496 17.80 -25.28 3.41
N TYR B 497 18.93 -24.57 3.50
CA TYR B 497 18.92 -23.12 3.48
C TYR B 497 18.69 -22.56 2.08
N TYR B 498 18.97 -23.34 1.04
CA TYR B 498 18.65 -22.92 -0.32
C TYR B 498 17.18 -23.12 -0.62
N THR B 499 16.65 -24.29 -0.27
CA THR B 499 15.25 -24.59 -0.56
C THR B 499 14.31 -23.70 0.26
N ARG B 500 14.65 -23.44 1.53
CA ARG B 500 13.82 -22.58 2.36
C ARG B 500 13.76 -21.16 1.82
N THR B 501 14.82 -20.72 1.14
CA THR B 501 14.83 -19.38 0.59
C THR B 501 13.79 -19.20 -0.50
N LEU B 502 13.66 -20.19 -1.40
CA LEU B 502 12.60 -20.12 -2.39
C LEU B 502 11.23 -20.36 -1.79
N TYR B 503 11.15 -21.19 -0.75
CA TYR B 503 9.86 -21.46 -0.11
C TYR B 503 9.31 -20.21 0.58
N GLN B 504 10.18 -19.45 1.25
CA GLN B 504 9.71 -18.35 2.08
C GLN B 504 9.04 -17.26 1.25
N PHE B 505 9.43 -17.10 0.00
CA PHE B 505 8.80 -16.10 -0.86
C PHE B 505 7.55 -16.65 -1.54
N GLN B 506 7.50 -17.96 -1.80
CA GLN B 506 6.23 -18.57 -2.23
C GLN B 506 5.20 -18.49 -1.11
N PHE B 507 5.63 -18.71 0.14
CA PHE B 507 4.73 -18.58 1.27
C PHE B 507 4.30 -17.13 1.46
N GLN B 508 5.26 -16.21 1.41
CA GLN B 508 4.95 -14.79 1.63
C GLN B 508 3.97 -14.28 0.58
N GLU B 509 4.20 -14.61 -0.69
CA GLU B 509 3.27 -14.19 -1.74
C GLU B 509 1.87 -14.76 -1.49
N ALA B 510 1.80 -16.01 -1.02
CA ALA B 510 0.50 -16.63 -0.75
C ALA B 510 -0.17 -15.97 0.45
N LEU B 511 0.60 -15.62 1.48
CA LEU B 511 0.00 -15.02 2.67
C LEU B 511 -0.40 -13.57 2.43
N CYS B 512 0.39 -12.83 1.65
CA CYS B 512 0.06 -11.44 1.38
C CYS B 512 -1.18 -11.31 0.50
N GLN B 513 -1.49 -12.33 -0.30
CA GLN B 513 -2.76 -12.35 -1.01
C GLN B 513 -3.93 -12.53 -0.06
N ALA B 514 -3.78 -13.44 0.91
CA ALA B 514 -4.81 -13.60 1.93
C ALA B 514 -4.90 -12.38 2.84
N ALA B 515 -3.80 -11.68 3.04
CA ALA B 515 -3.78 -10.45 3.84
C ALA B 515 -4.30 -9.24 3.08
N LYS B 516 -4.77 -9.43 1.84
CA LYS B 516 -5.33 -8.35 1.03
C LYS B 516 -4.32 -7.24 0.75
N HIS B 517 -3.03 -7.58 0.72
CA HIS B 517 -2.01 -6.62 0.36
C HIS B 517 -2.10 -6.29 -1.12
N GLU B 518 -1.76 -5.05 -1.47
CA GLU B 518 -1.90 -4.58 -2.83
C GLU B 518 -0.61 -4.08 -3.46
N GLY B 519 0.37 -3.67 -2.66
CA GLY B 519 1.61 -3.15 -3.21
C GLY B 519 2.59 -4.24 -3.58
N PRO B 520 3.86 -3.88 -3.71
CA PRO B 520 4.89 -4.88 -4.00
C PRO B 520 5.05 -5.85 -2.84
N LEU B 521 5.60 -7.03 -3.16
CA LEU B 521 5.71 -8.10 -2.17
C LEU B 521 6.65 -7.71 -1.02
N HIS B 522 7.67 -6.90 -1.30
CA HIS B 522 8.62 -6.55 -0.26
C HIS B 522 8.08 -5.53 0.73
N LYS B 523 6.97 -4.86 0.41
CA LYS B 523 6.34 -3.92 1.32
C LYS B 523 5.18 -4.54 2.10
N CYS B 524 5.06 -5.87 2.08
CA CYS B 524 3.94 -6.55 2.72
C CYS B 524 4.31 -6.92 4.15
N ASP B 525 3.37 -6.67 5.07
CA ASP B 525 3.50 -7.06 6.47
C ASP B 525 2.23 -7.81 6.84
N ILE B 526 2.37 -9.07 7.24
CA ILE B 526 1.23 -9.94 7.48
C ILE B 526 0.66 -9.74 8.88
N SER B 527 0.97 -8.61 9.50
CA SER B 527 0.48 -8.33 10.84
C SER B 527 -1.03 -8.08 10.81
N ASN B 528 -1.70 -8.51 11.88
CA ASN B 528 -3.14 -8.30 12.03
C ASN B 528 -3.98 -9.04 11.00
N SER B 529 -3.39 -9.97 10.26
CA SER B 529 -4.10 -10.71 9.23
C SER B 529 -4.46 -12.10 9.74
N THR B 530 -5.54 -12.17 10.54
CA THR B 530 -5.98 -13.46 11.06
C THR B 530 -6.28 -14.43 9.93
N GLU B 531 -6.62 -13.91 8.75
CA GLU B 531 -6.83 -14.75 7.59
C GLU B 531 -5.52 -15.42 7.17
N ALA B 532 -4.44 -14.65 7.13
CA ALA B 532 -3.14 -15.20 6.75
C ALA B 532 -2.63 -16.18 7.81
N GLY B 533 -2.90 -15.90 9.09
CA GLY B 533 -2.47 -16.80 10.14
C GLY B 533 -3.18 -18.14 10.10
N GLN B 534 -4.49 -18.13 9.87
CA GLN B 534 -5.23 -19.38 9.76
C GLN B 534 -4.82 -20.16 8.52
N LYS B 535 -4.48 -19.47 7.43
CA LYS B 535 -4.05 -20.16 6.23
C LYS B 535 -2.74 -20.91 6.46
N LEU B 536 -1.84 -20.32 7.26
CA LEU B 536 -0.60 -21.01 7.59
C LEU B 536 -0.82 -22.12 8.61
N PHE B 537 -1.66 -21.86 9.62
CA PHE B 537 -1.94 -22.90 10.61
C PHE B 537 -2.57 -24.12 9.97
N ASN B 538 -3.36 -23.92 8.90
CA ASN B 538 -3.94 -25.05 8.18
C ASN B 538 -2.88 -25.92 7.52
N MET B 539 -1.67 -25.39 7.32
CA MET B 539 -0.56 -26.17 6.81
C MET B 539 0.39 -26.63 7.90
N LEU B 540 0.58 -25.83 8.95
CA LEU B 540 1.44 -26.23 10.05
C LEU B 540 0.85 -27.40 10.81
N ARG B 541 -0.48 -27.48 10.89
CA ARG B 541 -1.14 -28.58 11.58
C ARG B 541 -0.87 -29.91 10.88
N LEU B 542 -0.57 -29.88 9.59
CA LEU B 542 -0.36 -31.12 8.84
C LEU B 542 0.89 -31.85 9.31
N GLY B 543 1.91 -31.10 9.73
CA GLY B 543 3.16 -31.75 10.14
C GLY B 543 3.80 -32.45 8.97
N LYS B 544 4.15 -33.71 9.18
CA LYS B 544 4.73 -34.54 8.13
C LYS B 544 3.74 -35.59 7.61
N SER B 545 2.45 -35.43 7.92
CA SER B 545 1.45 -36.39 7.46
C SER B 545 1.28 -36.30 5.94
N GLU B 546 0.99 -35.12 5.45
CA GLU B 546 0.88 -35.03 4.00
C GLU B 546 2.26 -34.77 3.40
N PRO B 547 2.50 -35.24 2.17
CA PRO B 547 3.79 -34.99 1.53
C PRO B 547 4.02 -33.49 1.36
N TRP B 548 5.30 -33.11 1.34
CA TRP B 548 5.64 -31.69 1.23
C TRP B 548 5.19 -31.11 -0.10
N THR B 549 5.18 -31.91 -1.17
CA THR B 549 4.70 -31.43 -2.46
C THR B 549 3.21 -31.10 -2.40
N LEU B 550 2.43 -31.92 -1.69
CA LEU B 550 1.02 -31.64 -1.54
C LEU B 550 0.78 -30.51 -0.54
N ALA B 551 1.52 -30.51 0.57
CA ALA B 551 1.36 -29.44 1.56
C ALA B 551 1.76 -28.10 0.97
N LEU B 552 2.81 -28.07 0.15
CA LEU B 552 3.19 -26.82 -0.51
C LEU B 552 2.12 -26.35 -1.47
N GLU B 553 1.45 -27.29 -2.15
CA GLU B 553 0.39 -26.92 -3.07
C GLU B 553 -0.85 -26.42 -2.34
N ASN B 554 -1.05 -26.84 -1.10
CA ASN B 554 -2.22 -26.42 -0.32
C ASN B 554 -2.16 -24.94 0.05
N VAL B 555 -1.00 -24.31 -0.03
CA VAL B 555 -0.83 -22.92 0.37
C VAL B 555 -0.44 -22.03 -0.80
N VAL B 556 0.54 -22.46 -1.60
CA VAL B 556 0.99 -21.67 -2.74
C VAL B 556 0.38 -22.11 -4.06
N GLY B 557 -0.18 -23.32 -4.14
CA GLY B 557 -0.74 -23.82 -5.38
C GLY B 557 0.27 -24.41 -6.34
N ALA B 558 1.46 -24.77 -5.86
CA ALA B 558 2.50 -25.35 -6.69
C ALA B 558 3.09 -26.57 -6.01
N LYS B 559 3.45 -27.56 -6.81
CA LYS B 559 4.00 -28.82 -6.32
C LYS B 559 5.51 -28.78 -6.14
N ASN B 560 6.17 -27.68 -6.49
CA ASN B 560 7.62 -27.61 -6.42
C ASN B 560 8.04 -26.18 -6.11
N MET B 561 9.31 -26.03 -5.73
CA MET B 561 9.86 -24.71 -5.45
C MET B 561 9.91 -23.87 -6.72
N ASN B 562 9.69 -22.57 -6.56
CA ASN B 562 9.65 -21.63 -7.68
C ASN B 562 10.48 -20.40 -7.34
N VAL B 563 11.20 -19.90 -8.34
CA VAL B 563 12.08 -18.75 -8.13
C VAL B 563 11.40 -17.42 -8.43
N ARG B 564 10.27 -17.44 -9.15
CA ARG B 564 9.56 -16.20 -9.48
C ARG B 564 9.24 -15.32 -8.28
N PRO B 565 8.69 -15.84 -7.16
CA PRO B 565 8.46 -14.95 -6.01
C PRO B 565 9.73 -14.33 -5.45
N LEU B 566 10.85 -15.05 -5.54
CA LEU B 566 12.12 -14.50 -5.06
C LEU B 566 12.61 -13.37 -5.96
N LEU B 567 12.45 -13.52 -7.28
CA LEU B 567 12.90 -12.46 -8.19
C LEU B 567 11.98 -11.25 -8.12
N ASN B 568 10.69 -11.45 -7.87
CA ASN B 568 9.78 -10.32 -7.75
C ASN B 568 10.05 -9.52 -6.48
N TYR B 569 10.51 -10.19 -5.42
CA TYR B 569 10.81 -9.49 -4.18
C TYR B 569 11.96 -8.50 -4.37
N PHE B 570 13.00 -8.91 -5.09
CA PHE B 570 14.18 -8.09 -5.31
C PHE B 570 14.18 -7.43 -6.69
N GLU B 571 13.01 -7.33 -7.34
CA GLU B 571 12.97 -6.73 -8.66
C GLU B 571 13.33 -5.24 -8.67
N PRO B 572 12.83 -4.40 -7.76
CA PRO B 572 13.28 -3.00 -7.75
C PRO B 572 14.77 -2.85 -7.50
N LEU B 573 15.38 -3.76 -6.75
CA LEU B 573 16.82 -3.70 -6.53
C LEU B 573 17.60 -4.21 -7.73
N PHE B 574 17.06 -5.22 -8.44
CA PHE B 574 17.77 -5.76 -9.59
C PHE B 574 17.90 -4.72 -10.70
N THR B 575 16.83 -3.97 -10.95
CA THR B 575 16.90 -2.91 -11.96
C THR B 575 17.78 -1.76 -11.48
N TRP B 576 17.87 -1.55 -10.17
CA TRP B 576 18.72 -0.48 -9.64
C TRP B 576 20.19 -0.86 -9.73
N LEU B 577 20.51 -2.14 -9.50
CA LEU B 577 21.91 -2.57 -9.57
C LEU B 577 22.45 -2.47 -10.99
N LYS B 578 21.60 -2.74 -12.00
CA LYS B 578 22.05 -2.62 -13.38
C LYS B 578 22.40 -1.17 -13.72
N ASP B 579 21.66 -0.21 -13.14
CA ASP B 579 21.97 1.20 -13.38
C ASP B 579 23.25 1.61 -12.68
N GLN B 580 23.48 1.10 -11.46
CA GLN B 580 24.68 1.47 -10.71
C GLN B 580 25.94 0.87 -11.31
N ASN B 581 25.83 -0.30 -11.94
CA ASN B 581 26.99 -0.98 -12.49
C ASN B 581 27.26 -0.61 -13.94
N LYS B 582 26.70 0.52 -14.42
CA LYS B 582 26.97 0.95 -15.79
C LYS B 582 28.44 1.33 -15.96
N ASN B 583 29.08 1.78 -14.89
CA ASN B 583 30.51 2.08 -14.89
C ASN B 583 31.32 1.05 -14.12
N SER B 584 30.73 -0.10 -13.80
CA SER B 584 31.41 -1.19 -13.11
C SER B 584 31.47 -2.40 -14.02
N PHE B 585 32.20 -3.42 -13.57
CA PHE B 585 32.32 -4.69 -14.27
C PHE B 585 31.44 -5.72 -13.59
N VAL B 586 30.44 -6.22 -14.32
CA VAL B 586 29.56 -7.26 -13.81
C VAL B 586 30.13 -8.61 -14.22
N GLY B 587 30.44 -9.45 -13.23
CA GLY B 587 31.14 -10.69 -13.45
C GLY B 587 32.50 -10.66 -12.78
N TRP B 588 33.20 -11.79 -12.88
CA TRP B 588 34.49 -11.92 -12.20
C TRP B 588 35.37 -12.89 -12.97
N SER B 589 36.68 -12.66 -12.88
CA SER B 589 37.68 -13.52 -13.48
C SER B 589 38.18 -14.50 -12.43
N THR B 590 38.25 -15.78 -12.80
CA THR B 590 38.69 -16.84 -11.90
C THR B 590 40.20 -16.97 -11.82
N ASP B 591 40.96 -15.98 -12.31
CA ASP B 591 42.42 -16.06 -12.33
C ASP B 591 43.11 -15.11 -11.37
N TRP B 592 42.48 -13.98 -11.03
CA TRP B 592 43.12 -13.04 -10.12
C TRP B 592 43.12 -13.59 -8.70
N SER B 593 44.21 -13.32 -7.98
CA SER B 593 44.36 -13.80 -6.61
C SER B 593 45.14 -12.75 -5.83
N PRO B 594 44.90 -12.64 -4.51
CA PRO B 594 45.63 -11.65 -3.71
C PRO B 594 47.06 -12.07 -3.40
N TYR B 595 47.62 -12.99 -4.20
CA TYR B 595 48.98 -13.46 -3.99
C TYR B 595 49.66 -13.80 -5.31
N ASN C 16 32.82 65.06 -23.76
CA ASN C 16 31.40 65.24 -23.51
C ASN C 16 30.75 63.92 -23.11
N LEU C 17 29.67 63.99 -22.33
CA LEU C 17 28.98 62.80 -21.89
C LEU C 17 28.15 62.23 -23.03
N CYS C 18 28.08 60.90 -23.09
CA CYS C 18 27.28 60.26 -24.11
C CYS C 18 25.79 60.40 -23.78
N PRO C 19 24.96 60.73 -24.76
CA PRO C 19 23.52 60.98 -24.48
C PRO C 19 22.72 59.70 -24.27
N PHE C 20 22.91 59.08 -23.11
CA PHE C 20 22.14 57.89 -22.77
C PHE C 20 20.71 58.23 -22.38
N GLY C 21 20.45 59.47 -21.95
CA GLY C 21 19.10 59.87 -21.62
C GLY C 21 18.18 60.01 -22.82
N GLU C 22 18.75 60.19 -24.00
CA GLU C 22 17.94 60.34 -25.21
C GLU C 22 17.31 59.02 -25.66
N VAL C 23 17.83 57.89 -25.18
CA VAL C 23 17.29 56.58 -25.55
C VAL C 23 16.52 55.94 -24.40
N PHE C 24 17.02 56.05 -23.18
CA PHE C 24 16.34 55.42 -22.04
C PHE C 24 15.15 56.26 -21.59
N ASN C 25 15.38 57.54 -21.32
CA ASN C 25 14.33 58.47 -20.93
C ASN C 25 13.55 59.03 -22.11
N ALA C 26 13.64 58.39 -23.28
CA ALA C 26 12.89 58.84 -24.44
C ALA C 26 11.39 58.71 -24.19
N THR C 27 10.62 59.68 -24.72
CA THR C 27 9.18 59.66 -24.51
C THR C 27 8.53 58.54 -25.31
N LYS C 28 8.76 58.52 -26.61
CA LYS C 28 8.18 57.51 -27.48
C LYS C 28 9.17 56.39 -27.73
N PHE C 29 8.69 55.15 -27.67
CA PHE C 29 9.49 53.97 -27.94
C PHE C 29 8.91 53.22 -29.13
N PRO C 30 9.75 52.66 -29.99
CA PRO C 30 9.26 52.05 -31.23
C PRO C 30 8.78 50.61 -31.03
N SER C 31 8.11 50.10 -32.04
CA SER C 31 7.72 48.70 -32.06
C SER C 31 8.93 47.83 -32.34
N VAL C 32 8.82 46.56 -31.97
CA VAL C 32 9.96 45.65 -32.09
C VAL C 32 10.31 45.40 -33.56
N TYR C 33 9.31 45.35 -34.44
CA TYR C 33 9.60 45.11 -35.85
C TYR C 33 10.33 46.29 -36.48
N ALA C 34 10.07 47.50 -36.02
CA ALA C 34 10.74 48.68 -36.54
C ALA C 34 11.62 49.33 -35.49
N TRP C 35 12.44 48.53 -34.83
CA TRP C 35 13.35 49.04 -33.80
C TRP C 35 14.35 50.01 -34.41
N GLU C 36 14.71 51.03 -33.65
CA GLU C 36 15.67 52.03 -34.10
C GLU C 36 17.01 51.83 -33.41
N ARG C 37 18.06 52.27 -34.09
CA ARG C 37 19.44 52.12 -33.64
C ARG C 37 20.09 53.50 -33.58
N LYS C 38 20.88 53.72 -32.55
CA LYS C 38 21.59 54.98 -32.36
C LYS C 38 23.06 54.68 -32.12
N LYS C 39 23.92 55.29 -32.93
CA LYS C 39 25.36 55.10 -32.82
C LYS C 39 25.93 56.08 -31.81
N ILE C 40 26.89 55.61 -31.03
CA ILE C 40 27.55 56.40 -30.00
C ILE C 40 29.02 56.50 -30.37
N SER C 41 29.48 57.73 -30.62
CA SER C 41 30.82 57.98 -31.16
C SER C 41 31.66 58.67 -30.08
N ASN C 42 32.37 59.76 -30.39
CA ASN C 42 33.34 60.35 -29.46
C ASN C 42 32.61 60.98 -28.29
N CYS C 43 32.63 60.30 -27.15
CA CYS C 43 32.07 60.79 -25.90
C CYS C 43 32.45 59.81 -24.80
N VAL C 44 32.52 60.31 -23.58
CA VAL C 44 32.84 59.48 -22.42
C VAL C 44 31.55 58.92 -21.84
N ALA C 45 31.57 57.64 -21.49
CA ALA C 45 30.40 56.94 -20.98
C ALA C 45 30.33 57.03 -19.46
N ASP C 46 29.13 56.76 -18.93
CA ASP C 46 28.87 56.82 -17.49
C ASP C 46 27.87 55.71 -17.15
N TYR C 47 28.39 54.50 -16.95
CA TYR C 47 27.54 53.35 -16.65
C TYR C 47 27.06 53.33 -15.20
N SER C 48 27.42 54.33 -14.41
CA SER C 48 26.90 54.44 -13.05
C SER C 48 25.41 54.75 -13.08
N VAL C 49 24.96 55.51 -14.08
CA VAL C 49 23.54 55.84 -14.24
C VAL C 49 22.73 54.58 -14.48
N LEU C 50 23.30 53.60 -15.19
CA LEU C 50 22.55 52.40 -15.57
C LEU C 50 22.42 51.38 -14.44
N TYR C 51 23.36 51.34 -13.50
CA TYR C 51 23.39 50.28 -12.51
C TYR C 51 22.71 50.64 -11.18
N ASN C 52 22.84 51.87 -10.71
CA ASN C 52 22.28 52.24 -9.41
C ASN C 52 20.84 52.74 -9.56
N SER C 53 19.99 51.84 -10.06
CA SER C 53 18.58 52.12 -10.26
C SER C 53 17.83 50.80 -10.19
N THR C 54 16.74 50.79 -9.43
CA THR C 54 15.85 49.64 -9.38
C THR C 54 14.75 49.72 -10.43
N PHE C 55 14.93 50.60 -11.42
CA PHE C 55 13.93 50.83 -12.45
C PHE C 55 13.92 49.75 -13.51
N PHE C 56 15.01 49.00 -13.67
CA PHE C 56 15.14 48.02 -14.72
C PHE C 56 14.66 46.64 -14.25
N SER C 57 14.10 45.87 -15.18
CA SER C 57 13.58 44.55 -14.89
C SER C 57 14.56 43.44 -15.19
N THR C 58 15.50 43.65 -16.12
CA THR C 58 16.45 42.60 -16.48
C THR C 58 17.89 43.05 -16.29
N PHE C 59 18.40 43.86 -17.22
CA PHE C 59 19.79 44.31 -17.22
C PHE C 59 20.74 43.10 -17.21
N LYS C 60 20.80 42.46 -18.38
CA LYS C 60 21.58 41.24 -18.58
C LYS C 60 22.65 41.53 -19.63
N CYS C 61 23.91 41.30 -19.27
CA CYS C 61 25.03 41.54 -20.17
C CYS C 61 25.57 40.24 -20.75
N TYR C 62 26.03 40.31 -21.99
CA TYR C 62 26.59 39.17 -22.71
C TYR C 62 27.93 39.58 -23.30
N GLY C 63 28.95 38.73 -23.13
CA GLY C 63 30.28 39.00 -23.62
C GLY C 63 31.09 39.97 -22.80
N VAL C 64 30.45 40.78 -21.95
CA VAL C 64 31.13 41.72 -21.08
C VAL C 64 30.40 41.71 -19.74
N SER C 65 31.08 42.19 -18.70
CA SER C 65 30.52 42.19 -17.36
C SER C 65 29.89 43.54 -17.04
N ALA C 66 28.95 43.52 -16.10
CA ALA C 66 28.20 44.72 -15.73
C ALA C 66 29.00 45.69 -14.86
N THR C 67 30.24 45.38 -14.54
CA THR C 67 31.07 46.26 -13.71
C THR C 67 32.38 46.64 -14.37
N LYS C 68 33.08 45.68 -14.98
CA LYS C 68 34.36 45.95 -15.64
C LYS C 68 34.21 46.87 -16.84
N LEU C 69 32.99 47.12 -17.31
CA LEU C 69 32.78 47.97 -18.47
C LEU C 69 33.13 49.44 -18.20
N ASN C 70 33.20 49.84 -16.92
CA ASN C 70 33.53 51.22 -16.61
C ASN C 70 34.95 51.57 -17.06
N ASP C 71 35.90 50.69 -16.80
CA ASP C 71 37.27 50.88 -17.25
C ASP C 71 37.50 50.10 -18.55
N LEU C 72 36.79 50.54 -19.59
CA LEU C 72 36.87 49.91 -20.90
C LEU C 72 36.62 50.96 -21.97
N CYS C 73 37.11 50.66 -23.17
CA CYS C 73 36.95 51.53 -24.33
C CYS C 73 36.49 50.72 -25.52
N PHE C 74 35.66 51.34 -26.37
CA PHE C 74 35.15 50.69 -27.56
C PHE C 74 35.22 51.67 -28.73
N SER C 75 35.22 51.11 -29.94
CA SER C 75 35.25 51.95 -31.14
C SER C 75 33.98 52.79 -31.25
N ASN C 76 32.82 52.16 -31.07
CA ASN C 76 31.55 52.86 -31.07
C ASN C 76 30.49 51.95 -30.45
N VAL C 77 29.47 52.57 -29.87
CA VAL C 77 28.40 51.86 -29.18
C VAL C 77 27.09 52.08 -29.94
N TYR C 78 26.32 51.01 -30.10
CA TYR C 78 25.04 51.05 -30.77
C TYR C 78 23.94 50.68 -29.78
N ALA C 79 22.91 51.52 -29.70
CA ALA C 79 21.81 51.33 -28.76
C ALA C 79 20.54 51.03 -29.55
N ASP C 80 20.00 49.82 -29.35
CA ASP C 80 18.76 49.40 -29.98
C ASP C 80 17.64 49.50 -28.95
N SER C 81 16.50 50.06 -29.36
CA SER C 81 15.36 50.26 -28.49
C SER C 81 14.08 49.81 -29.17
N PHE C 82 13.19 49.21 -28.40
CA PHE C 82 11.91 48.70 -28.89
C PHE C 82 11.05 48.33 -27.69
N VAL C 83 9.85 47.81 -27.96
CA VAL C 83 8.89 47.44 -26.92
C VAL C 83 8.32 46.06 -27.24
N VAL C 84 8.33 45.18 -26.25
CA VAL C 84 7.76 43.84 -26.36
C VAL C 84 6.96 43.55 -25.10
N LYS C 85 6.22 42.44 -25.13
CA LYS C 85 5.49 42.00 -23.95
C LYS C 85 6.46 41.41 -22.92
N GLY C 86 5.94 41.14 -21.73
CA GLY C 86 6.79 40.58 -20.67
C GLY C 86 7.38 39.25 -21.06
N ASP C 87 6.56 38.34 -21.60
CA ASP C 87 7.04 37.02 -21.97
C ASP C 87 7.99 37.05 -23.17
N ASP C 88 7.99 38.14 -23.94
CA ASP C 88 8.86 38.24 -25.10
C ASP C 88 10.25 38.79 -24.76
N VAL C 89 10.46 39.25 -23.52
CA VAL C 89 11.78 39.75 -23.13
C VAL C 89 12.81 38.63 -23.15
N ARG C 90 12.39 37.39 -22.90
CA ARG C 90 13.31 36.26 -22.89
C ARG C 90 13.92 36.00 -24.26
N GLN C 91 13.29 36.49 -25.33
CA GLN C 91 13.79 36.23 -26.67
C GLN C 91 14.86 37.22 -27.11
N ILE C 92 14.99 38.34 -26.41
CA ILE C 92 16.04 39.31 -26.71
C ILE C 92 17.34 38.85 -26.06
N ALA C 93 17.88 37.73 -26.56
CA ALA C 93 19.09 37.12 -26.02
C ALA C 93 19.70 36.27 -27.12
N PRO C 94 21.02 36.05 -27.10
CA PRO C 94 21.64 35.23 -28.14
C PRO C 94 21.15 33.79 -28.06
N GLY C 95 20.75 33.24 -29.21
CA GLY C 95 20.35 31.86 -29.28
C GLY C 95 18.89 31.58 -28.97
N GLN C 96 17.99 32.50 -29.31
CA GLN C 96 16.56 32.31 -29.09
C GLN C 96 15.87 32.10 -30.43
N THR C 97 14.72 31.42 -30.38
CA THR C 97 14.00 31.04 -31.59
C THR C 97 12.51 31.37 -31.55
N GLY C 98 12.12 32.34 -30.73
CA GLY C 98 10.73 32.74 -30.65
C GLY C 98 10.30 33.57 -31.85
N VAL C 99 9.07 34.09 -31.75
CA VAL C 99 8.54 34.93 -32.84
C VAL C 99 9.29 36.25 -32.92
N ILE C 100 9.60 36.84 -31.76
CA ILE C 100 10.30 38.11 -31.74
C ILE C 100 11.75 37.94 -32.22
N ALA C 101 12.42 36.87 -31.78
CA ALA C 101 13.81 36.68 -32.15
C ALA C 101 13.97 36.32 -33.63
N ASP C 102 13.01 35.58 -34.20
CA ASP C 102 13.15 35.12 -35.57
C ASP C 102 12.65 36.13 -36.59
N TYR C 103 11.58 36.87 -36.28
CA TYR C 103 10.94 37.74 -37.24
C TYR C 103 11.01 39.23 -36.90
N ASN C 104 11.58 39.60 -35.75
CA ASN C 104 11.56 41.00 -35.36
C ASN C 104 12.96 41.53 -35.03
N TYR C 105 13.65 40.89 -34.08
CA TYR C 105 14.95 41.37 -33.63
C TYR C 105 15.78 40.18 -33.21
N LYS C 106 16.88 39.93 -33.93
CA LYS C 106 17.76 38.81 -33.66
C LYS C 106 19.13 39.33 -33.24
N LEU C 107 19.71 38.69 -32.23
CA LEU C 107 21.06 38.97 -31.75
C LEU C 107 22.02 37.90 -32.24
N PRO C 108 23.25 38.28 -32.57
CA PRO C 108 24.22 37.29 -33.04
C PRO C 108 24.64 36.34 -31.92
N ASP C 109 25.17 35.19 -32.33
CA ASP C 109 25.66 34.22 -31.34
C ASP C 109 26.86 34.78 -30.58
N ASP C 110 27.71 35.55 -31.26
CA ASP C 110 28.85 36.21 -30.63
C ASP C 110 28.54 37.62 -30.16
N PHE C 111 27.33 37.84 -29.65
CA PHE C 111 26.93 39.17 -29.21
C PHE C 111 27.73 39.60 -27.99
N MET C 112 28.15 40.87 -27.98
CA MET C 112 28.89 41.45 -26.86
C MET C 112 28.22 42.76 -26.47
N GLY C 113 27.40 42.70 -25.41
CA GLY C 113 26.72 43.90 -24.96
C GLY C 113 25.84 43.59 -23.77
N CYS C 114 24.82 44.44 -23.57
CA CYS C 114 23.91 44.29 -22.45
C CYS C 114 22.49 44.60 -22.92
N VAL C 115 21.54 43.84 -22.39
CA VAL C 115 20.12 44.00 -22.72
C VAL C 115 19.41 44.51 -21.47
N LEU C 116 18.74 45.65 -21.59
CA LEU C 116 18.06 46.29 -20.47
C LEU C 116 16.58 46.45 -20.82
N ALA C 117 15.72 46.07 -19.88
CA ALA C 117 14.28 46.16 -20.07
C ALA C 117 13.62 46.53 -18.75
N TRP C 118 12.50 47.25 -18.85
CA TRP C 118 11.76 47.66 -17.66
C TRP C 118 10.27 47.73 -17.98
N ASN C 119 9.46 47.52 -16.96
CA ASN C 119 8.01 47.49 -17.12
C ASN C 119 7.48 48.91 -17.30
N THR C 120 6.57 49.07 -18.26
CA THR C 120 5.94 50.35 -18.57
C THR C 120 4.44 50.21 -18.69
N ARG C 121 3.82 49.59 -17.68
CA ARG C 121 2.37 49.41 -17.72
C ARG C 121 1.63 50.74 -17.60
N ASN C 122 2.18 51.69 -16.85
CA ASN C 122 1.47 52.93 -16.59
C ASN C 122 1.57 53.93 -17.74
N ILE C 123 2.49 53.75 -18.67
CA ILE C 123 2.70 54.73 -19.74
C ILE C 123 2.44 54.11 -21.10
N ASP C 124 2.62 52.80 -21.23
CA ASP C 124 2.46 52.11 -22.49
C ASP C 124 1.20 51.26 -22.57
N ALA C 125 0.40 51.22 -21.51
CA ALA C 125 -0.86 50.47 -21.52
C ALA C 125 -1.97 51.41 -21.09
N THR C 126 -2.98 51.55 -21.93
CA THR C 126 -4.14 52.39 -21.65
C THR C 126 -5.36 51.53 -21.37
N SER C 127 -6.36 52.14 -20.74
CA SER C 127 -7.55 51.39 -20.34
C SER C 127 -8.29 50.84 -21.55
N THR C 128 -8.43 51.63 -22.60
CA THR C 128 -9.11 51.18 -23.80
C THR C 128 -8.30 50.19 -24.63
N GLY C 129 -7.07 49.89 -24.22
CA GLY C 129 -6.23 48.98 -24.99
C GLY C 129 -5.28 49.70 -25.92
N ASN C 130 -3.98 49.62 -25.65
CA ASN C 130 -2.96 50.27 -26.47
C ASN C 130 -2.52 49.31 -27.56
N TYR C 131 -3.09 49.49 -28.76
CA TYR C 131 -2.77 48.66 -29.91
C TYR C 131 -1.71 49.30 -30.81
N ASN C 132 -1.02 50.33 -30.33
CA ASN C 132 0.02 50.98 -31.14
C ASN C 132 1.24 50.08 -31.30
N TYR C 133 1.70 49.46 -30.21
CA TYR C 133 2.87 48.60 -30.28
C TYR C 133 2.54 47.32 -31.03
N LYS C 134 3.30 47.05 -32.09
CA LYS C 134 3.06 45.92 -32.97
C LYS C 134 4.29 45.02 -33.02
N TYR C 135 4.18 43.94 -33.77
CA TYR C 135 5.27 43.00 -33.98
C TYR C 135 4.97 42.18 -35.24
N ARG C 136 6.02 41.65 -35.84
CA ARG C 136 5.90 40.84 -37.04
C ARG C 136 5.67 39.38 -36.64
N LEU C 137 4.59 38.80 -37.14
CA LEU C 137 4.23 37.42 -36.82
C LEU C 137 4.58 36.44 -37.91
N PHE C 138 4.55 36.85 -39.18
CA PHE C 138 4.82 35.98 -40.30
C PHE C 138 5.91 36.59 -41.17
N ARG C 139 6.85 35.75 -41.60
CA ARG C 139 7.93 36.20 -42.47
C ARG C 139 8.61 34.99 -43.10
N LYS C 140 9.05 35.17 -44.35
CA LYS C 140 9.80 34.14 -45.04
C LYS C 140 11.20 34.05 -44.44
N SER C 141 11.52 32.92 -43.83
CA SER C 141 12.80 32.66 -43.18
C SER C 141 13.04 33.59 -41.99
N ASN C 142 14.10 33.32 -41.23
CA ASN C 142 14.42 34.11 -40.05
C ASN C 142 15.32 35.29 -40.41
N LEU C 143 15.38 36.25 -39.50
CA LEU C 143 16.20 37.43 -39.69
C LEU C 143 17.64 37.13 -39.33
N LYS C 144 18.57 37.71 -40.09
CA LYS C 144 19.97 37.66 -39.74
C LYS C 144 20.20 38.53 -38.50
N PRO C 145 21.30 38.32 -37.79
CA PRO C 145 21.59 39.16 -36.62
C PRO C 145 21.64 40.63 -36.99
N PHE C 146 20.93 41.44 -36.21
CA PHE C 146 20.81 42.89 -36.38
C PHE C 146 20.07 43.31 -37.64
N GLU C 147 19.35 42.38 -38.29
CA GLU C 147 18.57 42.74 -39.46
C GLU C 147 17.27 43.42 -39.03
N ARG C 148 16.71 44.21 -39.95
CA ARG C 148 15.51 44.98 -39.67
C ARG C 148 14.60 44.92 -40.88
N ASP C 149 13.34 44.56 -40.67
CA ASP C 149 12.35 44.42 -41.72
C ASP C 149 11.12 45.24 -41.36
N ILE C 150 10.78 46.20 -42.22
CA ILE C 150 9.60 47.04 -42.03
C ILE C 150 8.57 46.85 -43.13
N SER C 151 8.70 45.80 -43.92
CA SER C 151 7.77 45.57 -45.03
C SER C 151 6.41 45.12 -44.51
N THR C 152 5.35 45.73 -45.04
CA THR C 152 3.99 45.37 -44.71
C THR C 152 3.32 44.58 -45.83
N GLU C 153 4.09 43.82 -46.58
CA GLU C 153 3.56 43.04 -47.69
C GLU C 153 2.76 41.86 -47.17
N ILE C 154 1.68 41.53 -47.88
CA ILE C 154 0.81 40.44 -47.46
C ILE C 154 1.59 39.13 -47.52
N TYR C 155 1.68 38.44 -46.40
CA TYR C 155 2.43 37.21 -46.33
C TYR C 155 1.65 36.11 -47.03
N GLN C 156 2.30 35.42 -47.97
CA GLN C 156 1.69 34.32 -48.70
C GLN C 156 2.08 33.04 -47.99
N ALA C 157 1.11 32.38 -47.37
CA ALA C 157 1.37 31.14 -46.67
C ALA C 157 1.04 29.90 -47.48
N GLY C 158 0.24 30.04 -48.54
CA GLY C 158 -0.11 28.96 -49.41
C GLY C 158 0.52 29.09 -50.78
N SER C 159 -0.10 28.42 -51.75
CA SER C 159 0.34 28.46 -53.14
C SER C 159 -0.48 29.41 -54.00
N THR C 160 -1.49 30.05 -53.42
CA THR C 160 -2.34 30.98 -54.16
C THR C 160 -1.75 32.39 -54.07
N PRO C 161 -1.65 33.12 -55.19
CA PRO C 161 -1.11 34.48 -55.13
C PRO C 161 -2.07 35.40 -54.39
N CYS C 162 -1.55 36.14 -53.42
CA CYS C 162 -2.40 37.01 -52.62
C CYS C 162 -2.99 38.15 -53.43
N ASN C 163 -2.25 38.66 -54.42
CA ASN C 163 -2.74 39.68 -55.34
C ASN C 163 -3.21 40.93 -54.60
N GLY C 164 -2.45 41.36 -53.61
CA GLY C 164 -2.78 42.57 -52.87
C GLY C 164 -3.72 42.42 -51.69
N VAL C 165 -4.79 41.67 -51.87
CA VAL C 165 -5.83 41.56 -50.85
C VAL C 165 -5.52 40.38 -49.94
N GLU C 166 -5.81 40.53 -48.65
CA GLU C 166 -5.69 39.44 -47.69
C GLU C 166 -6.91 38.52 -47.81
N GLY C 167 -6.98 37.52 -46.94
CA GLY C 167 -8.06 36.55 -47.03
C GLY C 167 -7.59 35.16 -46.62
N PHE C 168 -8.02 34.17 -47.39
CA PHE C 168 -7.64 32.79 -47.16
C PHE C 168 -6.17 32.62 -47.52
N ASN C 169 -5.37 32.16 -46.57
CA ASN C 169 -3.93 31.89 -46.72
C ASN C 169 -3.12 33.15 -46.98
N CYS C 170 -3.68 34.34 -46.75
CA CYS C 170 -3.00 35.60 -46.99
C CYS C 170 -3.27 36.49 -45.78
N TYR C 171 -2.30 36.58 -44.87
CA TYR C 171 -2.48 37.33 -43.64
C TYR C 171 -1.53 38.52 -43.61
N PHE C 172 -1.95 39.56 -42.90
CA PHE C 172 -1.11 40.74 -42.73
C PHE C 172 0.04 40.41 -41.78
N PRO C 173 1.27 40.80 -42.10
CA PRO C 173 2.40 40.33 -41.30
C PRO C 173 2.48 40.95 -39.91
N LEU C 174 1.91 42.15 -39.72
CA LEU C 174 2.01 42.87 -38.46
C LEU C 174 0.73 42.69 -37.66
N LYS C 175 0.88 42.37 -36.39
CA LYS C 175 -0.22 42.26 -35.45
C LYS C 175 0.04 43.18 -34.27
N SER C 176 -1.02 43.58 -33.58
CA SER C 176 -0.92 44.51 -32.46
C SER C 176 -0.83 43.75 -31.15
N TYR C 177 -0.01 44.26 -30.23
CA TYR C 177 0.14 43.63 -28.92
C TYR C 177 -1.15 43.71 -28.12
N GLY C 178 -1.75 44.90 -28.04
CA GLY C 178 -2.97 45.08 -27.27
C GLY C 178 -2.73 45.02 -25.78
N PHE C 179 -2.19 46.10 -25.21
CA PHE C 179 -1.79 46.14 -23.81
C PHE C 179 -2.93 46.74 -22.98
N HIS C 180 -3.60 45.89 -22.22
CA HIS C 180 -4.59 46.39 -21.27
C HIS C 180 -3.98 46.48 -19.88
N PRO C 181 -4.39 47.47 -19.08
CA PRO C 181 -3.75 47.65 -17.77
C PRO C 181 -4.06 46.55 -16.77
N THR C 182 -5.10 45.76 -17.00
CA THR C 182 -5.48 44.67 -16.12
C THR C 182 -4.79 43.35 -16.47
N ASN C 183 -3.87 43.36 -17.43
CA ASN C 183 -3.22 42.13 -17.86
C ASN C 183 -2.21 41.64 -16.81
N GLY C 184 -1.77 40.41 -16.99
CA GLY C 184 -0.70 39.88 -16.18
C GLY C 184 0.65 40.44 -16.60
N VAL C 185 1.64 40.21 -15.72
CA VAL C 185 2.98 40.76 -15.97
C VAL C 185 3.56 40.20 -17.26
N GLY C 186 3.21 38.96 -17.62
CA GLY C 186 3.66 38.39 -18.87
C GLY C 186 3.04 39.01 -20.11
N TYR C 187 1.99 39.82 -19.94
CA TYR C 187 1.33 40.50 -21.05
C TYR C 187 1.38 42.02 -20.92
N GLN C 188 2.21 42.55 -20.01
CA GLN C 188 2.34 43.99 -19.83
C GLN C 188 3.47 44.53 -20.69
N PRO C 189 3.38 45.79 -21.11
CA PRO C 189 4.41 46.36 -22.00
C PRO C 189 5.73 46.56 -21.28
N TYR C 190 6.81 46.18 -21.96
CA TYR C 190 8.16 46.35 -21.46
C TYR C 190 9.00 47.04 -22.52
N ARG C 191 9.65 48.14 -22.15
CA ARG C 191 10.55 48.85 -23.04
C ARG C 191 11.95 48.25 -22.90
N VAL C 192 12.56 47.89 -24.03
CA VAL C 192 13.85 47.22 -24.06
C VAL C 192 14.87 48.12 -24.73
N VAL C 193 16.08 48.17 -24.17
CA VAL C 193 17.20 48.89 -24.75
C VAL C 193 18.39 47.96 -24.81
N VAL C 194 18.83 47.63 -26.02
CA VAL C 194 19.94 46.71 -26.25
C VAL C 194 21.17 47.55 -26.62
N LEU C 195 22.20 47.49 -25.78
CA LEU C 195 23.44 48.21 -26.01
C LEU C 195 24.46 47.25 -26.64
N SER C 196 24.84 47.53 -27.88
CA SER C 196 25.80 46.72 -28.61
C SER C 196 27.17 47.38 -28.58
N PHE C 197 28.21 46.56 -28.39
CA PHE C 197 29.58 47.03 -28.33
C PHE C 197 30.34 46.55 -29.56
N GLU C 198 30.99 47.48 -30.25
CA GLU C 198 31.76 47.19 -31.45
C GLU C 198 33.20 47.67 -31.26
N LEU C 199 34.15 46.88 -31.74
CA LEU C 199 35.56 47.22 -31.64
C LEU C 199 36.17 47.39 -33.02
N THR C 205 37.03 55.46 -29.00
CA THR C 205 36.26 56.69 -29.00
C THR C 205 35.40 56.78 -27.74
N VAL C 206 34.71 55.68 -27.43
CA VAL C 206 33.85 55.61 -26.25
C VAL C 206 34.66 54.99 -25.12
N CYS C 207 34.78 55.70 -24.01
CA CYS C 207 35.48 55.20 -22.83
C CYS C 207 34.70 55.60 -21.58
N GLY C 208 35.18 55.12 -20.44
CA GLY C 208 34.55 55.42 -19.17
C GLY C 208 35.31 56.49 -18.38
N ASN D 16 -25.40 -33.46 60.17
CA ASN D 16 -23.96 -33.34 60.04
C ASN D 16 -23.58 -32.97 58.60
N LEU D 17 -22.43 -32.31 58.45
CA LEU D 17 -21.95 -31.90 57.15
C LEU D 17 -21.38 -33.09 56.39
N CYS D 18 -21.58 -33.10 55.07
CA CYS D 18 -21.05 -34.17 54.24
C CYS D 18 -19.54 -33.99 54.07
N PRO D 19 -18.76 -35.07 54.19
CA PRO D 19 -17.29 -34.96 54.13
C PRO D 19 -16.74 -34.78 52.71
N PHE D 20 -16.90 -33.57 52.18
CA PHE D 20 -16.36 -33.25 50.87
C PHE D 20 -14.84 -33.09 50.89
N GLY D 21 -14.26 -32.79 52.05
CA GLY D 21 -12.81 -32.65 52.15
C GLY D 21 -12.06 -33.96 52.02
N GLU D 22 -12.72 -35.10 52.27
CA GLU D 22 -12.04 -36.38 52.19
C GLU D 22 -11.78 -36.80 50.74
N VAL D 23 -12.48 -36.20 49.78
CA VAL D 23 -12.29 -36.51 48.38
C VAL D 23 -11.57 -35.38 47.64
N PHE D 24 -11.92 -34.13 47.94
CA PHE D 24 -11.31 -32.98 47.27
C PHE D 24 -9.94 -32.65 47.84
N ASN D 25 -9.86 -32.39 49.14
CA ASN D 25 -8.58 -32.09 49.77
C ASN D 25 -7.76 -33.34 50.07
N ALA D 26 -8.12 -34.46 49.46
CA ALA D 26 -7.43 -35.71 49.69
C ALA D 26 -5.95 -35.57 49.34
N THR D 27 -5.11 -36.28 50.09
CA THR D 27 -3.68 -36.23 49.83
C THR D 27 -3.30 -37.06 48.61
N LYS D 28 -3.64 -38.35 48.62
CA LYS D 28 -3.32 -39.26 47.53
C LYS D 28 -4.53 -39.43 46.63
N PHE D 29 -4.29 -39.39 45.32
CA PHE D 29 -5.33 -39.60 44.33
C PHE D 29 -5.02 -40.82 43.48
N PRO D 30 -6.02 -41.60 43.10
CA PRO D 30 -5.77 -42.85 42.37
C PRO D 30 -5.63 -42.59 40.88
N SER D 31 -5.17 -43.63 40.18
CA SER D 31 -5.09 -43.59 38.73
C SER D 31 -6.48 -43.69 38.11
N VAL D 32 -6.59 -43.25 36.85
CA VAL D 32 -7.89 -43.20 36.19
C VAL D 32 -8.45 -44.60 35.95
N TYR D 33 -7.58 -45.57 35.65
CA TYR D 33 -8.06 -46.92 35.42
C TYR D 33 -8.60 -47.55 36.70
N ALA D 34 -8.04 -47.17 37.85
CA ALA D 34 -8.50 -47.67 39.14
C ALA D 34 -9.13 -46.54 39.94
N TRP D 35 -10.05 -45.82 39.31
CA TRP D 35 -10.71 -44.69 39.95
C TRP D 35 -11.48 -45.15 41.19
N GLU D 36 -11.51 -44.30 42.20
CA GLU D 36 -12.14 -44.60 43.47
C GLU D 36 -13.49 -43.91 43.57
N ARG D 37 -14.40 -44.54 44.31
CA ARG D 37 -15.77 -44.05 44.48
C ARG D 37 -16.09 -43.95 45.96
N LYS D 38 -16.77 -42.87 46.34
CA LYS D 38 -17.17 -42.65 47.73
C LYS D 38 -18.66 -42.34 47.79
N LYS D 39 -19.39 -43.09 48.62
CA LYS D 39 -20.82 -42.90 48.79
C LYS D 39 -21.09 -41.84 49.84
N ILE D 40 -22.09 -41.01 49.58
CA ILE D 40 -22.51 -39.95 50.48
C ILE D 40 -23.96 -40.22 50.88
N SER D 41 -24.20 -40.42 52.16
CA SER D 41 -25.50 -40.86 52.66
C SER D 41 -26.14 -39.71 53.46
N ASN D 42 -26.68 -39.95 54.65
CA ASN D 42 -27.47 -38.97 55.38
C ASN D 42 -26.56 -37.86 55.91
N CYS D 43 -26.60 -36.70 55.26
CA CYS D 43 -25.87 -35.51 55.67
C CYS D 43 -26.35 -34.35 54.82
N VAL D 44 -26.21 -33.13 55.35
CA VAL D 44 -26.57 -31.92 54.63
C VAL D 44 -25.37 -31.45 53.83
N ALA D 45 -25.62 -31.03 52.59
CA ALA D 45 -24.55 -30.65 51.68
C ALA D 45 -24.24 -29.17 51.82
N ASP D 46 -23.04 -28.79 51.34
CA ASP D 46 -22.57 -27.41 51.43
C ASP D 46 -21.72 -27.12 50.19
N TYR D 47 -22.39 -26.79 49.10
CA TYR D 47 -21.74 -26.48 47.84
C TYR D 47 -21.16 -25.07 47.79
N SER D 48 -21.21 -24.32 48.90
CA SER D 48 -20.63 -22.98 48.90
C SER D 48 -19.12 -23.03 48.69
N VAL D 49 -18.44 -24.00 49.29
CA VAL D 49 -17.00 -24.16 49.04
C VAL D 49 -16.75 -24.61 47.60
N LEU D 50 -17.64 -25.45 47.06
CA LEU D 50 -17.41 -26.00 45.73
C LEU D 50 -17.76 -24.99 44.63
N TYR D 51 -18.70 -24.08 44.92
CA TYR D 51 -19.19 -23.13 43.93
C TYR D 51 -18.50 -21.77 44.01
N ASN D 52 -18.21 -21.29 45.22
CA ASN D 52 -17.56 -19.99 45.41
C ASN D 52 -16.05 -20.14 45.55
N SER D 53 -15.41 -20.68 44.50
CA SER D 53 -13.98 -20.89 44.54
C SER D 53 -13.40 -20.84 43.13
N THR D 54 -12.28 -20.13 42.98
CA THR D 54 -11.53 -20.08 41.73
C THR D 54 -10.46 -21.16 41.65
N PHE D 55 -10.54 -22.19 42.49
CA PHE D 55 -9.52 -23.24 42.51
C PHE D 55 -9.68 -24.23 41.36
N PHE D 56 -10.86 -24.31 40.76
CA PHE D 56 -11.14 -25.29 39.72
C PHE D 56 -10.83 -24.75 38.34
N SER D 57 -10.42 -25.65 37.45
CA SER D 57 -10.06 -25.30 36.08
C SER D 57 -11.19 -25.49 35.07
N THR D 58 -12.10 -26.43 35.33
CA THR D 58 -13.21 -26.70 34.42
C THR D 58 -14.54 -26.57 35.13
N PHE D 59 -14.93 -27.53 35.97
CA PHE D 59 -16.20 -27.51 36.68
C PHE D 59 -17.39 -27.42 35.73
N LYS D 60 -17.73 -28.54 35.08
CA LYS D 60 -18.82 -28.61 34.12
C LYS D 60 -19.89 -29.55 34.65
N CYS D 61 -21.11 -29.03 34.77
CA CYS D 61 -22.25 -29.80 35.26
C CYS D 61 -23.15 -30.18 34.09
N TYR D 62 -23.77 -31.35 34.19
CA TYR D 62 -24.67 -31.85 33.17
C TYR D 62 -25.96 -32.29 33.84
N GLY D 63 -27.10 -31.89 33.27
CA GLY D 63 -28.39 -32.20 33.84
C GLY D 63 -28.79 -31.36 35.03
N VAL D 64 -27.84 -30.69 35.69
CA VAL D 64 -28.11 -29.82 36.82
C VAL D 64 -27.24 -28.59 36.70
N SER D 65 -27.65 -27.52 37.36
CA SER D 65 -26.96 -26.24 37.34
C SER D 65 -26.12 -26.04 38.59
N ALA D 66 -25.13 -25.15 38.46
CA ALA D 66 -24.20 -24.84 39.55
C ALA D 66 -24.83 -23.98 40.64
N THR D 67 -26.11 -23.66 40.54
CA THR D 67 -26.80 -22.82 41.51
C THR D 67 -28.00 -23.50 42.14
N LYS D 68 -28.84 -24.16 41.34
CA LYS D 68 -30.00 -24.85 41.89
C LYS D 68 -29.63 -26.05 42.75
N LEU D 69 -28.37 -26.49 42.72
CA LEU D 69 -27.97 -27.66 43.50
C LEU D 69 -28.02 -27.41 44.99
N ASN D 70 -27.96 -26.15 45.43
CA ASN D 70 -28.04 -25.86 46.86
C ASN D 70 -29.41 -26.17 47.43
N ASP D 71 -30.47 -25.76 46.74
CA ASP D 71 -31.84 -26.04 47.17
C ASP D 71 -32.38 -27.27 46.43
N LEU D 72 -31.76 -28.41 46.72
CA LEU D 72 -32.15 -29.68 46.13
C LEU D 72 -31.81 -30.81 47.09
N CYS D 73 -32.50 -31.93 46.91
CA CYS D 73 -32.28 -33.13 47.71
C CYS D 73 -32.13 -34.33 46.79
N PHE D 74 -31.27 -35.26 47.20
CA PHE D 74 -31.01 -36.47 46.42
C PHE D 74 -30.98 -37.67 47.36
N SER D 75 -31.19 -38.85 46.78
CA SER D 75 -31.14 -40.08 47.57
C SER D 75 -29.73 -40.31 48.11
N ASN D 76 -28.72 -40.21 47.25
CA ASN D 76 -27.34 -40.33 47.66
C ASN D 76 -26.44 -39.80 46.55
N VAL D 77 -25.26 -39.32 46.94
CA VAL D 77 -24.30 -38.73 46.02
C VAL D 77 -23.06 -39.62 45.99
N TYR D 78 -22.54 -39.85 44.79
CA TYR D 78 -21.34 -40.65 44.59
C TYR D 78 -20.24 -39.78 44.00
N ALA D 79 -19.07 -39.80 44.61
CA ALA D 79 -17.94 -38.97 44.21
C ALA D 79 -16.85 -39.87 43.66
N ASP D 80 -16.55 -39.73 42.36
CA ASP D 80 -15.48 -40.45 41.71
C ASP D 80 -14.28 -39.53 41.56
N SER D 81 -13.10 -40.06 41.88
CA SER D 81 -11.87 -39.28 41.85
C SER D 81 -10.77 -40.06 41.14
N PHE D 82 -9.96 -39.36 40.37
CA PHE D 82 -8.85 -39.95 39.60
C PHE D 82 -7.98 -38.81 39.08
N VAL D 83 -6.94 -39.17 38.32
CA VAL D 83 -5.98 -38.22 37.78
C VAL D 83 -5.73 -38.54 36.31
N VAL D 84 -5.82 -37.52 35.45
CA VAL D 84 -5.54 -37.65 34.02
C VAL D 84 -4.69 -36.45 33.61
N LYS D 85 -4.20 -36.50 32.37
CA LYS D 85 -3.46 -35.36 31.84
C LYS D 85 -4.41 -34.22 31.50
N GLY D 86 -3.83 -33.06 31.16
CA GLY D 86 -4.64 -31.90 30.85
C GLY D 86 -5.55 -32.12 29.65
N ASP D 87 -5.00 -32.67 28.58
CA ASP D 87 -5.80 -32.89 27.36
C ASP D 87 -6.84 -33.99 27.54
N ASP D 88 -6.69 -34.84 28.55
CA ASP D 88 -7.66 -35.91 28.79
C ASP D 88 -8.83 -35.48 29.66
N VAL D 89 -8.79 -34.28 30.23
CA VAL D 89 -9.90 -33.81 31.05
C VAL D 89 -11.15 -33.62 30.21
N ARG D 90 -11.00 -33.30 28.92
CA ARG D 90 -12.14 -33.11 28.04
C ARG D 90 -12.94 -34.38 27.83
N GLN D 91 -12.34 -35.55 28.08
CA GLN D 91 -13.02 -36.81 27.85
C GLN D 91 -13.92 -37.24 29.01
N ILE D 92 -13.76 -36.63 30.18
CA ILE D 92 -14.61 -36.93 31.33
C ILE D 92 -15.91 -36.16 31.18
N ALA D 93 -16.72 -36.56 30.20
CA ALA D 93 -17.97 -35.88 29.89
C ALA D 93 -18.88 -36.86 29.17
N PRO D 94 -20.20 -36.69 29.28
CA PRO D 94 -21.12 -37.62 28.59
C PRO D 94 -20.97 -37.51 27.07
N GLY D 95 -20.84 -38.65 26.42
CA GLY D 95 -20.77 -38.67 24.97
C GLY D 95 -19.39 -38.49 24.39
N GLN D 96 -18.35 -38.97 25.06
CA GLN D 96 -16.98 -38.89 24.56
C GLN D 96 -16.50 -40.26 24.11
N THR D 97 -15.51 -40.25 23.21
CA THR D 97 -15.01 -41.47 22.59
C THR D 97 -13.49 -41.56 22.60
N GLY D 98 -12.83 -40.87 23.52
CA GLY D 98 -11.39 -40.94 23.62
C GLY D 98 -10.92 -42.23 24.25
N VAL D 99 -9.59 -42.29 24.48
CA VAL D 99 -9.01 -43.47 25.10
C VAL D 99 -9.43 -43.58 26.56
N ILE D 100 -9.46 -42.45 27.27
CA ILE D 100 -9.85 -42.46 28.68
C ILE D 100 -11.34 -42.78 28.82
N ALA D 101 -12.17 -42.20 27.97
CA ALA D 101 -13.62 -42.42 28.09
C ALA D 101 -14.01 -43.84 27.70
N ASP D 102 -13.32 -44.41 26.72
CA ASP D 102 -13.70 -45.73 26.22
C ASP D 102 -13.07 -46.87 27.03
N TYR D 103 -11.83 -46.69 27.51
CA TYR D 103 -11.08 -47.77 28.13
C TYR D 103 -10.78 -47.56 29.60
N ASN D 104 -11.13 -46.40 30.17
CA ASN D 104 -10.75 -46.11 31.55
C ASN D 104 -11.95 -45.69 32.40
N TYR D 105 -12.64 -44.63 32.00
CA TYR D 105 -13.76 -44.10 32.78
C TYR D 105 -14.76 -43.47 31.83
N LYS D 106 -15.96 -44.06 31.76
CA LYS D 106 -17.02 -43.57 30.89
C LYS D 106 -18.20 -43.07 31.71
N LEU D 107 -18.77 -41.94 31.28
CA LEU D 107 -19.97 -41.36 31.86
C LEU D 107 -21.17 -41.66 30.97
N PRO D 108 -22.34 -41.91 31.54
CA PRO D 108 -23.51 -42.21 30.73
C PRO D 108 -23.98 -40.99 29.94
N ASP D 109 -24.76 -41.26 28.89
CA ASP D 109 -25.33 -40.18 28.10
C ASP D 109 -26.33 -39.36 28.91
N ASP D 110 -27.08 -40.02 29.79
CA ASP D 110 -28.02 -39.35 30.68
C ASP D 110 -27.38 -39.01 32.01
N PHE D 111 -26.11 -38.61 32.01
CA PHE D 111 -25.41 -38.30 33.24
C PHE D 111 -26.00 -37.05 33.89
N MET D 112 -26.17 -37.10 35.20
CA MET D 112 -26.68 -35.98 35.97
C MET D 112 -25.72 -35.72 37.12
N GLY D 113 -24.84 -34.75 36.94
CA GLY D 113 -23.88 -34.43 37.97
C GLY D 113 -22.96 -33.32 37.52
N CYS D 114 -21.77 -33.28 38.13
CA CYS D 114 -20.78 -32.26 37.82
C CYS D 114 -19.40 -32.89 37.80
N VAL D 115 -18.57 -32.42 36.87
CA VAL D 115 -17.18 -32.88 36.74
C VAL D 115 -16.28 -31.72 37.13
N LEU D 116 -15.43 -31.93 38.12
CA LEU D 116 -14.56 -30.90 38.66
C LEU D 116 -13.11 -31.33 38.52
N ALA D 117 -12.27 -30.43 38.00
CA ALA D 117 -10.85 -30.73 37.81
C ALA D 117 -10.01 -29.48 38.08
N TRP D 118 -8.80 -29.70 38.56
CA TRP D 118 -7.87 -28.63 38.86
C TRP D 118 -6.44 -29.10 38.62
N ASN D 119 -5.56 -28.16 38.30
CA ASN D 119 -4.18 -28.50 37.98
C ASN D 119 -3.40 -28.84 39.24
N THR D 120 -2.62 -29.92 39.17
CA THR D 120 -1.79 -30.39 40.28
C THR D 120 -0.38 -30.69 39.80
N ARG D 121 0.22 -29.75 39.06
CA ARG D 121 1.57 -29.95 38.56
C ARG D 121 2.59 -29.96 39.70
N ASN D 122 2.35 -29.16 40.75
CA ASN D 122 3.33 -29.00 41.81
C ASN D 122 3.32 -30.15 42.82
N ILE D 123 2.28 -30.98 42.83
CA ILE D 123 2.17 -32.01 43.85
C ILE D 123 2.16 -33.41 43.23
N ASP D 124 1.71 -33.51 41.98
CA ASP D 124 1.60 -34.81 41.32
C ASP D 124 2.64 -35.03 40.24
N ALA D 125 3.54 -34.08 40.01
CA ALA D 125 4.59 -34.21 39.01
C ALA D 125 5.92 -33.92 39.67
N THR D 126 6.84 -34.87 39.60
CA THR D 126 8.19 -34.72 40.15
C THR D 126 9.20 -34.58 39.02
N SER D 127 10.38 -34.07 39.38
CA SER D 127 11.40 -33.81 38.38
C SER D 127 11.88 -35.09 37.70
N THR D 128 12.08 -36.15 38.48
CA THR D 128 12.52 -37.42 37.90
C THR D 128 11.40 -38.14 37.14
N GLY D 129 10.19 -37.59 37.14
CA GLY D 129 9.07 -38.22 36.48
C GLY D 129 8.23 -39.05 37.43
N ASN D 130 7.00 -38.61 37.67
CA ASN D 130 6.08 -39.32 38.55
C ASN D 130 5.31 -40.30 37.68
N TYR D 131 5.75 -41.55 37.65
CA TYR D 131 5.14 -42.60 36.85
C TYR D 131 4.12 -43.42 37.63
N ASN D 132 3.68 -42.94 38.79
CA ASN D 132 2.71 -43.68 39.59
C ASN D 132 1.35 -43.70 38.91
N TYR D 133 0.90 -42.56 38.38
CA TYR D 133 -0.39 -42.48 37.73
C TYR D 133 -0.33 -43.20 36.38
N LYS D 134 -1.20 -44.18 36.20
CA LYS D 134 -1.23 -45.02 35.01
C LYS D 134 -2.62 -44.96 34.38
N TYR D 135 -2.77 -45.66 33.27
CA TYR D 135 -4.06 -45.76 32.60
C TYR D 135 -4.05 -46.97 31.67
N ARG D 136 -5.24 -47.47 31.37
CA ARG D 136 -5.41 -48.61 30.47
C ARG D 136 -5.52 -48.12 29.04
N LEU D 137 -4.67 -48.65 28.17
CA LEU D 137 -4.65 -48.26 26.77
C LEU D 137 -5.36 -49.23 25.85
N PHE D 138 -5.34 -50.52 26.17
CA PHE D 138 -5.96 -51.55 25.34
C PHE D 138 -6.94 -52.35 26.17
N ARG D 139 -8.10 -52.64 25.59
CA ARG D 139 -9.11 -53.42 26.28
C ARG D 139 -10.13 -53.93 25.26
N LYS D 140 -10.68 -55.11 25.55
CA LYS D 140 -11.71 -55.69 24.71
C LYS D 140 -12.99 -54.89 24.85
N SER D 141 -13.41 -54.24 23.77
CA SER D 141 -14.62 -53.42 23.74
C SER D 141 -14.53 -52.21 24.68
N ASN D 142 -15.52 -51.33 24.61
CA ASN D 142 -15.55 -50.13 25.44
C ASN D 142 -16.22 -50.43 26.78
N LEU D 143 -15.98 -49.54 27.73
CA LEU D 143 -16.56 -49.69 29.07
C LEU D 143 -17.99 -49.19 29.10
N LYS D 144 -18.83 -49.89 29.86
CA LYS D 144 -20.17 -49.40 30.13
C LYS D 144 -20.10 -48.17 31.05
N PRO D 145 -21.16 -47.36 31.08
CA PRO D 145 -21.16 -46.21 31.99
C PRO D 145 -20.93 -46.62 33.44
N PHE D 146 -20.00 -45.94 34.09
CA PHE D 146 -19.61 -46.17 35.49
C PHE D 146 -18.94 -47.52 35.71
N GLU D 147 -18.51 -48.19 34.64
CA GLU D 147 -17.81 -49.46 34.80
C GLU D 147 -16.36 -49.20 35.21
N ARG D 148 -15.77 -50.22 35.85
CA ARG D 148 -14.41 -50.11 36.37
C ARG D 148 -13.67 -51.41 36.11
N ASP D 149 -12.48 -51.30 35.50
CA ASP D 149 -11.68 -52.47 35.14
C ASP D 149 -10.27 -52.27 35.68
N ILE D 150 -9.82 -53.21 36.53
CA ILE D 150 -8.47 -53.20 37.08
C ILE D 150 -7.66 -54.40 36.63
N SER D 151 -8.14 -55.12 35.62
CA SER D 151 -7.46 -56.33 35.17
C SER D 151 -6.17 -55.96 34.45
N THR D 152 -5.09 -56.68 34.77
CA THR D 152 -3.80 -56.51 34.12
C THR D 152 -3.50 -57.64 33.15
N GLU D 153 -4.54 -58.21 32.54
CA GLU D 153 -4.34 -59.31 31.61
C GLU D 153 -3.71 -58.80 30.31
N ILE D 154 -2.82 -59.62 29.75
CA ILE D 154 -2.10 -59.24 28.55
C ILE D 154 -3.07 -59.18 27.36
N TYR D 155 -3.12 -58.02 26.70
CA TYR D 155 -4.03 -57.81 25.58
C TYR D 155 -3.51 -58.52 24.33
N GLN D 156 -4.38 -59.27 23.68
CA GLN D 156 -4.03 -60.00 22.47
C GLN D 156 -4.46 -59.21 21.23
N ALA D 157 -3.53 -59.04 20.28
CA ALA D 157 -3.83 -58.34 19.04
C ALA D 157 -4.18 -59.27 17.89
N GLY D 158 -3.93 -60.57 18.00
CA GLY D 158 -4.28 -61.52 16.97
C GLY D 158 -4.01 -62.95 17.34
N SER D 159 -3.64 -63.78 16.37
CA SER D 159 -3.32 -65.19 16.61
C SER D 159 -1.86 -65.28 17.03
N THR D 160 -1.64 -65.19 18.33
CA THR D 160 -0.30 -65.16 18.93
C THR D 160 -0.24 -66.17 20.07
N PRO D 161 0.97 -66.47 20.56
CA PRO D 161 1.09 -67.36 21.73
C PRO D 161 0.71 -66.68 23.04
N CYS D 162 -0.26 -65.74 23.01
CA CYS D 162 -0.78 -64.99 24.15
C CYS D 162 0.02 -65.13 25.45
N ASN D 163 -0.08 -66.32 26.08
CA ASN D 163 0.71 -66.79 27.23
C ASN D 163 1.80 -65.85 27.76
N GLY D 164 1.44 -64.61 28.04
CA GLY D 164 2.37 -63.61 28.54
C GLY D 164 3.02 -62.81 27.44
N VAL D 165 3.56 -63.49 26.43
CA VAL D 165 4.30 -62.93 25.29
C VAL D 165 4.39 -61.42 25.32
N GLU D 166 5.19 -60.89 26.25
CA GLU D 166 5.29 -59.45 26.48
C GLU D 166 5.80 -58.73 25.25
N GLY D 167 5.07 -58.84 24.14
CA GLY D 167 5.41 -58.14 22.92
C GLY D 167 4.61 -58.63 21.73
N PHE D 168 5.26 -58.67 20.56
CA PHE D 168 4.63 -59.08 19.31
C PHE D 168 3.23 -58.50 19.17
N ASN D 169 2.23 -59.19 19.71
CA ASN D 169 0.86 -58.70 19.71
C ASN D 169 0.25 -58.76 21.11
N CYS D 170 1.07 -58.87 22.14
CA CYS D 170 0.61 -58.99 23.51
C CYS D 170 1.38 -58.02 24.40
N TYR D 171 0.75 -56.88 24.71
CA TYR D 171 1.35 -55.80 25.48
C TYR D 171 0.60 -55.64 26.79
N PHE D 172 1.29 -55.11 27.79
CA PHE D 172 0.65 -54.85 29.08
C PHE D 172 -0.32 -53.67 28.94
N PRO D 173 -1.54 -53.77 29.47
CA PRO D 173 -2.56 -52.74 29.18
C PRO D 173 -2.31 -51.42 29.89
N LEU D 174 -1.58 -51.40 31.00
CA LEU D 174 -1.43 -50.20 31.82
C LEU D 174 -0.11 -49.52 31.50
N LYS D 175 -0.19 -48.35 30.87
CA LYS D 175 0.96 -47.49 30.64
C LYS D 175 0.92 -46.35 31.65
N SER D 176 2.10 -45.83 32.00
CA SER D 176 2.22 -44.77 32.98
C SER D 176 2.21 -43.41 32.30
N TYR D 177 1.59 -42.43 32.98
CA TYR D 177 1.51 -41.08 32.43
C TYR D 177 2.90 -40.45 32.33
N GLY D 178 3.68 -40.52 33.40
CA GLY D 178 4.99 -39.92 33.40
C GLY D 178 4.94 -38.41 33.44
N PHE D 179 4.69 -37.86 34.62
CA PHE D 179 4.49 -36.41 34.78
C PHE D 179 5.80 -35.75 35.19
N HIS D 180 6.16 -34.70 34.46
CA HIS D 180 7.31 -33.84 34.76
C HIS D 180 6.84 -32.41 34.96
N PRO D 181 7.49 -31.65 35.85
CA PRO D 181 7.05 -30.28 36.10
C PRO D 181 7.27 -29.33 34.93
N THR D 182 8.13 -29.70 33.98
CA THR D 182 8.39 -28.87 32.81
C THR D 182 7.45 -29.15 31.65
N ASN D 183 6.54 -30.12 31.79
CA ASN D 183 5.61 -30.44 30.73
C ASN D 183 4.65 -29.29 30.48
N GLY D 184 4.14 -29.21 29.26
CA GLY D 184 3.13 -28.23 28.93
C GLY D 184 1.85 -28.46 29.71
N VAL D 185 0.99 -27.45 29.68
CA VAL D 185 -0.26 -27.52 30.45
C VAL D 185 -1.13 -28.67 29.97
N GLY D 186 -1.06 -29.02 28.69
CA GLY D 186 -1.79 -30.16 28.18
C GLY D 186 -1.25 -31.49 28.65
N TYR D 187 -0.02 -31.52 29.15
CA TYR D 187 0.62 -32.74 29.64
C TYR D 187 0.86 -32.70 31.15
N GLN D 188 0.21 -31.76 31.86
CA GLN D 188 0.38 -31.68 33.31
C GLN D 188 -0.73 -32.46 34.01
N PRO D 189 -0.46 -32.97 35.22
CA PRO D 189 -1.46 -33.77 35.92
C PRO D 189 -2.62 -32.91 36.42
N TYR D 190 -3.84 -33.43 36.23
CA TYR D 190 -5.05 -32.78 36.69
C TYR D 190 -5.87 -33.78 37.50
N ARG D 191 -6.24 -33.40 38.71
CA ARG D 191 -7.09 -34.23 39.56
C ARG D 191 -8.55 -33.94 39.27
N VAL D 192 -9.32 -34.99 39.01
CA VAL D 192 -10.72 -34.87 38.61
C VAL D 192 -11.60 -35.50 39.68
N VAL D 193 -12.71 -34.84 39.99
CA VAL D 193 -13.71 -35.36 40.93
C VAL D 193 -15.07 -35.26 40.25
N VAL D 194 -15.69 -36.41 40.00
CA VAL D 194 -16.98 -36.50 39.35
C VAL D 194 -18.03 -36.80 40.41
N LEU D 195 -18.97 -35.87 40.59
CA LEU D 195 -20.05 -36.01 41.57
C LEU D 195 -21.30 -36.50 40.84
N SER D 196 -21.74 -37.72 41.16
CA SER D 196 -22.92 -38.30 40.56
C SER D 196 -24.10 -38.16 41.52
N PHE D 197 -25.27 -37.82 40.97
CA PHE D 197 -26.48 -37.63 41.75
C PHE D 197 -27.47 -38.75 41.42
N GLU D 198 -27.96 -39.42 42.45
CA GLU D 198 -28.91 -40.51 42.30
C GLU D 198 -30.17 -40.21 43.10
N LEU D 199 -31.32 -40.54 42.52
CA LEU D 199 -32.60 -40.33 43.18
C LEU D 199 -33.24 -41.66 43.57
N THR D 205 -31.78 -37.97 51.38
CA THR D 205 -30.77 -38.03 52.43
C THR D 205 -29.84 -36.82 52.39
N VAL D 206 -29.36 -36.49 51.20
CA VAL D 206 -28.48 -35.34 51.00
C VAL D 206 -29.32 -34.15 50.59
N CYS D 207 -29.23 -33.07 51.36
CA CYS D 207 -29.94 -31.83 51.06
C CYS D 207 -29.02 -30.66 51.34
N GLY D 208 -29.50 -29.46 51.04
CA GLY D 208 -28.73 -28.24 51.26
C GLY D 208 -29.18 -27.48 52.50
C1 NAG E . 4.21 23.33 5.42
C2 NAG E . 5.15 24.30 6.08
C3 NAG E . 4.77 24.39 7.54
C4 NAG E . 3.32 24.84 7.68
C5 NAG E . 2.38 24.01 6.79
C6 NAG E . 0.99 24.61 6.71
C7 NAG E . 7.36 23.25 6.63
C8 NAG E . 8.83 23.43 6.40
N2 NAG E . 6.58 24.09 5.93
O3 NAG E . 5.67 25.25 8.23
O4 NAG E . 2.92 24.65 9.03
O5 NAG E . 2.87 23.88 5.44
O6 NAG E . 0.10 23.77 5.97
O7 NAG E . 6.91 22.34 7.31
C1 NAG E . 2.81 25.93 9.70
C2 NAG E . 2.70 25.74 11.22
C3 NAG E . 2.70 27.10 11.91
C4 NAG E . 3.90 27.94 11.50
C5 NAG E . 3.93 28.06 9.97
C6 NAG E . 5.15 28.80 9.47
C7 NAG E . 1.42 24.16 12.61
C8 NAG E . 2.72 23.70 13.19
N2 NAG E . 1.49 25.06 11.63
O3 NAG E . 2.66 26.91 13.31
O4 NAG E . 3.71 29.25 12.01
O5 NAG E . 3.95 26.76 9.38
O6 NAG E . 6.34 28.17 9.91
O7 NAG E . 0.35 23.71 13.00
C1 BMA E . 4.37 29.50 13.26
C2 BMA E . 4.21 31.01 13.50
C3 BMA E . 4.81 31.39 14.84
C4 BMA E . 4.25 30.51 15.97
C5 BMA E . 4.43 29.02 15.62
C6 BMA E . 3.78 28.11 16.64
O2 BMA E . 2.83 31.34 13.54
O3 BMA E . 4.59 32.76 15.14
O4 BMA E . 4.93 30.80 17.19
O5 BMA E . 3.83 28.76 14.34
O6 BMA E . 2.37 28.34 16.64
C1 NAG F . 25.05 -27.38 35.95
C2 NAG F . 23.88 -27.35 36.95
C3 NAG F . 24.37 -27.73 38.34
C4 NAG F . 25.10 -29.07 38.31
C5 NAG F . 26.24 -29.00 37.30
C6 NAG F . 26.97 -30.31 37.14
C7 NAG F . 21.99 -25.84 36.55
C8 NAG F . 21.49 -24.43 36.63
N2 NAG F . 23.25 -26.04 36.97
O3 NAG F . 23.27 -27.79 39.23
O4 NAG F . 25.61 -29.39 39.60
O5 NAG F . 25.71 -28.66 36.01
O6 NAG F . 26.32 -31.17 36.21
O7 NAG F . 21.29 -26.75 36.13
C1 NAG F . 24.91 -30.57 40.07
C2 NAG F . 25.71 -31.19 41.22
C3 NAG F . 24.98 -32.42 41.75
C4 NAG F . 23.55 -32.07 42.13
C5 NAG F . 22.84 -31.41 40.96
C6 NAG F . 21.44 -30.93 41.30
C7 NAG F . 28.12 -30.79 41.08
C8 NAG F . 29.44 -31.29 40.55
N2 NAG F . 27.06 -31.53 40.78
O3 NAG F . 25.68 -32.92 42.89
O4 NAG F . 22.85 -33.25 42.49
O5 NAG F . 23.58 -30.26 40.52
O6 NAG F . 20.50 -31.98 41.26
O7 NAG F . 28.04 -29.75 41.73
C1 NAG G . -2.92 -4.12 14.77
C2 NAG G . -1.96 -2.96 14.49
C3 NAG G . -1.69 -2.19 15.77
C4 NAG G . -3.00 -1.72 16.38
C5 NAG G . -3.94 -2.89 16.59
C6 NAG G . -5.32 -2.49 17.06
C7 NAG G . -0.34 -3.14 12.65
C8 NAG G . -1.32 -2.34 11.85
N2 NAG G . -0.72 -3.42 13.90
O3 NAG G . -0.83 -1.08 15.49
O4 NAG G . -2.72 -1.10 17.64
O5 NAG G . -4.12 -3.61 15.36
O6 NAG G . -5.94 -1.59 16.15
O7 NAG G . 0.72 -3.53 12.18
C1 NAG G . -2.86 0.34 17.53
C2 NAG G . -2.62 0.83 18.94
C3 NAG G . -2.82 2.35 19.00
C4 NAG G . -1.89 3.00 17.97
C5 NAG G . -2.05 2.35 16.59
C6 NAG G . -1.04 2.81 15.57
C7 NAG G . -4.70 -0.27 19.77
C8 NAG G . -5.23 -1.17 20.85
N2 NAG G . -3.42 0.10 19.92
O3 NAG G . -2.51 2.82 20.31
O4 NAG G . -2.18 4.38 17.80
O5 NAG G . -1.92 0.92 16.66
O6 NAG G . -1.26 2.16 14.32
O7 NAG G . -5.42 0.14 18.86
C1 BMA G . -1.56 5.30 18.71
C2 BMA G . -1.71 6.68 18.06
C3 BMA G . -1.27 7.77 19.02
C4 BMA G . -1.96 7.63 20.39
C5 BMA G . -1.74 6.21 20.95
C6 BMA G . -2.51 5.96 22.23
O2 BMA G . -3.08 6.92 17.76
O3 BMA G . -1.54 9.06 18.49
O4 BMA G . -1.46 8.58 21.30
O5 BMA G . -2.19 5.25 19.97
O6 BMA G . -2.34 4.60 22.60
ZN ZN H . -15.69 25.23 -9.14
CL CL I . -37.02 16.16 -9.54
C1 EDO J . -12.18 27.49 -25.26
O1 EDO J . -13.53 27.91 -25.45
C2 EDO J . -11.30 28.68 -24.92
O2 EDO J . -9.95 28.25 -24.73
C1 NAG K . -22.12 50.57 -12.91
C2 NAG K . -20.89 51.37 -12.48
C3 NAG K . -21.14 52.87 -12.62
C4 NAG K . -21.59 53.19 -14.04
C5 NAG K . -22.82 52.36 -14.40
C6 NAG K . -23.25 52.53 -15.83
C7 NAG K . -19.42 50.34 -10.79
C8 NAG K . -19.13 50.21 -9.33
N2 NAG K . -20.48 51.08 -11.11
O3 NAG K . -19.96 53.58 -12.30
O4 NAG K . -21.92 54.57 -14.13
O5 NAG K . -22.52 50.97 -14.23
O6 NAG K . -24.29 51.61 -16.17
O7 NAG K . -18.72 49.80 -11.64
C1 EDO L . -14.10 27.89 -14.45
O1 EDO L . -14.57 26.89 -15.37
C2 EDO L . -14.55 27.53 -13.05
O2 EDO L . -15.98 27.46 -13.02
C1 EDO M . -17.52 25.63 -26.31
O1 EDO M . -17.47 26.89 -25.62
C2 EDO M . -17.79 25.86 -27.78
O2 EDO M . -16.76 26.69 -28.33
C1 EDO N . -17.74 29.49 -18.18
O1 EDO N . -17.26 28.69 -19.27
C2 EDO N . -18.35 28.60 -17.10
O2 EDO N . -17.32 27.79 -16.49
C1 EDO O . -21.33 24.36 -14.79
O1 EDO O . -21.90 25.68 -14.88
C2 EDO O . -19.92 24.46 -14.21
O2 EDO O . -19.97 24.96 -12.87
NA NA P . -32.98 20.37 7.95
ZN ZN Q . 16.22 -22.32 12.16
CL CL R . 34.93 -21.18 3.56
C1 EDO S . 32.62 -4.40 7.98
O1 EDO S . 31.43 -4.06 8.70
C2 EDO S . 32.44 -5.77 7.34
O2 EDO S . 33.57 -6.06 6.49
C1 EDO T . -6.29 -19.17 14.71
O1 EDO T . -6.17 -18.21 13.65
C2 EDO T . -5.15 -20.18 14.60
O2 EDO T . -5.29 -21.17 15.62
C1 EDO U . 24.80 0.65 9.11
O1 EDO U . 24.34 0.09 10.35
C2 EDO U . 25.10 2.13 9.30
O2 EDO U . 25.43 2.71 8.03
C1 NAG V . 17.32 -53.30 7.18
C2 NAG V . 16.55 -53.54 5.88
C3 NAG V . 16.06 -54.98 5.82
C4 NAG V . 17.21 -55.95 6.05
C5 NAG V . 17.94 -55.61 7.34
C6 NAG V . 19.17 -56.47 7.57
C7 NAG V . 15.24 -51.87 4.64
C8 NAG V . 14.05 -50.97 4.68
N2 NAG V . 15.45 -52.60 5.74
O3 NAG V . 15.46 -55.23 4.55
O4 NAG V . 16.71 -57.28 6.12
O5 NAG V . 18.38 -54.24 7.30
O6 NAG V . 19.59 -56.40 8.93
O7 NAG V . 15.98 -51.94 3.67
C1 NAG W . -9.55 -27.63 51.72
C2 NAG W . -11.06 -27.39 51.70
C3 NAG W . -11.35 -25.90 51.61
C4 NAG W . -10.63 -25.14 52.72
C5 NAG W . -9.14 -25.45 52.69
C6 NAG W . -8.38 -24.81 53.83
C7 NAG W . -12.97 -28.45 50.59
C8 NAG W . -13.45 -29.14 49.34
N2 NAG W . -11.68 -28.09 50.60
O3 NAG W . -12.75 -25.67 51.70
O4 NAG W . -10.83 -23.73 52.54
O5 NAG W . -8.94 -26.86 52.79
O6 NAG W . -8.59 -23.40 53.88
O7 NAG W . -13.71 -28.23 51.54
#